data_4FC4
#
_entry.id   4FC4
#
_cell.length_a   176.300
_cell.length_b   101.840
_cell.length_c   205.300
_cell.angle_alpha   90.00
_cell.angle_beta   101.24
_cell.angle_gamma   90.00
#
_symmetry.space_group_name_H-M   'C 1 2 1'
#
loop_
_entity.id
_entity.type
_entity.pdbx_description
1 polymer 'Nitrite transporter NirC'
2 non-polymer 'octyl beta-D-glucopyranoside'
3 water water
#
_entity_poly.entity_id   1
_entity_poly.type   'polypeptide(L)'
_entity_poly.pdbx_seq_one_letter_code
;MFTDTINKCAANAARIARLSANNPLGFWVSSAMAGAYVGLGIILIFTLGNLLDPSVRPLVMGATFGIALTLVIIAGSELF
TGHTMFLTLGVKAGTISHGQMWAILPQTWLGNLVGSVFVALLYSWGGGSLLPVDTSIVHSVALAKTTAPATVLFFKGALC
NWLVCLAIWMAIRTEGTAKFLAIWWCLLAFIASGYEHSVANMTLFALSWFGHHSDAYTLAGIGHNLLWVTLGNTLSGVVF
MGLGYWYATPKSELEHHHHHH
;
_entity_poly.pdbx_strand_id   A,B,C,D,E,F,G,H,I,J
#
loop_
_chem_comp.id
_chem_comp.type
_chem_comp.name
_chem_comp.formula
BOG D-saccharide 'octyl beta-D-glucopyranoside' 'C14 H28 O6'
#
# COMPACT_ATOMS: atom_id res chain seq x y z
N MET A 1 5.26 -11.50 22.10
CA MET A 1 4.55 -11.24 20.84
C MET A 1 3.89 -12.54 20.37
N PHE A 2 3.03 -12.48 19.34
CA PHE A 2 2.63 -13.71 18.65
C PHE A 2 3.73 -14.10 17.60
N THR A 3 3.58 -15.27 16.95
CA THR A 3 4.43 -15.66 15.87
C THR A 3 4.19 -14.67 14.68
N ASP A 4 5.23 -14.47 13.86
CA ASP A 4 5.11 -13.64 12.66
C ASP A 4 3.93 -14.13 11.83
N THR A 5 3.73 -15.44 11.79
CA THR A 5 2.78 -15.95 10.78
C THR A 5 1.36 -15.71 11.28
N ILE A 6 1.17 -15.93 12.58
CA ILE A 6 -0.11 -15.63 13.21
C ILE A 6 -0.43 -14.12 13.10
N ASN A 7 0.48 -13.24 13.55
CA ASN A 7 0.33 -11.78 13.34
C ASN A 7 0.02 -11.40 11.86
N LYS A 8 0.64 -12.08 10.89
CA LYS A 8 0.31 -11.84 9.46
C LYS A 8 -1.12 -12.24 9.05
N CYS A 9 -1.57 -13.42 9.48
CA CYS A 9 -2.93 -13.89 9.30
C CYS A 9 -3.93 -12.91 9.88
N ALA A 10 -3.59 -12.41 11.06
CA ALA A 10 -4.48 -11.55 11.75
C ALA A 10 -4.53 -10.14 11.10
N ALA A 11 -3.39 -9.62 10.62
CA ALA A 11 -3.37 -8.38 9.81
C ALA A 11 -4.23 -8.62 8.59
N ASN A 12 -4.15 -9.80 8.03
CA ASN A 12 -4.91 -10.11 6.84
C ASN A 12 -6.44 -10.11 7.10
N ALA A 13 -6.85 -10.69 8.23
CA ALA A 13 -8.24 -10.63 8.68
C ALA A 13 -8.72 -9.15 8.80
N ALA A 14 -7.92 -8.28 9.43
CA ALA A 14 -8.30 -6.84 9.61
C ALA A 14 -8.46 -6.13 8.23
N ARG A 15 -7.66 -6.58 7.28
CA ARG A 15 -7.65 -5.96 5.95
C ARG A 15 -8.91 -6.47 5.21
N ILE A 16 -9.27 -7.75 5.43
CA ILE A 16 -10.54 -8.27 4.93
C ILE A 16 -11.80 -7.49 5.42
N ALA A 17 -11.81 -7.17 6.71
CA ALA A 17 -12.94 -6.51 7.37
C ALA A 17 -13.12 -5.12 6.75
N ARG A 18 -11.99 -4.47 6.48
CA ARG A 18 -11.99 -3.14 6.02
C ARG A 18 -12.48 -3.12 4.56
N LEU A 19 -12.01 -4.10 3.79
CA LEU A 19 -12.41 -4.18 2.40
C LEU A 19 -13.95 -4.38 2.34
N SER A 20 -14.43 -5.26 3.21
CA SER A 20 -15.84 -5.63 3.29
C SER A 20 -16.65 -4.40 3.65
N ALA A 21 -16.17 -3.64 4.61
CA ALA A 21 -16.93 -2.54 5.20
C ALA A 21 -16.82 -1.24 4.41
N ASN A 22 -15.67 -0.94 3.81
CA ASN A 22 -15.46 0.36 3.14
C ASN A 22 -15.51 0.23 1.64
N ASN A 23 -15.27 -0.97 1.13
CA ASN A 23 -15.20 -1.11 -0.31
C ASN A 23 -15.94 -2.36 -0.86
N PRO A 24 -17.27 -2.46 -0.59
CA PRO A 24 -18.16 -3.54 -1.09
C PRO A 24 -17.86 -3.96 -2.53
N LEU A 25 -17.82 -3.02 -3.45
CA LEU A 25 -17.42 -3.28 -4.84
C LEU A 25 -16.08 -4.04 -4.95
N GLY A 26 -15.04 -3.55 -4.26
CA GLY A 26 -13.74 -4.21 -4.28
C GLY A 26 -13.78 -5.66 -3.77
N PHE A 27 -14.52 -5.82 -2.68
CA PHE A 27 -14.75 -7.10 -2.06
C PHE A 27 -15.38 -8.12 -3.04
N TRP A 28 -16.49 -7.71 -3.64
CA TRP A 28 -17.22 -8.52 -4.60
C TRP A 28 -16.41 -8.80 -5.84
N VAL A 29 -15.65 -7.82 -6.33
CA VAL A 29 -14.74 -8.09 -7.44
C VAL A 29 -13.71 -9.16 -7.02
N SER A 30 -13.07 -8.91 -5.90
CA SER A 30 -11.94 -9.66 -5.49
C SER A 30 -12.36 -11.05 -5.05
N SER A 31 -13.55 -11.19 -4.47
CA SER A 31 -14.13 -12.57 -4.29
C SER A 31 -14.54 -13.28 -5.61
N ALA A 32 -15.14 -12.56 -6.54
CA ALA A 32 -15.46 -13.12 -7.87
C ALA A 32 -14.20 -13.71 -8.59
N MET A 33 -13.14 -12.94 -8.66
CA MET A 33 -11.84 -13.41 -9.15
C MET A 33 -11.41 -14.76 -8.55
N ALA A 34 -11.51 -14.96 -7.24
CA ALA A 34 -11.03 -16.19 -6.70
C ALA A 34 -11.81 -17.39 -7.23
N GLY A 35 -13.13 -17.23 -7.29
CA GLY A 35 -13.99 -18.26 -7.86
C GLY A 35 -13.66 -18.53 -9.32
N ALA A 36 -13.42 -17.48 -10.09
CA ALA A 36 -13.06 -17.66 -11.50
C ALA A 36 -11.72 -18.38 -11.59
N TYR A 37 -10.78 -17.99 -10.72
CA TYR A 37 -9.42 -18.54 -10.79
C TYR A 37 -9.42 -20.01 -10.43
N VAL A 38 -10.09 -20.37 -9.32
CA VAL A 38 -10.17 -21.78 -9.03
C VAL A 38 -10.87 -22.51 -10.23
N GLY A 39 -11.91 -21.88 -10.78
CA GLY A 39 -12.63 -22.43 -11.94
C GLY A 39 -11.79 -22.70 -13.16
N LEU A 40 -10.86 -21.78 -13.45
CA LEU A 40 -9.94 -21.96 -14.57
C LEU A 40 -9.11 -23.25 -14.38
N GLY A 41 -8.81 -23.61 -13.09
CA GLY A 41 -7.91 -24.73 -12.80
C GLY A 41 -8.76 -25.95 -13.07
N ILE A 42 -10.06 -25.81 -12.75
CA ILE A 42 -11.03 -26.96 -12.79
C ILE A 42 -11.32 -27.34 -14.23
N ILE A 43 -11.56 -26.34 -15.08
CA ILE A 43 -11.66 -26.61 -16.51
C ILE A 43 -10.40 -27.37 -17.00
N LEU A 44 -9.22 -26.91 -16.57
CA LEU A 44 -7.94 -27.51 -16.99
C LEU A 44 -7.89 -29.00 -16.66
N ILE A 45 -8.12 -29.31 -15.37
CA ILE A 45 -7.89 -30.67 -14.90
C ILE A 45 -8.94 -31.62 -15.50
N PHE A 46 -10.17 -31.13 -15.68
CA PHE A 46 -11.25 -31.95 -16.28
C PHE A 46 -11.02 -32.14 -17.82
N THR A 47 -10.48 -31.12 -18.50
CA THR A 47 -10.15 -31.25 -19.90
C THR A 47 -9.06 -32.35 -20.00
N LEU A 48 -8.12 -32.42 -19.04
CA LEU A 48 -7.06 -33.43 -19.17
C LEU A 48 -7.62 -34.79 -18.74
N GLY A 49 -8.29 -34.86 -17.60
CA GLY A 49 -8.81 -36.12 -17.12
C GLY A 49 -9.78 -36.79 -18.09
N ASN A 50 -10.54 -35.98 -18.84
CA ASN A 50 -11.36 -36.45 -19.96
C ASN A 50 -10.69 -37.38 -20.96
N LEU A 51 -9.39 -37.17 -21.22
CA LEU A 51 -8.75 -37.94 -22.28
C LEU A 51 -7.97 -39.11 -21.71
N LEU A 52 -7.99 -39.30 -20.42
CA LEU A 52 -7.10 -40.21 -19.76
C LEU A 52 -7.76 -41.43 -19.13
N ASP A 53 -7.04 -42.54 -19.06
CA ASP A 53 -7.56 -43.70 -18.38
C ASP A 53 -7.80 -43.35 -16.89
N PRO A 54 -8.92 -43.82 -16.31
CA PRO A 54 -9.17 -43.55 -14.87
C PRO A 54 -7.98 -43.79 -13.95
N SER A 55 -7.08 -44.71 -14.25
CA SER A 55 -6.00 -45.00 -13.32
C SER A 55 -4.87 -43.93 -13.24
N VAL A 56 -4.77 -43.06 -14.24
CA VAL A 56 -3.83 -41.96 -14.20
C VAL A 56 -4.55 -40.61 -13.94
N ARG A 57 -5.88 -40.57 -13.84
CA ARG A 57 -6.55 -39.28 -13.57
C ARG A 57 -6.13 -38.62 -12.23
N PRO A 58 -6.19 -39.36 -11.12
CA PRO A 58 -5.86 -38.66 -9.89
C PRO A 58 -4.46 -38.02 -9.88
N LEU A 59 -3.49 -38.71 -10.48
CA LEU A 59 -2.12 -38.22 -10.64
C LEU A 59 -2.07 -37.00 -11.56
N VAL A 60 -2.57 -37.12 -12.79
CA VAL A 60 -2.47 -36.00 -13.77
C VAL A 60 -3.35 -34.77 -13.39
N MET A 61 -4.58 -35.02 -13.03
CA MET A 61 -5.46 -33.98 -12.51
C MET A 61 -4.92 -33.32 -11.22
N GLY A 62 -4.40 -34.14 -10.32
CA GLY A 62 -3.74 -33.62 -9.11
C GLY A 62 -2.51 -32.80 -9.41
N ALA A 63 -1.59 -33.36 -10.21
CA ALA A 63 -0.31 -32.72 -10.58
C ALA A 63 -0.53 -31.42 -11.34
N THR A 64 -1.71 -31.23 -11.93
CA THR A 64 -1.90 -30.01 -12.81
C THR A 64 -2.93 -29.01 -12.23
N PHE A 65 -3.50 -29.29 -11.04
CA PHE A 65 -4.48 -28.40 -10.48
C PHE A 65 -3.81 -27.15 -9.77
N GLY A 66 -2.49 -27.22 -9.46
CA GLY A 66 -1.79 -26.13 -8.67
C GLY A 66 -2.06 -24.69 -9.16
N ILE A 67 -2.30 -24.50 -10.46
CA ILE A 67 -2.63 -23.19 -10.97
C ILE A 67 -3.79 -22.55 -10.19
N ALA A 68 -4.74 -23.36 -9.74
CA ALA A 68 -5.94 -22.83 -9.06
C ALA A 68 -5.55 -21.92 -7.86
N LEU A 69 -4.86 -22.47 -6.90
CA LEU A 69 -4.54 -21.66 -5.72
C LEU A 69 -3.31 -20.77 -6.04
N THR A 70 -2.55 -21.05 -7.11
CA THR A 70 -1.45 -20.20 -7.47
C THR A 70 -2.03 -18.82 -7.86
N LEU A 71 -3.05 -18.83 -8.75
CA LEU A 71 -3.72 -17.59 -9.21
C LEU A 71 -4.28 -16.89 -7.99
N VAL A 72 -4.97 -17.63 -7.12
CA VAL A 72 -5.62 -16.97 -5.96
C VAL A 72 -4.63 -16.21 -5.10
N ILE A 73 -3.48 -16.80 -4.80
CA ILE A 73 -2.52 -16.22 -3.87
C ILE A 73 -1.61 -15.26 -4.57
N ILE A 74 -1.10 -15.64 -5.76
CA ILE A 74 -0.12 -14.79 -6.44
C ILE A 74 -0.70 -13.59 -7.25
N ALA A 75 -1.72 -13.86 -8.05
CA ALA A 75 -2.45 -12.82 -8.72
C ALA A 75 -3.20 -11.91 -7.70
N GLY A 76 -3.84 -12.50 -6.68
CA GLY A 76 -4.48 -11.72 -5.62
C GLY A 76 -6.00 -11.83 -5.76
N SER A 77 -6.72 -12.24 -4.67
CA SER A 77 -8.16 -12.41 -4.65
C SER A 77 -8.67 -12.87 -3.24
N GLU A 78 -9.99 -13.06 -3.05
CA GLU A 78 -10.46 -13.43 -1.75
C GLU A 78 -11.15 -14.79 -1.82
N LEU A 79 -10.52 -15.79 -1.20
CA LEU A 79 -11.01 -17.16 -1.30
C LEU A 79 -11.68 -17.54 0.00
N PHE A 80 -12.97 -17.95 -0.03
CA PHE A 80 -13.76 -18.37 1.15
C PHE A 80 -12.91 -19.25 2.02
N THR A 81 -12.34 -20.28 1.40
CA THR A 81 -11.80 -21.41 2.19
C THR A 81 -10.57 -20.97 3.01
N GLY A 82 -9.88 -19.94 2.53
CA GLY A 82 -8.74 -19.38 3.22
C GLY A 82 -9.22 -18.40 4.28
N HIS A 83 -10.26 -17.62 3.99
CA HIS A 83 -10.89 -16.80 5.09
C HIS A 83 -11.17 -17.58 6.37
N THR A 84 -11.54 -18.86 6.26
CA THR A 84 -11.99 -19.57 7.49
C THR A 84 -10.84 -19.54 8.50
N MET A 85 -9.61 -19.54 7.96
CA MET A 85 -8.36 -19.59 8.71
C MET A 85 -7.94 -18.20 9.13
N PHE A 86 -7.80 -17.31 8.15
CA PHE A 86 -7.43 -15.92 8.44
C PHE A 86 -8.31 -15.27 9.51
N LEU A 87 -9.61 -15.37 9.30
CA LEU A 87 -10.56 -14.73 10.22
C LEU A 87 -10.54 -15.37 11.61
N THR A 88 -10.31 -16.66 11.72
CA THR A 88 -10.13 -17.26 13.09
C THR A 88 -8.94 -16.60 13.81
N LEU A 89 -7.83 -16.39 13.10
CA LEU A 89 -6.60 -15.85 13.72
C LEU A 89 -6.76 -14.39 14.10
N GLY A 90 -7.44 -13.65 13.25
CA GLY A 90 -7.94 -12.32 13.60
C GLY A 90 -8.75 -12.27 14.89
N VAL A 91 -9.64 -13.24 15.06
CA VAL A 91 -10.49 -13.20 16.20
C VAL A 91 -9.66 -13.45 17.47
N LYS A 92 -8.83 -14.48 17.42
CA LYS A 92 -8.01 -14.84 18.55
C LYS A 92 -6.99 -13.73 18.79
N ALA A 93 -6.44 -13.14 17.72
CA ALA A 93 -5.47 -12.06 17.91
C ALA A 93 -6.08 -10.73 18.33
N GLY A 94 -7.39 -10.53 18.22
CA GLY A 94 -7.99 -9.26 18.66
C GLY A 94 -8.18 -8.20 17.58
N THR A 95 -7.78 -8.54 16.35
CA THR A 95 -7.88 -7.61 15.25
C THR A 95 -9.30 -7.51 14.65
N ILE A 96 -10.13 -8.52 14.87
CA ILE A 96 -11.54 -8.53 14.42
C ILE A 96 -12.39 -9.21 15.52
N SER A 97 -13.71 -9.08 15.46
CA SER A 97 -14.58 -9.68 16.47
C SER A 97 -15.15 -10.94 15.85
N HIS A 98 -15.69 -11.84 16.67
CA HIS A 98 -16.54 -12.97 16.23
C HIS A 98 -17.58 -12.46 15.25
N GLY A 99 -18.30 -11.36 15.59
CA GLY A 99 -19.26 -10.70 14.66
C GLY A 99 -18.81 -10.41 13.20
N GLN A 100 -17.68 -9.74 13.02
CA GLN A 100 -17.16 -9.53 11.68
C GLN A 100 -16.80 -10.78 10.94
N MET A 101 -16.26 -11.74 11.65
CA MET A 101 -15.92 -13.00 11.00
C MET A 101 -17.14 -13.70 10.39
N TRP A 102 -18.22 -13.91 11.15
CA TRP A 102 -19.43 -14.57 10.65
C TRP A 102 -20.19 -13.77 9.64
N ALA A 103 -20.10 -12.44 9.70
CA ALA A 103 -20.74 -11.62 8.67
C ALA A 103 -19.97 -11.67 7.38
N ILE A 104 -18.66 -11.84 7.44
CA ILE A 104 -17.85 -11.79 6.20
C ILE A 104 -17.91 -13.11 5.44
N LEU A 105 -17.76 -14.22 6.16
CA LEU A 105 -17.68 -15.50 5.50
C LEU A 105 -18.75 -15.81 4.41
N PRO A 106 -20.05 -15.61 4.73
CA PRO A 106 -21.04 -15.83 3.67
C PRO A 106 -20.87 -14.89 2.45
N GLN A 107 -20.38 -13.66 2.66
CA GLN A 107 -20.15 -12.75 1.56
C GLN A 107 -19.04 -13.32 0.65
N THR A 108 -17.97 -13.83 1.28
CA THR A 108 -16.88 -14.43 0.52
C THR A 108 -17.38 -15.63 -0.28
N TRP A 109 -18.11 -16.52 0.37
CA TRP A 109 -18.66 -17.70 -0.29
C TRP A 109 -19.51 -17.31 -1.50
N LEU A 110 -20.41 -16.34 -1.38
CA LEU A 110 -21.21 -15.93 -2.51
C LEU A 110 -20.49 -15.30 -3.67
N GLY A 111 -19.55 -14.42 -3.38
CA GLY A 111 -18.72 -13.79 -4.42
C GLY A 111 -17.93 -14.85 -5.14
N ASN A 112 -17.36 -15.79 -4.37
CA ASN A 112 -16.75 -17.01 -4.99
C ASN A 112 -17.74 -17.77 -5.89
N LEU A 113 -19.00 -17.93 -5.44
CA LEU A 113 -20.00 -18.60 -6.25
C LEU A 113 -20.25 -17.86 -7.58
N VAL A 114 -20.38 -16.55 -7.50
CA VAL A 114 -20.51 -15.68 -8.68
C VAL A 114 -19.39 -15.85 -9.70
N GLY A 115 -18.13 -15.79 -9.29
CA GLY A 115 -17.01 -15.93 -10.17
C GLY A 115 -16.92 -17.34 -10.78
N SER A 116 -17.21 -18.35 -9.98
CA SER A 116 -17.33 -19.73 -10.47
C SER A 116 -18.40 -19.87 -11.56
N VAL A 117 -19.59 -19.30 -11.32
CA VAL A 117 -20.66 -19.41 -12.29
C VAL A 117 -20.23 -18.64 -13.53
N PHE A 118 -19.59 -17.49 -13.32
CA PHE A 118 -19.19 -16.61 -14.44
C PHE A 118 -18.21 -17.30 -15.41
N VAL A 119 -17.20 -17.99 -14.87
CA VAL A 119 -16.22 -18.68 -15.69
C VAL A 119 -16.78 -19.92 -16.41
N ALA A 120 -17.62 -20.69 -15.70
CA ALA A 120 -18.48 -21.69 -16.36
C ALA A 120 -19.29 -21.19 -17.60
N LEU A 121 -19.90 -20.02 -17.50
CA LEU A 121 -20.76 -19.52 -18.53
C LEU A 121 -19.91 -19.18 -19.75
N LEU A 122 -18.80 -18.48 -19.52
CA LEU A 122 -17.85 -18.13 -20.60
C LEU A 122 -17.41 -19.38 -21.33
N TYR A 123 -17.03 -20.42 -20.59
CA TYR A 123 -16.52 -21.67 -21.17
C TYR A 123 -17.66 -22.30 -21.99
N SER A 124 -18.88 -22.17 -21.50
CA SER A 124 -20.07 -22.72 -22.11
C SER A 124 -20.43 -21.98 -23.40
N TRP A 125 -20.44 -20.65 -23.35
CA TRP A 125 -20.47 -19.87 -24.59
C TRP A 125 -19.28 -20.08 -25.48
N GLY A 126 -18.15 -20.50 -24.91
CA GLY A 126 -16.98 -20.78 -25.71
C GLY A 126 -17.00 -22.16 -26.37
N GLY A 127 -18.21 -22.72 -26.58
CA GLY A 127 -18.37 -24.08 -27.11
C GLY A 127 -17.54 -25.17 -26.40
N GLY A 128 -17.48 -25.12 -25.07
CA GLY A 128 -16.57 -25.98 -24.32
C GLY A 128 -16.84 -27.43 -24.68
N SER A 129 -15.82 -28.20 -25.01
CA SER A 129 -15.99 -29.61 -25.41
C SER A 129 -16.39 -30.55 -24.25
N LEU A 130 -16.12 -30.17 -22.98
CA LEU A 130 -16.57 -30.99 -21.81
C LEU A 130 -18.09 -31.06 -21.58
N LEU A 131 -18.88 -30.28 -22.32
CA LEU A 131 -20.31 -30.11 -22.02
C LEU A 131 -21.34 -31.07 -22.65
N PRO A 132 -21.26 -31.40 -23.94
CA PRO A 132 -22.42 -32.04 -24.51
C PRO A 132 -22.71 -33.52 -24.18
N VAL A 133 -21.76 -34.23 -23.57
CA VAL A 133 -21.91 -35.69 -23.47
C VAL A 133 -22.12 -36.13 -22.00
N ASP A 134 -23.35 -36.53 -21.69
CA ASP A 134 -23.75 -36.63 -20.28
C ASP A 134 -23.01 -37.77 -19.58
N THR A 135 -22.25 -38.47 -20.38
CA THR A 135 -21.59 -39.61 -19.87
C THR A 135 -20.08 -39.31 -19.70
N SER A 136 -19.62 -38.15 -20.16
CA SER A 136 -18.22 -37.77 -20.07
C SER A 136 -17.95 -37.25 -18.63
N ILE A 137 -16.69 -36.94 -18.33
CA ILE A 137 -16.19 -36.74 -16.96
C ILE A 137 -16.81 -35.58 -16.14
N VAL A 138 -17.06 -34.38 -16.73
CA VAL A 138 -17.69 -33.40 -15.85
C VAL A 138 -19.06 -33.85 -15.29
N HIS A 139 -19.84 -34.58 -16.08
CA HIS A 139 -21.20 -34.88 -15.73
C HIS A 139 -21.26 -36.04 -14.81
N SER A 140 -20.42 -37.06 -15.02
CA SER A 140 -20.38 -38.23 -14.12
C SER A 140 -19.82 -37.90 -12.72
N VAL A 141 -18.68 -37.19 -12.67
CA VAL A 141 -18.11 -36.71 -11.40
C VAL A 141 -19.05 -35.73 -10.67
N ALA A 142 -19.61 -34.75 -11.42
CA ALA A 142 -20.63 -33.80 -10.88
C ALA A 142 -21.81 -34.53 -10.22
N LEU A 143 -22.39 -35.49 -10.99
CA LEU A 143 -23.48 -36.33 -10.50
C LEU A 143 -23.12 -37.12 -9.23
N ALA A 144 -22.02 -37.86 -9.28
CA ALA A 144 -21.61 -38.63 -8.12
C ALA A 144 -21.30 -37.69 -6.90
N LYS A 145 -20.75 -36.49 -7.13
CA LYS A 145 -20.57 -35.57 -5.98
C LYS A 145 -21.89 -35.12 -5.27
N THR A 146 -22.96 -34.95 -6.06
CA THR A 146 -24.26 -34.53 -5.50
C THR A 146 -25.05 -35.60 -4.75
N THR A 147 -24.76 -36.89 -4.99
CA THR A 147 -25.48 -37.95 -4.28
C THR A 147 -24.69 -38.70 -3.19
N ALA A 148 -23.48 -38.29 -2.91
CA ALA A 148 -22.62 -38.86 -1.85
C ALA A 148 -23.16 -38.56 -0.40
N PRO A 149 -22.87 -39.43 0.58
CA PRO A 149 -23.47 -39.04 1.85
C PRO A 149 -22.83 -37.83 2.58
N ALA A 150 -23.66 -37.21 3.42
CA ALA A 150 -23.35 -36.00 4.21
C ALA A 150 -22.09 -36.17 5.04
N THR A 151 -21.99 -37.26 5.77
CA THR A 151 -20.82 -37.53 6.59
C THR A 151 -19.52 -37.59 5.78
N VAL A 152 -19.60 -38.32 4.67
CA VAL A 152 -18.49 -38.52 3.73
C VAL A 152 -18.06 -37.17 3.19
N LEU A 153 -19.01 -36.41 2.62
CA LEU A 153 -18.73 -35.08 2.09
C LEU A 153 -18.13 -34.16 3.13
N PHE A 154 -18.65 -34.21 4.35
CA PHE A 154 -18.18 -33.30 5.41
C PHE A 154 -16.72 -33.62 5.70
N PHE A 155 -16.37 -34.89 5.91
CA PHE A 155 -15.00 -35.22 6.27
C PHE A 155 -14.04 -35.07 5.11
N LYS A 156 -14.51 -35.22 3.88
CA LYS A 156 -13.66 -34.92 2.74
C LYS A 156 -13.35 -33.45 2.59
N GLY A 157 -14.32 -32.61 2.92
CA GLY A 157 -14.14 -31.19 2.83
C GLY A 157 -13.24 -30.79 4.00
N ALA A 158 -13.33 -31.51 5.11
CA ALA A 158 -12.40 -31.26 6.23
C ALA A 158 -10.93 -31.51 5.78
N LEU A 159 -10.66 -32.70 5.26
CA LEU A 159 -9.34 -33.03 4.80
C LEU A 159 -8.92 -32.13 3.59
N CYS A 160 -9.80 -31.80 2.67
CA CYS A 160 -9.36 -30.87 1.59
C CYS A 160 -8.80 -29.53 2.13
N ASN A 161 -9.59 -28.86 2.95
CA ASN A 161 -9.20 -27.52 3.35
C ASN A 161 -8.09 -27.52 4.41
N TRP A 162 -7.87 -28.67 5.05
CA TRP A 162 -6.64 -28.84 5.82
C TRP A 162 -5.47 -28.59 4.84
N LEU A 163 -5.45 -29.31 3.75
CA LEU A 163 -4.39 -29.17 2.73
C LEU A 163 -4.40 -27.81 2.07
N VAL A 164 -5.59 -27.29 1.71
CA VAL A 164 -5.60 -25.99 1.05
C VAL A 164 -5.15 -24.86 1.95
N CYS A 165 -5.49 -24.94 3.21
CA CYS A 165 -4.99 -23.97 4.21
C CYS A 165 -3.48 -24.14 4.54
N LEU A 166 -3.05 -25.41 4.77
CA LEU A 166 -1.63 -25.77 4.93
C LEU A 166 -0.87 -25.12 3.75
N ALA A 167 -1.42 -25.18 2.55
CA ALA A 167 -0.77 -24.46 1.40
C ALA A 167 -0.69 -22.94 1.61
N ILE A 168 -1.81 -22.33 2.04
CA ILE A 168 -1.88 -20.92 2.36
C ILE A 168 -0.84 -20.57 3.39
N TRP A 169 -0.89 -21.34 4.47
CA TRP A 169 0.03 -21.15 5.59
C TRP A 169 1.48 -21.23 5.21
N MET A 170 1.88 -22.31 4.56
CA MET A 170 3.26 -22.48 4.07
C MET A 170 3.66 -21.38 3.04
N ALA A 171 2.75 -20.97 2.15
CA ALA A 171 3.03 -19.84 1.24
C ALA A 171 3.36 -18.55 2.03
N ILE A 172 2.66 -18.30 3.16
CA ILE A 172 2.95 -17.12 4.02
C ILE A 172 4.35 -17.30 4.56
N ARG A 173 4.77 -18.52 4.91
CA ARG A 173 6.04 -18.66 5.62
C ARG A 173 7.24 -18.80 4.70
N THR A 174 7.05 -18.59 3.38
CA THR A 174 8.10 -18.81 2.42
C THR A 174 8.11 -17.68 1.36
N GLU A 175 9.18 -17.63 0.58
CA GLU A 175 9.33 -16.62 -0.46
C GLU A 175 9.44 -17.30 -1.84
N GLY A 176 9.28 -16.51 -2.89
CA GLY A 176 9.55 -16.90 -4.25
C GLY A 176 8.84 -18.15 -4.66
N THR A 177 9.59 -18.98 -5.38
CA THR A 177 9.14 -20.28 -5.88
C THR A 177 8.68 -21.23 -4.74
N ALA A 178 9.26 -21.15 -3.56
CA ALA A 178 8.85 -22.05 -2.49
C ALA A 178 7.29 -21.99 -2.31
N LYS A 179 6.72 -20.81 -2.52
CA LYS A 179 5.28 -20.63 -2.37
C LYS A 179 4.56 -21.47 -3.39
N PHE A 180 4.95 -21.31 -4.68
CA PHE A 180 4.47 -22.17 -5.76
C PHE A 180 4.51 -23.69 -5.51
N LEU A 181 5.62 -24.18 -4.94
CA LEU A 181 5.76 -25.66 -4.65
C LEU A 181 4.94 -26.08 -3.43
N ALA A 182 4.93 -25.28 -2.37
CA ALA A 182 3.99 -25.48 -1.29
C ALA A 182 2.55 -25.74 -1.82
N ILE A 183 2.15 -24.92 -2.78
CA ILE A 183 0.75 -24.87 -3.28
C ILE A 183 0.59 -26.14 -4.10
N TRP A 184 1.60 -26.39 -4.93
CA TRP A 184 1.56 -27.47 -5.88
C TRP A 184 1.45 -28.75 -5.11
N TRP A 185 2.32 -28.97 -4.12
CA TRP A 185 2.19 -30.18 -3.25
C TRP A 185 0.81 -30.41 -2.74
N CYS A 186 0.22 -29.30 -2.24
CA CYS A 186 -1.01 -29.39 -1.49
C CYS A 186 -2.18 -29.69 -2.37
N LEU A 187 -2.18 -29.13 -3.57
CA LEU A 187 -3.33 -29.35 -4.44
C LEU A 187 -3.21 -30.74 -5.11
N LEU A 188 -1.99 -31.22 -5.42
CA LEU A 188 -1.79 -32.64 -5.79
C LEU A 188 -2.38 -33.59 -4.67
N ALA A 189 -2.01 -33.36 -3.42
CA ALA A 189 -2.48 -34.23 -2.31
C ALA A 189 -3.99 -34.17 -2.15
N PHE A 190 -4.60 -33.00 -2.30
CA PHE A 190 -6.04 -33.00 -2.08
C PHE A 190 -6.84 -33.55 -3.31
N ILE A 191 -6.51 -33.14 -4.54
CA ILE A 191 -7.24 -33.63 -5.64
C ILE A 191 -6.94 -35.11 -5.76
N ALA A 192 -5.68 -35.56 -5.65
CA ALA A 192 -5.50 -36.98 -5.92
C ALA A 192 -6.05 -37.86 -4.74
N SER A 193 -6.15 -37.33 -3.53
CA SER A 193 -6.67 -38.18 -2.45
C SER A 193 -8.21 -38.26 -2.45
N GLY A 194 -8.91 -37.55 -3.34
CA GLY A 194 -10.38 -37.63 -3.35
C GLY A 194 -11.09 -36.57 -2.47
N TYR A 195 -10.36 -35.56 -1.99
CA TYR A 195 -10.94 -34.61 -1.05
C TYR A 195 -11.78 -33.58 -1.75
N GLU A 196 -12.68 -32.95 -1.03
CA GLU A 196 -13.64 -32.02 -1.65
C GLU A 196 -13.42 -30.54 -1.30
N HIS A 197 -13.37 -29.74 -2.33
CA HIS A 197 -13.24 -28.28 -2.17
C HIS A 197 -14.49 -27.56 -2.54
N SER A 198 -15.11 -26.85 -1.59
CA SER A 198 -16.37 -26.15 -1.88
C SER A 198 -16.30 -25.23 -3.08
N VAL A 199 -15.27 -24.37 -3.16
CA VAL A 199 -15.24 -23.39 -4.24
C VAL A 199 -14.96 -24.04 -5.60
N ALA A 200 -14.04 -25.01 -5.64
CA ALA A 200 -13.75 -25.79 -6.86
C ALA A 200 -15.02 -26.45 -7.43
N ASN A 201 -15.75 -27.09 -6.49
CA ASN A 201 -17.07 -27.66 -6.81
C ASN A 201 -18.04 -26.68 -7.47
N MET A 202 -18.00 -25.42 -7.07
CA MET A 202 -18.95 -24.45 -7.63
C MET A 202 -18.79 -24.36 -9.14
N THR A 203 -17.56 -24.32 -9.62
CA THR A 203 -17.36 -24.34 -11.05
C THR A 203 -17.73 -25.68 -11.67
N LEU A 204 -17.34 -26.83 -11.05
CA LEU A 204 -17.71 -28.16 -11.61
C LEU A 204 -19.23 -28.26 -11.83
N PHE A 205 -19.97 -27.96 -10.72
CA PHE A 205 -21.42 -28.00 -10.73
C PHE A 205 -22.01 -27.02 -11.79
N ALA A 206 -21.40 -25.85 -11.94
CA ALA A 206 -21.88 -24.86 -12.93
C ALA A 206 -21.63 -25.34 -14.39
N LEU A 207 -20.48 -25.98 -14.62
CA LEU A 207 -20.20 -26.61 -15.91
C LEU A 207 -21.23 -27.69 -16.24
N SER A 208 -21.50 -28.57 -15.26
CA SER A 208 -22.44 -29.64 -15.50
C SER A 208 -23.82 -29.06 -15.64
N TRP A 209 -24.21 -28.10 -14.78
CA TRP A 209 -25.52 -27.47 -14.94
C TRP A 209 -25.73 -26.84 -16.29
N PHE A 210 -24.74 -26.11 -16.78
CA PHE A 210 -24.92 -25.40 -18.08
C PHE A 210 -24.74 -26.26 -19.32
N GLY A 211 -24.10 -27.42 -19.15
CA GLY A 211 -23.98 -28.43 -20.20
C GLY A 211 -25.11 -29.45 -20.21
N HIS A 212 -24.92 -30.51 -20.97
CA HIS A 212 -26.00 -31.43 -21.19
C HIS A 212 -25.99 -32.48 -20.11
N HIS A 213 -26.37 -32.12 -18.89
CA HIS A 213 -26.42 -33.11 -17.78
C HIS A 213 -27.64 -34.00 -17.85
N SER A 214 -27.52 -35.18 -17.26
CA SER A 214 -28.71 -36.03 -17.13
C SER A 214 -29.77 -35.41 -16.16
N ASP A 215 -31.06 -35.72 -16.28
CA ASP A 215 -32.01 -35.01 -15.39
C ASP A 215 -31.95 -35.50 -13.91
N ALA A 216 -31.19 -36.54 -13.63
CA ALA A 216 -30.84 -37.03 -12.31
C ALA A 216 -29.99 -35.99 -11.53
N TYR A 217 -29.31 -35.13 -12.27
CA TYR A 217 -28.52 -34.05 -11.69
C TYR A 217 -29.38 -32.79 -11.45
N THR A 218 -29.54 -32.40 -10.18
CA THR A 218 -30.48 -31.39 -9.80
C THR A 218 -29.84 -30.29 -8.94
N LEU A 219 -30.52 -29.14 -8.88
CA LEU A 219 -30.16 -28.03 -8.01
C LEU A 219 -30.12 -28.43 -6.54
N ALA A 220 -31.02 -29.31 -6.11
CA ALA A 220 -31.02 -29.77 -4.73
C ALA A 220 -29.79 -30.62 -4.48
N GLY A 221 -29.43 -31.48 -5.44
CA GLY A 221 -28.17 -32.22 -5.39
C GLY A 221 -26.91 -31.35 -5.20
N ILE A 222 -26.73 -30.38 -6.10
CA ILE A 222 -25.66 -29.41 -6.01
C ILE A 222 -25.65 -28.75 -4.61
N GLY A 223 -26.81 -28.24 -4.19
CA GLY A 223 -26.97 -27.70 -2.84
C GLY A 223 -26.59 -28.64 -1.71
N HIS A 224 -26.89 -29.92 -1.86
CA HIS A 224 -26.54 -30.95 -0.90
C HIS A 224 -25.03 -31.03 -0.75
N ASN A 225 -24.28 -31.04 -1.86
CA ASN A 225 -22.85 -31.22 -1.77
C ASN A 225 -22.20 -29.95 -1.21
N LEU A 226 -22.57 -28.81 -1.78
CA LEU A 226 -22.02 -27.55 -1.34
C LEU A 226 -22.24 -27.32 0.18
N LEU A 227 -23.44 -27.63 0.69
CA LEU A 227 -23.71 -27.50 2.12
C LEU A 227 -22.65 -28.25 2.96
N TRP A 228 -22.57 -29.57 2.78
CA TRP A 228 -21.66 -30.41 3.59
C TRP A 228 -20.14 -30.22 3.35
N VAL A 229 -19.73 -30.09 2.12
CA VAL A 229 -18.35 -29.73 1.86
C VAL A 229 -17.97 -28.36 2.44
N THR A 230 -18.86 -27.36 2.42
CA THR A 230 -18.50 -26.00 2.87
C THR A 230 -18.31 -26.14 4.37
N LEU A 231 -19.22 -26.85 5.00
CA LEU A 231 -19.11 -27.05 6.45
C LEU A 231 -17.81 -27.80 6.84
N GLY A 232 -17.42 -28.84 6.07
CA GLY A 232 -16.19 -29.53 6.36
C GLY A 232 -14.97 -28.66 6.17
N ASN A 233 -14.90 -27.99 5.01
CA ASN A 233 -13.93 -26.92 4.75
C ASN A 233 -13.73 -25.94 5.99
N THR A 234 -14.84 -25.56 6.61
CA THR A 234 -14.86 -24.57 7.68
C THR A 234 -14.33 -25.26 8.94
N LEU A 235 -14.70 -26.52 9.17
CA LEU A 235 -14.16 -27.25 10.34
C LEU A 235 -12.59 -27.21 10.40
N SER A 236 -11.94 -27.53 9.28
CA SER A 236 -10.50 -27.68 9.26
C SER A 236 -9.78 -26.32 9.22
N GLY A 237 -10.24 -25.41 8.38
CA GLY A 237 -9.76 -24.05 8.42
C GLY A 237 -9.82 -23.37 9.79
N VAL A 238 -10.96 -23.44 10.46
CA VAL A 238 -11.13 -22.79 11.77
C VAL A 238 -10.30 -23.46 12.83
N VAL A 239 -10.39 -24.79 12.86
CA VAL A 239 -10.07 -25.55 14.06
C VAL A 239 -8.68 -26.16 13.90
N PHE A 240 -8.49 -26.94 12.83
CA PHE A 240 -7.26 -27.70 12.66
C PHE A 240 -6.13 -26.70 12.43
N MET A 241 -6.39 -25.69 11.58
CA MET A 241 -5.36 -24.67 11.26
C MET A 241 -5.30 -23.43 12.19
N GLY A 242 -6.39 -22.68 12.26
CA GLY A 242 -6.39 -21.44 13.05
C GLY A 242 -6.26 -21.76 14.52
N LEU A 243 -7.19 -22.53 15.08
CA LEU A 243 -7.13 -22.82 16.47
C LEU A 243 -5.88 -23.69 16.72
N GLY A 244 -5.54 -24.51 15.72
CA GLY A 244 -4.44 -25.44 15.84
C GLY A 244 -3.14 -24.69 16.01
N TYR A 245 -2.82 -23.81 15.05
CA TYR A 245 -1.60 -23.02 15.18
C TYR A 245 -1.69 -21.98 16.27
N TRP A 246 -2.87 -21.42 16.54
CA TRP A 246 -2.97 -20.58 17.71
C TRP A 246 -2.45 -21.29 18.92
N TYR A 247 -2.79 -22.55 19.11
CA TYR A 247 -2.42 -23.21 20.40
C TYR A 247 -1.05 -23.90 20.30
N ALA A 248 -0.44 -23.88 19.11
CA ALA A 248 0.86 -24.51 18.89
C ALA A 248 2.05 -23.71 19.37
N THR A 249 1.85 -22.42 19.62
CA THR A 249 2.98 -21.56 19.99
C THR A 249 3.16 -21.43 21.53
N MET B 1 33.89 -27.17 9.22
CA MET B 1 32.47 -26.81 8.87
C MET B 1 31.51 -27.46 9.87
N PHE B 2 30.20 -27.46 9.56
CA PHE B 2 29.12 -28.06 10.43
C PHE B 2 28.81 -27.46 11.84
N THR B 3 29.64 -26.52 12.36
CA THR B 3 29.44 -25.92 13.69
C THR B 3 28.15 -25.09 13.79
N ASP B 4 27.92 -24.17 12.86
CA ASP B 4 26.60 -23.53 12.78
C ASP B 4 25.41 -24.44 12.72
N THR B 5 25.45 -25.52 11.95
CA THR B 5 24.27 -26.41 11.83
C THR B 5 24.00 -27.11 13.13
N ILE B 6 25.08 -27.61 13.71
CA ILE B 6 25.03 -28.24 14.99
C ILE B 6 24.45 -27.31 16.05
N ASN B 7 24.92 -26.07 16.10
CA ASN B 7 24.36 -25.12 17.09
C ASN B 7 22.90 -24.81 16.88
N LYS B 8 22.47 -24.68 15.63
CA LYS B 8 21.04 -24.64 15.31
C LYS B 8 20.23 -25.84 15.79
N CYS B 9 20.75 -27.06 15.62
CA CYS B 9 20.06 -28.25 16.15
C CYS B 9 19.97 -28.28 17.65
N ALA B 10 21.09 -27.92 18.26
CA ALA B 10 21.20 -27.73 19.67
C ALA B 10 20.27 -26.60 20.22
N ALA B 11 20.10 -25.50 19.49
CA ALA B 11 19.18 -24.46 19.94
C ALA B 11 17.77 -25.01 19.76
N ASN B 12 17.53 -25.73 18.68
CA ASN B 12 16.24 -26.34 18.51
C ASN B 12 15.86 -27.34 19.65
N ALA B 13 16.86 -28.06 20.14
CA ALA B 13 16.60 -29.05 21.15
C ALA B 13 16.18 -28.38 22.46
N ALA B 14 16.86 -27.28 22.83
CA ALA B 14 16.45 -26.44 24.00
C ALA B 14 15.05 -25.86 23.85
N ARG B 15 14.70 -25.48 22.64
CA ARG B 15 13.37 -24.97 22.32
C ARG B 15 12.32 -26.03 22.47
N ILE B 16 12.62 -27.25 21.97
CA ILE B 16 11.74 -28.41 22.14
C ILE B 16 11.54 -28.70 23.64
N ALA B 17 12.65 -28.74 24.38
CA ALA B 17 12.62 -28.87 25.82
C ALA B 17 11.77 -27.81 26.49
N ARG B 18 11.87 -26.55 26.03
CA ARG B 18 11.11 -25.46 26.70
C ARG B 18 9.65 -25.66 26.40
N LEU B 19 9.38 -26.07 25.16
CA LEU B 19 8.02 -26.33 24.73
C LEU B 19 7.38 -27.45 25.57
N SER B 20 8.09 -28.55 25.75
CA SER B 20 7.61 -29.70 26.47
C SER B 20 7.20 -29.35 27.90
N ALA B 21 8.04 -28.57 28.58
CA ALA B 21 7.88 -28.30 29.99
C ALA B 21 6.98 -27.09 30.23
N ASN B 22 7.04 -26.07 29.38
CA ASN B 22 6.32 -24.81 29.65
C ASN B 22 4.96 -24.66 28.98
N ASN B 23 4.71 -25.45 27.94
CA ASN B 23 3.46 -25.32 27.20
C ASN B 23 3.12 -26.73 26.69
N PRO B 24 2.83 -27.65 27.65
CA PRO B 24 2.57 -29.04 27.31
C PRO B 24 1.54 -29.16 26.19
N LEU B 25 0.45 -28.43 26.31
CA LEU B 25 -0.60 -28.43 25.28
C LEU B 25 -0.05 -28.19 23.87
N GLY B 26 0.72 -27.13 23.70
CA GLY B 26 1.32 -26.82 22.37
C GLY B 26 2.26 -27.93 21.94
N PHE B 27 3.00 -28.55 22.88
CA PHE B 27 3.76 -29.76 22.61
C PHE B 27 2.91 -30.86 21.95
N TRP B 28 1.74 -31.15 22.52
CA TRP B 28 0.89 -32.20 21.97
C TRP B 28 0.25 -31.80 20.70
N VAL B 29 -0.20 -30.56 20.59
CA VAL B 29 -0.84 -30.15 19.33
C VAL B 29 0.18 -30.31 18.18
N SER B 30 1.38 -29.84 18.47
CA SER B 30 2.41 -29.71 17.49
C SER B 30 3.02 -31.11 17.12
N SER B 31 3.15 -32.03 18.09
CA SER B 31 3.40 -33.44 17.78
C SER B 31 2.24 -34.13 16.99
N ALA B 32 0.98 -33.90 17.40
CA ALA B 32 -0.15 -34.49 16.65
C ALA B 32 -0.10 -33.99 15.20
N MET B 33 0.23 -32.71 15.03
CA MET B 33 0.33 -32.14 13.71
C MET B 33 1.31 -32.94 12.83
N ALA B 34 2.49 -33.27 13.35
CA ALA B 34 3.45 -33.97 12.52
C ALA B 34 2.93 -35.35 12.06
N GLY B 35 2.26 -36.10 12.94
CA GLY B 35 1.73 -37.40 12.57
C GLY B 35 0.64 -37.24 11.54
N ALA B 36 -0.25 -36.29 11.74
CA ALA B 36 -1.31 -36.00 10.79
C ALA B 36 -0.73 -35.61 9.39
N TYR B 37 0.30 -34.74 9.38
CA TYR B 37 0.92 -34.25 8.13
C TYR B 37 1.56 -35.37 7.38
N VAL B 38 2.36 -36.17 8.10
CA VAL B 38 2.99 -37.31 7.48
C VAL B 38 1.90 -38.23 6.89
N GLY B 39 0.83 -38.43 7.66
CA GLY B 39 -0.35 -39.16 7.21
C GLY B 39 -0.96 -38.68 5.88
N LEU B 40 -1.14 -37.37 5.72
CA LEU B 40 -1.76 -36.85 4.53
C LEU B 40 -0.83 -37.22 3.36
N GLY B 41 0.48 -37.25 3.59
CA GLY B 41 1.40 -37.85 2.63
C GLY B 41 1.18 -39.33 2.31
N ILE B 42 0.95 -40.15 3.34
CA ILE B 42 0.76 -41.56 3.14
C ILE B 42 -0.55 -41.83 2.36
N ILE B 43 -1.61 -41.09 2.67
CA ILE B 43 -2.87 -41.29 1.97
C ILE B 43 -2.59 -40.99 0.49
N LEU B 44 -1.83 -39.92 0.21
CA LEU B 44 -1.60 -39.50 -1.17
C LEU B 44 -0.93 -40.65 -1.94
N ILE B 45 0.12 -41.21 -1.38
CA ILE B 45 0.95 -42.09 -2.21
C ILE B 45 0.32 -43.48 -2.28
N PHE B 46 -0.39 -43.89 -1.25
CA PHE B 46 -1.17 -45.13 -1.37
C PHE B 46 -2.37 -45.02 -2.33
N THR B 47 -3.02 -43.86 -2.41
CA THR B 47 -4.03 -43.65 -3.41
C THR B 47 -3.42 -43.80 -4.79
N LEU B 48 -2.26 -43.22 -5.00
CA LEU B 48 -1.70 -43.26 -6.31
C LEU B 48 -1.21 -44.67 -6.66
N GLY B 49 -0.50 -45.29 -5.72
CA GLY B 49 0.11 -46.59 -5.92
C GLY B 49 -0.95 -47.61 -6.14
N ASN B 50 -2.09 -47.44 -5.47
CA ASN B 50 -3.22 -48.38 -5.53
C ASN B 50 -3.76 -48.56 -6.93
N LEU B 51 -3.56 -47.59 -7.82
CA LEU B 51 -4.09 -47.71 -9.18
C LEU B 51 -3.07 -48.11 -10.21
N LEU B 52 -1.81 -48.14 -9.86
CA LEU B 52 -0.76 -48.41 -10.83
C LEU B 52 -0.25 -49.85 -10.76
N ASP B 53 0.36 -50.26 -11.85
CA ASP B 53 1.08 -51.51 -11.91
C ASP B 53 2.14 -51.60 -10.80
N PRO B 54 2.35 -52.81 -10.23
CA PRO B 54 3.40 -52.89 -9.15
C PRO B 54 4.78 -52.36 -9.57
N SER B 55 5.12 -52.44 -10.84
CA SER B 55 6.46 -52.04 -11.30
C SER B 55 6.80 -50.50 -11.29
N VAL B 56 5.81 -49.63 -11.17
CA VAL B 56 6.00 -48.20 -11.19
C VAL B 56 5.57 -47.67 -9.84
N ARG B 57 5.14 -48.52 -8.95
CA ARG B 57 4.71 -48.05 -7.63
C ARG B 57 5.92 -47.41 -6.87
N PRO B 58 7.09 -48.09 -6.83
CA PRO B 58 8.15 -47.36 -6.08
C PRO B 58 8.50 -45.93 -6.63
N LEU B 59 8.50 -45.77 -7.96
CA LEU B 59 8.84 -44.51 -8.57
C LEU B 59 7.83 -43.45 -8.24
N VAL B 60 6.55 -43.79 -8.44
CA VAL B 60 5.51 -42.83 -8.27
C VAL B 60 5.24 -42.50 -6.81
N MET B 61 5.17 -43.55 -6.01
CA MET B 61 4.94 -43.37 -4.62
C MET B 61 6.13 -42.60 -4.00
N GLY B 62 7.34 -42.81 -4.51
CA GLY B 62 8.53 -42.15 -3.96
C GLY B 62 8.50 -40.69 -4.37
N ALA B 63 8.24 -40.44 -5.66
CA ALA B 63 8.27 -39.09 -6.20
C ALA B 63 7.15 -38.19 -5.59
N THR B 64 6.16 -38.75 -4.96
CA THR B 64 5.01 -37.95 -4.51
C THR B 64 4.90 -37.92 -3.01
N PHE B 65 5.83 -38.58 -2.31
CA PHE B 65 5.76 -38.60 -0.85
C PHE B 65 6.35 -37.34 -0.24
N GLY B 66 7.09 -36.56 -1.05
CA GLY B 66 7.73 -35.30 -0.59
C GLY B 66 6.89 -34.36 0.31
N ILE B 67 5.60 -34.24 0.02
CA ILE B 67 4.72 -33.37 0.79
C ILE B 67 4.84 -33.68 2.29
N ALA B 68 5.07 -34.94 2.63
CA ALA B 68 4.98 -35.37 4.05
C ALA B 68 5.95 -34.56 4.93
N LEU B 69 7.23 -34.55 4.56
CA LEU B 69 8.22 -33.84 5.36
C LEU B 69 8.23 -32.35 5.06
N THR B 70 7.80 -32.00 3.85
CA THR B 70 7.60 -30.61 3.51
C THR B 70 6.62 -29.92 4.47
N LEU B 71 5.47 -30.53 4.71
CA LEU B 71 4.52 -30.08 5.72
C LEU B 71 5.18 -29.99 7.08
N VAL B 72 5.72 -31.10 7.56
CA VAL B 72 6.36 -31.13 8.87
C VAL B 72 7.35 -29.96 9.05
N ILE B 73 8.16 -29.65 8.03
CA ILE B 73 9.28 -28.70 8.26
C ILE B 73 8.87 -27.25 8.02
N ILE B 74 8.05 -27.05 6.99
CA ILE B 74 7.76 -25.72 6.48
C ILE B 74 6.50 -25.19 7.15
N ALA B 75 5.46 -26.00 7.32
CA ALA B 75 4.31 -25.56 8.11
C ALA B 75 4.69 -25.45 9.60
N GLY B 76 5.51 -26.40 10.11
CA GLY B 76 5.92 -26.37 11.52
C GLY B 76 5.15 -27.42 12.28
N SER B 77 5.87 -28.31 12.98
CA SER B 77 5.32 -29.39 13.82
C SER B 77 6.44 -30.10 14.63
N GLU B 78 6.15 -31.13 15.40
CA GLU B 78 7.25 -31.90 16.04
C GLU B 78 7.26 -33.38 15.66
N LEU B 79 8.34 -33.85 15.05
CA LEU B 79 8.42 -35.17 14.45
C LEU B 79 9.41 -35.97 15.26
N PHE B 80 8.96 -37.12 15.76
CA PHE B 80 9.80 -37.89 16.65
C PHE B 80 11.12 -38.24 15.95
N THR B 81 11.09 -38.59 14.66
CA THR B 81 12.29 -39.11 14.00
C THR B 81 13.36 -38.04 13.89
N GLY B 82 12.93 -36.78 13.79
CA GLY B 82 13.86 -35.64 13.72
C GLY B 82 14.36 -35.32 15.12
N HIS B 83 13.47 -35.46 16.11
CA HIS B 83 13.87 -35.32 17.50
C HIS B 83 15.04 -36.21 17.86
N THR B 84 15.10 -37.42 17.28
CA THR B 84 16.24 -38.31 17.63
C THR B 84 17.60 -37.65 17.38
N MET B 85 17.72 -36.97 16.20
CA MET B 85 18.91 -36.15 15.85
C MET B 85 19.05 -34.87 16.68
N PHE B 86 17.99 -34.09 16.79
CA PHE B 86 18.08 -32.75 17.38
C PHE B 86 18.54 -32.87 18.83
N LEU B 87 17.83 -33.75 19.54
CA LEU B 87 18.06 -33.96 20.96
C LEU B 87 19.45 -34.52 21.22
N THR B 88 19.97 -35.32 20.29
CA THR B 88 21.29 -35.91 20.46
C THR B 88 22.33 -34.77 20.48
N LEU B 89 22.27 -33.96 19.42
CA LEU B 89 23.12 -32.79 19.28
C LEU B 89 22.93 -31.85 20.45
N GLY B 90 21.70 -31.72 20.94
CA GLY B 90 21.44 -30.92 22.17
C GLY B 90 22.17 -31.44 23.41
N VAL B 91 22.11 -32.76 23.63
CA VAL B 91 22.87 -33.37 24.76
C VAL B 91 24.36 -33.13 24.56
N LYS B 92 24.84 -33.38 23.36
CA LYS B 92 26.27 -33.21 23.03
C LYS B 92 26.75 -31.74 23.19
N ALA B 93 25.94 -30.77 22.77
CA ALA B 93 26.31 -29.35 22.91
C ALA B 93 26.15 -28.83 24.34
N GLY B 94 25.43 -29.56 25.18
CA GLY B 94 25.19 -29.13 26.56
C GLY B 94 23.94 -28.28 26.71
N THR B 95 23.13 -28.10 25.67
CA THR B 95 21.91 -27.27 25.81
C THR B 95 20.72 -27.96 26.53
N ILE B 96 20.72 -29.28 26.54
CA ILE B 96 19.76 -30.06 27.31
C ILE B 96 20.52 -31.24 27.95
N SER B 97 19.92 -31.90 28.95
CA SER B 97 20.52 -33.10 29.57
C SER B 97 20.09 -34.40 28.88
N HIS B 98 20.87 -35.48 29.08
CA HIS B 98 20.52 -36.87 28.71
C HIS B 98 19.10 -37.13 29.15
N GLY B 99 18.80 -36.73 30.39
CA GLY B 99 17.49 -36.97 31.01
C GLY B 99 16.36 -36.32 30.21
N GLN B 100 16.60 -35.09 29.78
CA GLN B 100 15.63 -34.34 28.99
C GLN B 100 15.38 -35.01 27.65
N MET B 101 16.43 -35.48 26.99
CA MET B 101 16.26 -36.19 25.75
C MET B 101 15.34 -37.40 25.90
N TRP B 102 15.66 -38.29 26.83
CA TRP B 102 14.83 -39.47 27.05
C TRP B 102 13.45 -39.23 27.63
N ALA B 103 13.21 -38.11 28.32
CA ALA B 103 11.86 -37.82 28.76
C ALA B 103 10.99 -37.30 27.60
N ILE B 104 11.63 -36.69 26.62
CA ILE B 104 10.91 -36.05 25.56
C ILE B 104 10.55 -37.00 24.39
N LEU B 105 11.52 -37.79 23.94
CA LEU B 105 11.36 -38.65 22.75
C LEU B 105 10.05 -39.48 22.80
N PRO B 106 9.77 -40.17 23.94
CA PRO B 106 8.53 -40.99 23.99
C PRO B 106 7.23 -40.14 23.86
N GLN B 107 7.23 -38.97 24.48
CA GLN B 107 6.13 -38.01 24.28
C GLN B 107 5.95 -37.62 22.81
N THR B 108 7.03 -37.30 22.10
CA THR B 108 6.91 -36.84 20.71
C THR B 108 6.30 -38.00 19.93
N TRP B 109 6.84 -39.18 20.17
CA TRP B 109 6.33 -40.42 19.60
C TRP B 109 4.84 -40.57 19.82
N LEU B 110 4.37 -40.44 21.08
CA LEU B 110 2.95 -40.61 21.41
C LEU B 110 2.08 -39.57 20.69
N GLY B 111 2.58 -38.32 20.61
CA GLY B 111 1.85 -37.27 19.92
C GLY B 111 1.72 -37.58 18.44
N ASN B 112 2.83 -37.96 17.83
CA ASN B 112 2.83 -38.37 16.43
C ASN B 112 1.81 -39.46 16.15
N LEU B 113 1.67 -40.40 17.10
CA LEU B 113 0.72 -41.53 16.98
C LEU B 113 -0.73 -41.02 17.00
N VAL B 114 -1.07 -40.17 17.97
CA VAL B 114 -2.36 -39.52 18.03
C VAL B 114 -2.70 -38.81 16.69
N GLY B 115 -1.77 -38.06 16.11
CA GLY B 115 -2.08 -37.29 14.90
C GLY B 115 -2.26 -38.23 13.74
N SER B 116 -1.51 -39.34 13.78
CA SER B 116 -1.60 -40.39 12.79
C SER B 116 -2.93 -41.12 12.85
N VAL B 117 -3.32 -41.63 14.03
CA VAL B 117 -4.59 -42.35 14.17
C VAL B 117 -5.69 -41.39 13.77
N PHE B 118 -5.49 -40.12 14.12
CA PHE B 118 -6.53 -39.13 13.89
C PHE B 118 -6.75 -38.82 12.41
N VAL B 119 -5.67 -38.61 11.65
CA VAL B 119 -5.85 -38.32 10.20
C VAL B 119 -6.45 -39.61 9.52
N ALA B 120 -6.13 -40.79 10.07
CA ALA B 120 -6.69 -42.03 9.49
C ALA B 120 -8.21 -42.12 9.73
N LEU B 121 -8.62 -41.75 10.94
CA LEU B 121 -10.05 -41.72 11.28
C LEU B 121 -10.86 -40.81 10.32
N LEU B 122 -10.37 -39.60 10.08
CA LEU B 122 -11.05 -38.67 9.27
C LEU B 122 -11.19 -39.25 7.86
N TYR B 123 -10.13 -39.88 7.35
CA TYR B 123 -10.14 -40.40 5.97
C TYR B 123 -11.21 -41.51 5.86
N SER B 124 -11.36 -42.23 6.96
CA SER B 124 -12.33 -43.29 7.07
C SER B 124 -13.79 -42.79 7.09
N TRP B 125 -14.04 -41.80 7.94
CA TRP B 125 -15.32 -41.16 8.01
C TRP B 125 -15.62 -40.44 6.73
N GLY B 126 -14.53 -40.02 6.06
CA GLY B 126 -14.52 -39.49 4.67
C GLY B 126 -14.73 -40.51 3.54
N GLY B 127 -14.98 -41.78 3.95
CA GLY B 127 -15.34 -42.88 3.02
C GLY B 127 -14.20 -43.10 2.06
N GLY B 128 -12.95 -42.89 2.54
CA GLY B 128 -11.76 -43.04 1.69
C GLY B 128 -11.75 -44.41 0.95
N SER B 129 -11.42 -44.39 -0.34
CA SER B 129 -11.61 -45.55 -1.18
C SER B 129 -10.57 -46.66 -0.91
N LEU B 130 -9.50 -46.38 -0.17
CA LEU B 130 -8.45 -47.33 0.09
C LEU B 130 -8.83 -48.43 1.10
N LEU B 131 -9.92 -48.22 1.85
CA LEU B 131 -10.28 -49.03 3.03
C LEU B 131 -11.09 -50.28 2.80
N PRO B 132 -12.21 -50.18 2.00
CA PRO B 132 -13.23 -51.24 1.97
C PRO B 132 -12.83 -52.48 1.17
N VAL B 133 -11.96 -52.33 0.17
CA VAL B 133 -11.56 -53.52 -0.62
C VAL B 133 -10.37 -54.30 0.00
N ASP B 134 -10.55 -55.62 0.25
CA ASP B 134 -9.49 -56.51 0.77
C ASP B 134 -8.20 -56.52 -0.08
N THR B 135 -8.37 -56.27 -1.36
CA THR B 135 -7.24 -56.25 -2.25
C THR B 135 -6.38 -54.97 -2.22
N SER B 136 -6.87 -53.90 -1.59
CA SER B 136 -6.14 -52.67 -1.46
C SER B 136 -4.66 -52.83 -1.01
N ILE B 137 -3.78 -52.06 -1.65
CA ILE B 137 -2.37 -52.12 -1.28
C ILE B 137 -2.12 -51.67 0.15
N VAL B 138 -3.02 -50.86 0.70
CA VAL B 138 -2.97 -50.50 2.12
C VAL B 138 -2.97 -51.79 2.94
N HIS B 139 -3.82 -52.74 2.60
CA HIS B 139 -3.84 -54.04 3.36
C HIS B 139 -2.68 -54.96 3.09
N SER B 140 -2.26 -55.11 1.83
CA SER B 140 -1.18 -56.03 1.56
C SER B 140 0.16 -55.46 2.04
N VAL B 141 0.35 -54.15 1.91
CA VAL B 141 1.63 -53.56 2.37
C VAL B 141 1.72 -53.53 3.93
N ALA B 142 0.62 -53.20 4.62
CA ALA B 142 0.62 -53.15 6.10
C ALA B 142 0.93 -54.50 6.67
N LEU B 143 0.27 -55.53 6.11
CA LEU B 143 0.45 -56.91 6.58
C LEU B 143 1.92 -57.34 6.36
N ALA B 144 2.47 -57.07 5.17
CA ALA B 144 3.87 -57.43 4.89
C ALA B 144 4.81 -56.72 5.89
N LYS B 145 4.45 -55.48 6.26
CA LYS B 145 5.31 -54.74 7.21
C LYS B 145 5.24 -55.37 8.58
N THR B 146 4.10 -55.99 8.92
CA THR B 146 3.91 -56.47 10.28
C THR B 146 4.50 -57.84 10.55
N THR B 147 4.60 -58.67 9.52
CA THR B 147 5.14 -60.05 9.70
C THR B 147 6.64 -60.14 9.35
N ALA B 148 7.23 -59.06 8.84
CA ALA B 148 8.67 -58.96 8.53
C ALA B 148 9.61 -59.23 9.75
N PRO B 149 10.79 -59.84 9.55
CA PRO B 149 11.70 -60.05 10.75
C PRO B 149 12.21 -58.78 11.46
N ALA B 150 12.38 -58.86 12.78
CA ALA B 150 12.94 -57.75 13.58
C ALA B 150 14.18 -57.10 12.91
N THR B 151 15.03 -57.93 12.34
CA THR B 151 16.35 -57.55 11.93
C THR B 151 16.20 -56.69 10.71
N VAL B 152 15.40 -57.22 9.78
CA VAL B 152 15.07 -56.57 8.55
C VAL B 152 14.44 -55.24 8.90
N LEU B 153 13.51 -55.25 9.85
CA LEU B 153 12.77 -54.01 10.16
C LEU B 153 13.66 -52.96 10.80
N PHE B 154 14.55 -53.40 11.68
CA PHE B 154 15.49 -52.49 12.33
C PHE B 154 16.36 -51.73 11.30
N PHE B 155 17.02 -52.50 10.44
CA PHE B 155 17.98 -51.95 9.54
C PHE B 155 17.33 -51.10 8.43
N LYS B 156 16.10 -51.47 8.07
CA LYS B 156 15.36 -50.63 7.19
C LYS B 156 14.94 -49.33 7.83
N GLY B 157 14.60 -49.42 9.11
CA GLY B 157 14.30 -48.23 9.87
C GLY B 157 15.54 -47.37 10.07
N ALA B 158 16.69 -48.02 10.25
CA ALA B 158 17.93 -47.25 10.35
C ALA B 158 18.19 -46.56 9.01
N LEU B 159 18.04 -47.28 7.89
CA LEU B 159 18.32 -46.66 6.59
C LEU B 159 17.32 -45.49 6.24
N CYS B 160 16.06 -45.68 6.59
CA CYS B 160 15.09 -44.65 6.42
C CYS B 160 15.49 -43.31 7.11
N ASN B 161 15.78 -43.35 8.40
CA ASN B 161 15.95 -42.15 9.19
C ASN B 161 17.25 -41.43 8.94
N TRP B 162 18.21 -42.18 8.47
CA TRP B 162 19.39 -41.59 7.85
C TRP B 162 18.91 -40.60 6.85
N LEU B 163 18.04 -41.07 5.92
CA LEU B 163 17.66 -40.28 4.79
C LEU B 163 16.75 -39.12 5.24
N VAL B 164 15.80 -39.39 6.12
CA VAL B 164 14.88 -38.35 6.59
C VAL B 164 15.64 -37.26 7.43
N CYS B 165 16.48 -37.70 8.39
CA CYS B 165 17.41 -36.77 9.04
C CYS B 165 18.37 -36.07 8.07
N LEU B 166 18.78 -36.74 7.00
CA LEU B 166 19.59 -36.05 6.00
C LEU B 166 18.81 -34.90 5.35
N ALA B 167 17.49 -35.10 5.13
CA ALA B 167 16.64 -34.09 4.55
C ALA B 167 16.53 -32.92 5.55
N ILE B 168 16.37 -33.25 6.83
CA ILE B 168 16.21 -32.18 7.82
C ILE B 168 17.47 -31.33 7.94
N TRP B 169 18.60 -32.03 7.97
CA TRP B 169 19.94 -31.47 7.96
C TRP B 169 20.15 -30.55 6.78
N MET B 170 19.97 -31.09 5.57
CA MET B 170 20.18 -30.28 4.35
C MET B 170 19.26 -29.08 4.28
N ALA B 171 18.02 -29.26 4.73
CA ALA B 171 17.06 -28.14 4.83
C ALA B 171 17.57 -27.06 5.77
N ILE B 172 18.15 -27.45 6.91
CA ILE B 172 18.71 -26.45 7.81
C ILE B 172 19.84 -25.65 7.17
N ARG B 173 20.61 -26.30 6.29
CA ARG B 173 21.82 -25.73 5.65
C ARG B 173 21.59 -24.94 4.35
N THR B 174 20.33 -24.91 3.92
CA THR B 174 19.91 -24.21 2.68
C THR B 174 18.73 -23.26 2.93
N GLU B 175 18.40 -22.51 1.91
CA GLU B 175 17.34 -21.47 1.92
C GLU B 175 16.23 -21.75 0.88
N GLY B 176 15.04 -21.22 1.13
CA GLY B 176 14.00 -21.15 0.13
C GLY B 176 13.71 -22.46 -0.54
N THR B 177 13.71 -22.48 -1.88
CA THR B 177 13.32 -23.71 -2.58
C THR B 177 14.24 -24.95 -2.33
N ALA B 178 15.47 -24.71 -1.94
CA ALA B 178 16.40 -25.77 -1.93
C ALA B 178 15.98 -26.67 -0.77
N LYS B 179 15.32 -26.11 0.24
CA LYS B 179 14.80 -26.96 1.30
C LYS B 179 13.87 -28.03 0.71
N PHE B 180 13.02 -27.63 -0.24
CA PHE B 180 11.95 -28.48 -0.74
C PHE B 180 12.53 -29.61 -1.59
N LEU B 181 13.50 -29.27 -2.44
CA LEU B 181 14.30 -30.23 -3.17
C LEU B 181 15.07 -31.21 -2.32
N ALA B 182 15.69 -30.72 -1.24
CA ALA B 182 16.45 -31.67 -0.35
C ALA B 182 15.51 -32.71 0.19
N ILE B 183 14.37 -32.24 0.68
CA ILE B 183 13.30 -33.08 1.24
C ILE B 183 12.74 -34.05 0.16
N TRP B 184 12.42 -33.55 -1.01
CA TRP B 184 11.92 -34.37 -2.10
C TRP B 184 12.86 -35.54 -2.42
N TRP B 185 14.17 -35.26 -2.51
CA TRP B 185 15.15 -36.26 -2.90
C TRP B 185 15.18 -37.34 -1.90
N CYS B 186 15.13 -36.97 -0.63
CA CYS B 186 15.37 -37.98 0.41
C CYS B 186 14.18 -38.90 0.59
N LEU B 187 12.99 -38.31 0.48
CA LEU B 187 11.76 -39.10 0.53
C LEU B 187 11.58 -39.98 -0.76
N LEU B 188 11.88 -39.48 -1.98
CA LEU B 188 12.05 -40.42 -3.12
C LEU B 188 12.88 -41.67 -2.73
N ALA B 189 14.03 -41.39 -2.10
CA ALA B 189 15.02 -42.40 -1.87
C ALA B 189 14.53 -43.40 -0.78
N PHE B 190 13.99 -42.93 0.35
CA PHE B 190 13.65 -43.90 1.37
C PHE B 190 12.44 -44.75 0.99
N ILE B 191 11.40 -44.13 0.41
CA ILE B 191 10.19 -44.88 0.05
C ILE B 191 10.55 -45.84 -1.09
N ALA B 192 11.11 -45.32 -2.17
CA ALA B 192 11.43 -46.16 -3.32
C ALA B 192 12.44 -47.27 -3.01
N SER B 193 13.34 -47.09 -2.06
CA SER B 193 14.30 -48.15 -1.77
C SER B 193 13.70 -49.26 -0.90
N GLY B 194 12.49 -49.09 -0.36
CA GLY B 194 11.93 -50.06 0.62
C GLY B 194 12.14 -49.69 2.10
N TYR B 195 12.61 -48.50 2.47
CA TYR B 195 12.96 -48.31 3.90
C TYR B 195 11.72 -47.99 4.83
N GLU B 196 11.87 -48.10 6.14
CA GLU B 196 10.70 -48.06 7.07
C GLU B 196 10.69 -46.77 7.90
N HIS B 197 9.60 -46.01 7.84
CA HIS B 197 9.48 -44.80 8.66
C HIS B 197 8.47 -45.06 9.75
N SER B 198 8.90 -45.00 11.01
CA SER B 198 8.04 -45.35 12.19
C SER B 198 6.71 -44.54 12.22
N VAL B 199 6.79 -43.22 12.22
CA VAL B 199 5.59 -42.35 12.21
C VAL B 199 4.74 -42.55 10.94
N ALA B 200 5.38 -42.63 9.79
CA ALA B 200 4.59 -42.87 8.57
C ALA B 200 3.87 -44.24 8.64
N ASN B 201 4.47 -45.24 9.27
CA ASN B 201 3.84 -46.54 9.41
C ASN B 201 2.59 -46.47 10.27
N MET B 202 2.64 -45.62 11.30
CA MET B 202 1.50 -45.38 12.19
C MET B 202 0.23 -45.07 11.40
N THR B 203 0.31 -44.18 10.41
CA THR B 203 -0.88 -43.87 9.61
C THR B 203 -1.27 -45.11 8.78
N LEU B 204 -0.29 -45.76 8.16
CA LEU B 204 -0.61 -46.89 7.31
C LEU B 204 -1.32 -47.93 8.16
N PHE B 205 -0.77 -48.19 9.35
CA PHE B 205 -1.32 -49.21 10.20
C PHE B 205 -2.74 -48.89 10.61
N ALA B 206 -3.05 -47.60 10.75
CA ALA B 206 -4.35 -47.20 11.29
C ALA B 206 -5.39 -47.34 10.14
N LEU B 207 -4.98 -46.90 8.95
CA LEU B 207 -5.76 -47.04 7.75
C LEU B 207 -6.14 -48.51 7.44
N SER B 208 -5.17 -49.41 7.48
CA SER B 208 -5.52 -50.79 7.31
C SER B 208 -6.43 -51.28 8.45
N TRP B 209 -6.12 -50.82 9.68
CA TRP B 209 -6.92 -51.25 10.85
C TRP B 209 -8.37 -50.87 10.73
N PHE B 210 -8.63 -49.64 10.25
CA PHE B 210 -10.01 -49.17 10.13
C PHE B 210 -10.67 -49.71 8.86
N GLY B 211 -9.97 -50.49 8.06
CA GLY B 211 -10.56 -50.94 6.81
C GLY B 211 -10.79 -52.42 6.88
N HIS B 212 -11.00 -53.01 5.72
CA HIS B 212 -11.33 -54.39 5.56
C HIS B 212 -10.02 -55.14 5.48
N HIS B 213 -9.29 -55.24 6.60
CA HIS B 213 -8.02 -55.99 6.63
C HIS B 213 -8.27 -57.48 6.87
N SER B 214 -7.29 -58.32 6.55
CA SER B 214 -7.45 -59.75 6.80
C SER B 214 -7.28 -60.09 8.29
N ASP B 215 -7.55 -61.33 8.66
CA ASP B 215 -7.43 -61.75 10.08
C ASP B 215 -5.98 -61.91 10.50
N ALA B 216 -5.12 -62.14 9.50
CA ALA B 216 -3.69 -62.26 9.70
C ALA B 216 -3.09 -60.96 10.24
N TYR B 217 -3.87 -59.87 10.25
CA TYR B 217 -3.38 -58.53 10.59
C TYR B 217 -3.84 -58.16 11.99
N THR B 218 -2.90 -58.02 12.92
CA THR B 218 -3.23 -57.91 14.37
C THR B 218 -2.51 -56.75 15.06
N LEU B 219 -2.96 -56.36 16.26
CA LEU B 219 -2.32 -55.26 16.97
C LEU B 219 -0.90 -55.65 17.40
N ALA B 220 -0.73 -56.93 17.73
CA ALA B 220 0.60 -57.49 17.98
C ALA B 220 1.53 -57.34 16.73
N GLY B 221 1.03 -57.64 15.53
CA GLY B 221 1.77 -57.32 14.30
C GLY B 221 2.16 -55.85 14.17
N ILE B 222 1.20 -54.96 14.44
CA ILE B 222 1.48 -53.52 14.36
C ILE B 222 2.56 -53.11 15.38
N GLY B 223 2.42 -53.56 16.63
CA GLY B 223 3.38 -53.23 17.65
C GLY B 223 4.77 -53.76 17.37
N HIS B 224 4.82 -54.98 16.83
CA HIS B 224 6.06 -55.60 16.35
C HIS B 224 6.82 -54.72 15.37
N ASN B 225 6.18 -54.27 14.29
CA ASN B 225 6.82 -53.32 13.33
C ASN B 225 7.26 -51.99 13.96
N LEU B 226 6.33 -51.30 14.65
CA LEU B 226 6.62 -50.02 15.33
C LEU B 226 7.80 -50.14 16.32
N LEU B 227 7.89 -51.25 17.08
CA LEU B 227 9.06 -51.44 17.96
C LEU B 227 10.39 -51.40 17.23
N TRP B 228 10.62 -52.37 16.34
CA TRP B 228 11.86 -52.42 15.56
C TRP B 228 12.11 -51.25 14.59
N VAL B 229 11.06 -50.72 13.97
CA VAL B 229 11.22 -49.55 13.08
C VAL B 229 11.60 -48.31 13.88
N THR B 230 10.97 -48.12 15.03
CA THR B 230 11.35 -47.02 15.89
C THR B 230 12.80 -47.10 16.39
N LEU B 231 13.17 -48.26 16.99
CA LEU B 231 14.55 -48.45 17.46
C LEU B 231 15.52 -48.18 16.29
N GLY B 232 15.16 -48.60 15.08
CA GLY B 232 16.07 -48.44 13.93
C GLY B 232 16.17 -46.98 13.51
N ASN B 233 15.02 -46.31 13.42
CA ASN B 233 14.99 -44.86 13.19
C ASN B 233 15.93 -44.11 14.18
N THR B 234 15.89 -44.55 15.44
CA THR B 234 16.61 -43.95 16.55
C THR B 234 18.12 -44.13 16.43
N LEU B 235 18.57 -45.36 16.18
CA LEU B 235 19.97 -45.61 15.74
C LEU B 235 20.56 -44.57 14.75
N SER B 236 19.96 -44.43 13.58
CA SER B 236 20.51 -43.54 12.53
C SER B 236 20.40 -42.03 12.89
N GLY B 237 19.34 -41.62 13.58
CA GLY B 237 19.17 -40.26 14.02
C GLY B 237 20.21 -39.89 15.05
N VAL B 238 20.32 -40.71 16.09
CA VAL B 238 21.24 -40.48 17.21
C VAL B 238 22.71 -40.63 16.77
N VAL B 239 23.02 -41.71 16.05
CA VAL B 239 24.42 -42.12 15.83
C VAL B 239 24.95 -41.66 14.48
N PHE B 240 24.31 -42.08 13.39
CA PHE B 240 24.83 -41.76 12.06
C PHE B 240 24.77 -40.28 11.81
N MET B 241 23.73 -39.60 12.31
CA MET B 241 23.60 -38.18 12.05
C MET B 241 24.08 -37.36 13.24
N GLY B 242 23.45 -37.53 14.39
CA GLY B 242 23.85 -36.78 15.58
C GLY B 242 25.32 -36.96 15.92
N LEU B 243 25.69 -38.21 16.18
CA LEU B 243 27.04 -38.45 16.63
C LEU B 243 27.98 -38.37 15.45
N GLY B 244 27.54 -38.84 14.28
CA GLY B 244 28.30 -38.66 13.03
C GLY B 244 28.82 -37.25 12.81
N TYR B 245 27.91 -36.30 12.79
CA TYR B 245 28.31 -34.91 12.49
C TYR B 245 29.03 -34.22 13.63
N TRP B 246 28.67 -34.60 14.86
CA TRP B 246 29.43 -34.19 16.03
C TRP B 246 30.91 -34.54 15.91
N TYR B 247 31.25 -35.78 15.59
CA TYR B 247 32.70 -36.12 15.46
C TYR B 247 33.35 -35.71 14.13
N ALA B 248 32.59 -35.12 13.21
CA ALA B 248 33.07 -34.66 11.90
C ALA B 248 33.56 -33.19 11.89
N THR B 249 33.17 -32.45 12.91
CA THR B 249 33.54 -31.03 13.03
C THR B 249 35.00 -30.90 13.48
N PRO B 250 35.83 -30.15 12.70
CA PRO B 250 37.25 -29.95 13.05
C PRO B 250 37.39 -28.95 14.19
N MET C 1 34.67 -14.84 -10.47
CA MET C 1 35.20 -15.16 -11.84
C MET C 1 35.78 -16.60 -11.88
N PHE C 2 36.74 -16.88 -12.80
CA PHE C 2 37.55 -18.11 -12.69
C PHE C 2 38.51 -18.07 -11.47
N THR C 3 39.25 -16.97 -11.28
CA THR C 3 40.16 -16.83 -10.11
C THR C 3 39.44 -17.00 -8.74
N ASP C 4 38.25 -16.41 -8.56
CA ASP C 4 37.46 -16.60 -7.36
C ASP C 4 37.14 -18.07 -7.10
N THR C 5 36.64 -18.75 -8.13
CA THR C 5 36.35 -20.16 -7.99
C THR C 5 37.58 -20.99 -7.62
N ILE C 6 38.70 -20.67 -8.27
CA ILE C 6 39.95 -21.37 -8.03
C ILE C 6 40.41 -21.19 -6.58
N ASN C 7 40.49 -19.94 -6.11
CA ASN C 7 40.81 -19.68 -4.71
C ASN C 7 39.94 -20.45 -3.71
N LYS C 8 38.62 -20.56 -3.98
CA LYS C 8 37.74 -21.31 -3.08
C LYS C 8 38.14 -22.78 -3.13
N CYS C 9 38.51 -23.25 -4.32
CA CYS C 9 38.95 -24.61 -4.49
C CYS C 9 40.28 -24.84 -3.75
N ALA C 10 41.18 -23.88 -3.83
CA ALA C 10 42.43 -23.98 -3.12
C ALA C 10 42.29 -23.82 -1.59
N ALA C 11 41.40 -22.96 -1.14
CA ALA C 11 41.09 -22.89 0.27
C ALA C 11 40.54 -24.21 0.80
N ASN C 12 39.63 -24.82 0.04
CA ASN C 12 39.06 -26.12 0.40
C ASN C 12 40.20 -27.18 0.49
N ALA C 13 41.13 -27.13 -0.45
CA ALA C 13 42.32 -27.99 -0.43
C ALA C 13 43.12 -27.84 0.89
N ALA C 14 43.37 -26.60 1.34
CA ALA C 14 44.07 -26.38 2.63
C ALA C 14 43.25 -26.87 3.81
N ARG C 15 41.93 -26.74 3.70
CA ARG C 15 41.00 -27.22 4.73
C ARG C 15 40.99 -28.74 4.85
N ILE C 16 40.92 -29.44 3.71
CA ILE C 16 41.07 -30.92 3.71
C ILE C 16 42.40 -31.39 4.31
N ALA C 17 43.53 -30.81 3.86
CA ALA C 17 44.89 -31.10 4.43
C ALA C 17 44.95 -31.07 5.96
N ARG C 18 44.42 -29.98 6.53
CA ARG C 18 44.35 -29.76 7.97
C ARG C 18 43.50 -30.81 8.63
N LEU C 19 42.27 -30.96 8.12
CA LEU C 19 41.36 -32.01 8.56
C LEU C 19 42.11 -33.36 8.63
N SER C 20 42.95 -33.61 7.62
CA SER C 20 43.67 -34.86 7.58
C SER C 20 44.72 -34.91 8.65
N ALA C 21 45.45 -33.81 8.81
CA ALA C 21 46.57 -33.76 9.75
C ALA C 21 46.16 -33.53 11.20
N ASN C 22 45.16 -32.67 11.39
CA ASN C 22 44.77 -32.19 12.70
C ASN C 22 43.61 -32.97 13.30
N ASN C 23 42.69 -33.47 12.48
CA ASN C 23 41.53 -34.17 13.04
C ASN C 23 41.20 -35.54 12.42
N PRO C 24 42.06 -36.54 12.69
CA PRO C 24 41.89 -37.71 11.81
C PRO C 24 40.52 -38.41 11.89
N LEU C 25 39.90 -38.40 13.06
CA LEU C 25 38.63 -39.04 13.24
C LEU C 25 37.58 -38.36 12.36
N GLY C 26 37.58 -37.02 12.32
CA GLY C 26 36.69 -36.28 11.43
C GLY C 26 36.94 -36.55 9.96
N PHE C 27 38.21 -36.61 9.55
CA PHE C 27 38.57 -36.93 8.20
C PHE C 27 37.94 -38.29 7.78
N TRP C 28 38.03 -39.28 8.65
CA TRP C 28 37.50 -40.62 8.36
C TRP C 28 36.01 -40.69 8.38
N VAL C 29 35.36 -40.09 9.40
CA VAL C 29 33.91 -40.05 9.42
C VAL C 29 33.37 -39.34 8.16
N SER C 30 33.88 -38.14 7.86
CA SER C 30 33.45 -37.38 6.66
C SER C 30 33.61 -38.16 5.35
N SER C 31 34.73 -38.90 5.26
CA SER C 31 35.07 -39.78 4.16
C SER C 31 34.12 -40.97 4.02
N ALA C 32 33.88 -41.67 5.13
CA ALA C 32 32.88 -42.71 5.21
C ALA C 32 31.49 -42.15 4.81
N MET C 33 31.13 -40.96 5.33
CA MET C 33 29.91 -40.29 4.89
C MET C 33 29.75 -40.16 3.36
N ALA C 34 30.74 -39.64 2.67
CA ALA C 34 30.58 -39.49 1.23
C ALA C 34 30.31 -40.83 0.53
N GLY C 35 30.93 -41.92 1.00
CA GLY C 35 30.78 -43.24 0.39
C GLY C 35 29.38 -43.76 0.59
N ALA C 36 28.93 -43.72 1.84
CA ALA C 36 27.57 -44.06 2.16
C ALA C 36 26.56 -43.19 1.38
N TYR C 37 26.81 -41.89 1.23
CA TYR C 37 25.79 -41.03 0.54
C TYR C 37 25.65 -41.39 -0.95
N VAL C 38 26.78 -41.59 -1.60
CA VAL C 38 26.77 -42.05 -2.96
C VAL C 38 26.06 -43.39 -3.01
N GLY C 39 26.22 -44.23 -1.99
CA GLY C 39 25.65 -45.58 -2.09
C GLY C 39 24.15 -45.62 -1.93
N LEU C 40 23.66 -44.80 -1.01
CA LEU C 40 22.22 -44.59 -0.84
C LEU C 40 21.59 -44.23 -2.20
N GLY C 41 22.32 -43.44 -2.98
CA GLY C 41 21.86 -43.08 -4.31
C GLY C 41 21.94 -44.30 -5.24
N ILE C 42 23.04 -45.06 -5.17
CA ILE C 42 23.15 -46.35 -5.88
C ILE C 42 22.02 -47.35 -5.52
N ILE C 43 21.71 -47.52 -4.23
CA ILE C 43 20.55 -48.34 -3.86
C ILE C 43 19.30 -47.82 -4.56
N LEU C 44 19.12 -46.50 -4.59
CA LEU C 44 17.89 -45.93 -5.18
C LEU C 44 17.79 -46.23 -6.63
N ILE C 45 18.78 -45.82 -7.42
CA ILE C 45 18.68 -46.03 -8.86
C ILE C 45 18.59 -47.49 -9.31
N PHE C 46 19.27 -48.39 -8.59
CA PHE C 46 19.27 -49.80 -8.95
C PHE C 46 17.91 -50.46 -8.62
N THR C 47 17.26 -50.02 -7.55
CA THR C 47 15.95 -50.53 -7.17
C THR C 47 14.96 -50.09 -8.25
N LEU C 48 15.06 -48.83 -8.69
CA LEU C 48 14.16 -48.34 -9.75
C LEU C 48 14.46 -49.03 -11.07
N GLY C 49 15.76 -49.13 -11.40
CA GLY C 49 16.15 -49.72 -12.67
C GLY C 49 15.71 -51.16 -12.84
N ASN C 50 15.67 -51.87 -11.71
CA ASN C 50 15.36 -53.27 -11.76
C ASN C 50 13.93 -53.50 -12.19
N LEU C 51 13.08 -52.48 -12.08
CA LEU C 51 11.67 -52.65 -12.49
C LEU C 51 11.39 -52.14 -13.90
N LEU C 52 12.40 -51.72 -14.62
CA LEU C 52 12.15 -51.12 -15.92
C LEU C 52 12.81 -51.89 -17.11
N ASP C 53 12.15 -51.77 -18.27
CA ASP C 53 12.72 -52.09 -19.58
C ASP C 53 14.08 -51.49 -19.70
N PRO C 54 15.01 -52.24 -20.30
CA PRO C 54 16.26 -51.65 -20.72
C PRO C 54 16.14 -50.29 -21.36
N SER C 55 15.13 -50.05 -22.18
CA SER C 55 15.16 -48.83 -23.00
C SER C 55 14.85 -47.53 -22.18
N VAL C 56 14.31 -47.70 -20.95
CA VAL C 56 14.05 -46.58 -20.03
C VAL C 56 14.90 -46.60 -18.78
N ARG C 57 15.69 -47.65 -18.56
CA ARG C 57 16.70 -47.67 -17.46
C ARG C 57 17.63 -46.47 -17.41
N PRO C 58 18.33 -46.16 -18.54
CA PRO C 58 19.26 -45.04 -18.46
C PRO C 58 18.62 -43.68 -18.06
N LEU C 59 17.46 -43.37 -18.63
CA LEU C 59 16.73 -42.17 -18.35
C LEU C 59 16.29 -42.08 -16.86
N VAL C 60 15.63 -43.12 -16.38
CA VAL C 60 15.08 -43.09 -15.01
C VAL C 60 16.21 -43.23 -13.95
N MET C 61 17.12 -44.18 -14.15
CA MET C 61 18.37 -44.21 -13.32
C MET C 61 19.19 -42.90 -13.36
N GLY C 62 19.34 -42.30 -14.55
CA GLY C 62 20.02 -41.04 -14.63
C GLY C 62 19.32 -39.89 -13.97
N ALA C 63 18.03 -39.72 -14.28
CA ALA C 63 17.20 -38.68 -13.62
C ALA C 63 17.05 -38.84 -12.08
N THR C 64 17.34 -40.01 -11.53
CA THR C 64 17.09 -40.13 -10.07
C THR C 64 18.39 -40.27 -9.30
N PHE C 65 19.51 -40.13 -10.02
CA PHE C 65 20.82 -40.26 -9.32
C PHE C 65 21.33 -39.00 -8.61
N GLY C 66 20.78 -37.84 -9.00
CA GLY C 66 21.14 -36.56 -8.40
C GLY C 66 21.30 -36.54 -6.90
N ILE C 67 20.53 -37.35 -6.19
CA ILE C 67 20.62 -37.35 -4.71
C ILE C 67 22.03 -37.63 -4.25
N ALA C 68 22.78 -38.41 -5.03
CA ALA C 68 24.10 -38.85 -4.58
C ALA C 68 25.06 -37.68 -4.34
N LEU C 69 25.33 -36.84 -5.35
CA LEU C 69 26.26 -35.73 -5.17
C LEU C 69 25.57 -34.63 -4.41
N THR C 70 24.23 -34.66 -4.38
CA THR C 70 23.49 -33.64 -3.62
C THR C 70 23.80 -33.81 -2.12
N LEU C 71 23.76 -35.06 -1.65
CA LEU C 71 24.04 -35.35 -0.25
C LEU C 71 25.51 -34.97 0.05
N VAL C 72 26.42 -35.39 -0.83
CA VAL C 72 27.83 -35.24 -0.63
C VAL C 72 28.14 -33.75 -0.45
N ILE C 73 27.60 -32.90 -1.32
CA ILE C 73 27.92 -31.49 -1.30
C ILE C 73 27.07 -30.69 -0.27
N ILE C 74 25.77 -30.93 -0.20
CA ILE C 74 24.92 -30.10 0.65
C ILE C 74 24.94 -30.55 2.14
N ALA C 75 24.98 -31.84 2.38
CA ALA C 75 25.00 -32.31 3.73
C ALA C 75 26.42 -32.19 4.31
N GLY C 76 27.43 -32.44 3.49
CA GLY C 76 28.80 -32.23 3.85
C GLY C 76 29.41 -33.60 4.06
N SER C 77 30.62 -33.78 3.55
CA SER C 77 31.32 -35.07 3.47
C SER C 77 32.57 -34.85 2.56
N GLU C 78 33.40 -35.88 2.43
CA GLU C 78 34.65 -35.77 1.67
C GLU C 78 34.71 -36.86 0.61
N LEU C 79 34.72 -36.43 -0.64
CA LEU C 79 34.60 -37.32 -1.74
C LEU C 79 35.84 -37.32 -2.64
N PHE C 80 36.42 -38.51 -2.78
CA PHE C 80 37.67 -38.73 -3.42
C PHE C 80 37.71 -38.14 -4.80
N THR C 81 36.74 -38.47 -5.62
CA THR C 81 36.70 -37.92 -6.96
C THR C 81 36.68 -36.39 -6.97
N GLY C 82 36.11 -35.78 -5.92
CA GLY C 82 36.12 -34.32 -5.70
C GLY C 82 37.50 -33.77 -5.34
N HIS C 83 38.18 -34.48 -4.45
CA HIS C 83 39.51 -34.08 -4.07
C HIS C 83 40.46 -34.02 -5.25
N THR C 84 40.25 -34.86 -6.27
CA THR C 84 41.19 -34.90 -7.36
C THR C 84 41.30 -33.50 -7.98
N MET C 85 40.14 -32.84 -8.06
CA MET C 85 40.07 -31.45 -8.50
C MET C 85 40.55 -30.41 -7.45
N PHE C 86 40.05 -30.49 -6.21
CA PHE C 86 40.39 -29.47 -5.25
C PHE C 86 41.88 -29.47 -4.96
N LEU C 87 42.46 -30.66 -4.78
CA LEU C 87 43.83 -30.79 -4.34
C LEU C 87 44.81 -30.30 -5.38
N THR C 88 44.52 -30.61 -6.65
CA THR C 88 45.31 -30.10 -7.78
C THR C 88 45.40 -28.59 -7.69
N LEU C 89 44.23 -27.95 -7.61
CA LEU C 89 44.13 -26.49 -7.48
C LEU C 89 44.85 -25.92 -6.24
N GLY C 90 44.74 -26.60 -5.10
CA GLY C 90 45.53 -26.22 -3.94
C GLY C 90 47.04 -26.28 -4.15
N VAL C 91 47.49 -27.36 -4.79
CA VAL C 91 48.90 -27.49 -5.21
C VAL C 91 49.26 -26.33 -6.14
N LYS C 92 48.44 -26.10 -7.18
CA LYS C 92 48.81 -25.06 -8.14
C LYS C 92 48.71 -23.62 -7.59
N ALA C 93 47.71 -23.32 -6.74
CA ALA C 93 47.63 -21.98 -6.12
C ALA C 93 48.69 -21.78 -5.01
N GLY C 94 49.28 -22.90 -4.56
CA GLY C 94 50.30 -22.90 -3.51
C GLY C 94 49.83 -23.18 -2.08
N THR C 95 48.57 -23.56 -1.88
CA THR C 95 48.06 -23.60 -0.50
C THR C 95 48.34 -24.94 0.17
N ILE C 96 48.73 -25.93 -0.64
CA ILE C 96 49.14 -27.23 -0.16
C ILE C 96 50.37 -27.67 -1.01
N SER C 97 51.12 -28.68 -0.56
CA SER C 97 52.23 -29.23 -1.36
C SER C 97 51.76 -30.40 -2.22
N HIS C 98 52.46 -30.67 -3.33
CA HIS C 98 52.32 -31.91 -4.13
C HIS C 98 52.26 -33.09 -3.19
N GLY C 99 53.11 -33.10 -2.16
CA GLY C 99 53.18 -34.18 -1.15
C GLY C 99 51.90 -34.42 -0.38
N GLN C 100 51.33 -33.36 0.20
CA GLN C 100 50.02 -33.44 0.86
C GLN C 100 48.94 -34.00 -0.08
N MET C 101 49.00 -33.62 -1.35
CA MET C 101 47.99 -34.06 -2.33
C MET C 101 48.00 -35.58 -2.45
N TRP C 102 49.17 -36.14 -2.73
CA TRP C 102 49.22 -37.56 -2.92
C TRP C 102 49.13 -38.33 -1.61
N ALA C 103 49.42 -37.70 -0.47
CA ALA C 103 49.14 -38.34 0.83
C ALA C 103 47.63 -38.40 1.20
N ILE C 104 46.86 -37.36 0.82
CA ILE C 104 45.40 -37.27 1.12
C ILE C 104 44.57 -38.25 0.26
N LEU C 105 44.84 -38.29 -1.05
CA LEU C 105 43.97 -38.98 -1.99
C LEU C 105 43.66 -40.45 -1.66
N PRO C 106 44.69 -41.28 -1.41
CA PRO C 106 44.35 -42.63 -1.01
C PRO C 106 43.59 -42.68 0.34
N GLN C 107 43.76 -41.69 1.21
CA GLN C 107 42.95 -41.68 2.46
C GLN C 107 41.44 -41.48 2.15
N THR C 108 41.14 -40.54 1.27
CA THR C 108 39.78 -40.26 0.93
C THR C 108 39.17 -41.48 0.26
N TRP C 109 39.88 -42.03 -0.71
CA TRP C 109 39.50 -43.28 -1.35
C TRP C 109 39.10 -44.38 -0.38
N LEU C 110 39.95 -44.67 0.62
CA LEU C 110 39.69 -45.71 1.63
C LEU C 110 38.51 -45.40 2.50
N GLY C 111 38.39 -44.14 2.94
CA GLY C 111 37.24 -43.70 3.76
C GLY C 111 35.90 -43.93 3.06
N ASN C 112 35.87 -43.53 1.79
CA ASN C 112 34.73 -43.72 0.91
C ASN C 112 34.33 -45.21 0.82
N LEU C 113 35.31 -46.09 0.55
CA LEU C 113 35.14 -47.54 0.55
C LEU C 113 34.45 -48.00 1.85
N VAL C 114 34.95 -47.55 3.00
CA VAL C 114 34.35 -47.93 4.30
C VAL C 114 32.87 -47.58 4.37
N GLY C 115 32.53 -46.35 3.99
CA GLY C 115 31.15 -45.96 3.91
C GLY C 115 30.35 -46.71 2.84
N SER C 116 30.97 -46.97 1.70
CA SER C 116 30.32 -47.73 0.63
C SER C 116 30.03 -49.15 1.06
N VAL C 117 31.01 -49.78 1.69
CA VAL C 117 30.83 -51.15 2.14
C VAL C 117 29.81 -51.12 3.29
N PHE C 118 29.88 -50.08 4.10
CA PHE C 118 28.97 -49.96 5.24
C PHE C 118 27.47 -49.85 4.87
N VAL C 119 27.15 -48.97 3.91
CA VAL C 119 25.78 -48.80 3.45
C VAL C 119 25.22 -50.07 2.73
N ALA C 120 26.05 -50.72 1.91
CA ALA C 120 25.71 -52.04 1.32
C ALA C 120 25.38 -53.11 2.39
N LEU C 121 26.16 -53.19 3.47
CA LEU C 121 25.89 -54.11 4.59
C LEU C 121 24.56 -53.86 5.26
N LEU C 122 24.31 -52.60 5.65
CA LEU C 122 23.03 -52.25 6.25
C LEU C 122 21.87 -52.67 5.38
N TYR C 123 22.03 -52.41 4.06
CA TYR C 123 21.00 -52.76 3.09
C TYR C 123 20.77 -54.29 3.09
N SER C 124 21.88 -55.02 3.21
CA SER C 124 21.86 -56.45 3.26
C SER C 124 21.18 -56.96 4.53
N TRP C 125 21.54 -56.42 5.69
CA TRP C 125 20.83 -56.77 6.96
C TRP C 125 19.39 -56.35 6.92
N GLY C 126 19.11 -55.37 6.04
CA GLY C 126 17.78 -54.89 5.85
C GLY C 126 16.95 -55.67 4.84
N GLY C 127 17.36 -56.93 4.53
CA GLY C 127 16.63 -57.77 3.56
C GLY C 127 16.42 -57.04 2.22
N GLY C 128 17.30 -56.11 1.87
CA GLY C 128 17.24 -55.50 0.54
C GLY C 128 16.92 -56.49 -0.59
N SER C 129 15.87 -56.19 -1.33
CA SER C 129 15.31 -57.12 -2.26
C SER C 129 16.19 -57.32 -3.52
N LEU C 130 17.13 -56.41 -3.77
CA LEU C 130 18.02 -56.51 -4.91
C LEU C 130 19.15 -57.56 -4.77
N LEU C 131 19.43 -58.08 -3.55
CA LEU C 131 20.57 -58.98 -3.35
C LEU C 131 20.31 -60.47 -3.59
N PRO C 132 19.24 -61.03 -2.97
CA PRO C 132 19.05 -62.48 -3.07
C PRO C 132 18.62 -62.99 -4.43
N VAL C 133 18.22 -62.12 -5.37
CA VAL C 133 17.57 -62.57 -6.59
C VAL C 133 18.62 -62.58 -7.69
N ASP C 134 19.05 -63.76 -8.10
CA ASP C 134 20.16 -63.85 -9.06
C ASP C 134 19.99 -63.12 -10.42
N THR C 135 18.76 -62.75 -10.74
CA THR C 135 18.48 -62.09 -11.99
C THR C 135 18.50 -60.58 -11.87
N SER C 136 18.86 -60.07 -10.68
CA SER C 136 18.73 -58.62 -10.46
C SER C 136 19.74 -57.78 -11.27
N ILE C 137 19.39 -56.56 -11.62
CA ILE C 137 20.34 -55.80 -12.43
C ILE C 137 21.59 -55.44 -11.60
N VAL C 138 21.53 -55.62 -10.28
CA VAL C 138 22.73 -55.39 -9.49
C VAL C 138 23.83 -56.39 -9.89
N HIS C 139 23.47 -57.65 -10.05
CA HIS C 139 24.43 -58.70 -10.36
C HIS C 139 24.93 -58.62 -11.76
N SER C 140 24.04 -58.29 -12.70
CA SER C 140 24.40 -58.23 -14.08
C SER C 140 25.25 -57.03 -14.43
N VAL C 141 24.86 -55.83 -13.97
CA VAL C 141 25.70 -54.64 -14.20
C VAL C 141 27.08 -54.76 -13.49
N ALA C 142 27.07 -55.17 -12.21
CA ALA C 142 28.32 -55.39 -11.51
C ALA C 142 29.20 -56.39 -12.24
N LEU C 143 28.65 -57.53 -12.74
CA LEU C 143 29.42 -58.43 -13.63
C LEU C 143 30.04 -57.74 -14.85
N ALA C 144 29.25 -57.06 -15.66
CA ALA C 144 29.78 -56.40 -16.85
C ALA C 144 30.86 -55.33 -16.51
N LYS C 145 30.72 -54.67 -15.38
CA LYS C 145 31.68 -53.64 -14.99
C LYS C 145 33.05 -54.21 -14.63
N THR C 146 33.03 -55.41 -14.01
CA THR C 146 34.25 -56.14 -13.66
C THR C 146 35.02 -56.76 -14.81
N THR C 147 34.38 -57.02 -15.96
CA THR C 147 35.10 -57.71 -17.04
C THR C 147 35.29 -56.84 -18.29
N ALA C 148 34.89 -55.58 -18.22
CA ALA C 148 35.19 -54.64 -19.30
C ALA C 148 36.73 -54.41 -19.36
N PRO C 149 37.28 -54.16 -20.56
CA PRO C 149 38.73 -53.93 -20.53
C PRO C 149 39.21 -52.58 -19.94
N ALA C 150 40.49 -52.54 -19.56
CA ALA C 150 41.10 -51.38 -18.91
C ALA C 150 40.90 -50.06 -19.66
N THR C 151 41.11 -50.05 -20.97
CA THR C 151 41.06 -48.82 -21.75
C THR C 151 39.67 -48.25 -21.69
N VAL C 152 38.69 -49.14 -21.91
CA VAL C 152 37.30 -48.76 -21.93
C VAL C 152 36.93 -48.18 -20.56
N LEU C 153 37.33 -48.88 -19.49
CA LEU C 153 37.00 -48.44 -18.14
C LEU C 153 37.70 -47.11 -17.80
N PHE C 154 38.96 -46.99 -18.22
CA PHE C 154 39.73 -45.74 -18.02
C PHE C 154 39.01 -44.53 -18.59
N PHE C 155 38.66 -44.62 -19.87
CA PHE C 155 38.06 -43.49 -20.54
C PHE C 155 36.63 -43.22 -20.10
N LYS C 156 35.90 -44.26 -19.72
CA LYS C 156 34.60 -44.02 -19.08
C LYS C 156 34.73 -43.34 -17.72
N GLY C 157 35.79 -43.70 -16.98
CA GLY C 157 36.14 -43.06 -15.69
C GLY C 157 36.53 -41.61 -15.93
N ALA C 158 37.22 -41.34 -17.04
CA ALA C 158 37.62 -39.96 -17.33
C ALA C 158 36.36 -39.14 -17.58
N LEU C 159 35.50 -39.65 -18.48
CA LEU C 159 34.27 -38.94 -18.84
C LEU C 159 33.33 -38.76 -17.61
N CYS C 160 33.23 -39.78 -16.77
CA CYS C 160 32.41 -39.64 -15.53
C CYS C 160 32.85 -38.45 -14.63
N ASN C 161 34.10 -38.49 -14.22
CA ASN C 161 34.59 -37.44 -13.32
C ASN C 161 34.73 -36.02 -13.92
N TRP C 162 34.80 -35.88 -15.24
CA TRP C 162 34.67 -34.56 -15.88
C TRP C 162 33.36 -33.97 -15.46
N LEU C 163 32.28 -34.65 -15.87
CA LEU C 163 30.93 -34.33 -15.42
C LEU C 163 30.70 -34.17 -13.89
N VAL C 164 31.17 -35.10 -13.08
CA VAL C 164 30.93 -34.96 -11.64
C VAL C 164 31.70 -33.77 -11.07
N CYS C 165 32.93 -33.55 -11.57
CA CYS C 165 33.66 -32.33 -11.19
C CYS C 165 32.98 -31.06 -11.72
N LEU C 166 32.43 -31.14 -12.95
CA LEU C 166 31.70 -30.00 -13.49
C LEU C 166 30.53 -29.63 -12.53
N ALA C 167 29.91 -30.64 -11.91
CA ALA C 167 28.81 -30.39 -10.95
C ALA C 167 29.36 -29.66 -9.75
N ILE C 168 30.48 -30.18 -9.22
CA ILE C 168 31.16 -29.61 -8.10
C ILE C 168 31.52 -28.14 -8.38
N TRP C 169 32.17 -27.92 -9.51
CA TRP C 169 32.55 -26.59 -9.99
C TRP C 169 31.35 -25.67 -10.10
N MET C 170 30.30 -26.12 -10.80
CA MET C 170 29.10 -25.30 -11.02
C MET C 170 28.35 -25.00 -9.71
N ALA C 171 28.26 -25.99 -8.79
CA ALA C 171 27.63 -25.73 -7.48
C ALA C 171 28.37 -24.59 -6.71
N ILE C 172 29.70 -24.53 -6.88
CA ILE C 172 30.49 -23.49 -6.18
C ILE C 172 30.23 -22.18 -6.82
N ARG C 173 30.11 -22.16 -8.15
CA ARG C 173 29.84 -20.88 -8.83
C ARG C 173 28.39 -20.38 -8.72
N THR C 174 27.49 -21.14 -8.09
CA THR C 174 26.09 -20.74 -8.02
C THR C 174 25.48 -20.80 -6.59
N GLU C 175 24.21 -20.42 -6.49
CA GLU C 175 23.57 -20.30 -5.19
C GLU C 175 22.24 -21.05 -5.09
N GLY C 176 21.82 -21.35 -3.85
CA GLY C 176 20.56 -22.03 -3.59
C GLY C 176 20.25 -23.17 -4.55
N THR C 177 19.13 -23.08 -5.24
CA THR C 177 18.59 -24.21 -6.03
C THR C 177 19.40 -24.48 -7.28
N ALA C 178 20.05 -23.45 -7.79
CA ALA C 178 20.93 -23.64 -8.93
C ALA C 178 21.94 -24.73 -8.63
N LYS C 179 22.30 -24.87 -7.36
CA LYS C 179 23.25 -25.91 -6.96
C LYS C 179 22.69 -27.29 -7.24
N PHE C 180 21.44 -27.52 -6.80
CA PHE C 180 20.75 -28.83 -6.94
C PHE C 180 20.58 -29.16 -8.43
N LEU C 181 20.38 -28.17 -9.29
CA LEU C 181 20.16 -28.40 -10.73
C LEU C 181 21.41 -28.75 -11.47
N ALA C 182 22.51 -28.08 -11.12
CA ALA C 182 23.75 -28.35 -11.77
C ALA C 182 24.11 -29.79 -11.46
N ILE C 183 23.91 -30.18 -10.21
CA ILE C 183 24.24 -31.53 -9.77
C ILE C 183 23.40 -32.53 -10.51
N TRP C 184 22.09 -32.25 -10.51
CA TRP C 184 21.12 -33.07 -11.22
C TRP C 184 21.55 -33.40 -12.65
N TRP C 185 21.88 -32.34 -13.42
CA TRP C 185 22.20 -32.40 -14.84
C TRP C 185 23.33 -33.37 -15.08
N CYS C 186 24.38 -33.18 -14.31
CA CYS C 186 25.65 -33.84 -14.53
C CYS C 186 25.57 -35.33 -14.16
N LEU C 187 24.87 -35.63 -13.05
CA LEU C 187 24.64 -37.02 -12.64
C LEU C 187 23.72 -37.71 -13.66
N LEU C 188 22.77 -36.99 -14.23
CA LEU C 188 21.94 -37.61 -15.24
C LEU C 188 22.84 -37.92 -16.45
N ALA C 189 23.69 -36.95 -16.87
CA ALA C 189 24.49 -37.11 -18.09
C ALA C 189 25.46 -38.27 -17.91
N PHE C 190 26.04 -38.38 -16.72
CA PHE C 190 27.10 -39.41 -16.55
C PHE C 190 26.53 -40.85 -16.51
N ILE C 191 25.46 -41.05 -15.71
CA ILE C 191 24.76 -42.36 -15.58
C ILE C 191 24.20 -42.78 -16.95
N ALA C 192 23.34 -41.96 -17.57
CA ALA C 192 22.69 -42.31 -18.82
C ALA C 192 23.69 -42.52 -19.98
N SER C 193 24.78 -41.77 -20.01
CA SER C 193 25.78 -41.94 -21.03
C SER C 193 26.62 -43.18 -20.85
N GLY C 194 26.48 -43.92 -19.75
CA GLY C 194 27.32 -45.12 -19.53
C GLY C 194 28.68 -44.93 -18.81
N TYR C 195 28.94 -43.75 -18.23
CA TYR C 195 30.30 -43.54 -17.63
C TYR C 195 30.49 -44.11 -16.25
N GLU C 196 31.72 -44.15 -15.77
CA GLU C 196 32.06 -44.95 -14.58
C GLU C 196 32.55 -44.10 -13.40
N HIS C 197 31.84 -44.18 -12.27
CA HIS C 197 32.25 -43.57 -11.00
C HIS C 197 32.86 -44.59 -10.02
N SER C 198 34.15 -44.42 -9.71
CA SER C 198 34.85 -45.33 -8.76
C SER C 198 34.08 -45.54 -7.47
N VAL C 199 33.69 -44.42 -6.88
CA VAL C 199 33.09 -44.47 -5.54
C VAL C 199 31.68 -45.09 -5.60
N ALA C 200 30.89 -44.74 -6.63
CA ALA C 200 29.57 -45.36 -6.75
C ALA C 200 29.70 -46.86 -6.99
N ASN C 201 30.69 -47.24 -7.79
CA ASN C 201 31.00 -48.65 -8.00
C ASN C 201 31.35 -49.38 -6.70
N MET C 202 32.06 -48.73 -5.79
CA MET C 202 32.35 -49.38 -4.51
C MET C 202 31.03 -49.86 -3.82
N THR C 203 29.98 -49.04 -3.87
CA THR C 203 28.68 -49.50 -3.41
C THR C 203 28.06 -50.61 -4.26
N LEU C 204 28.03 -50.43 -5.57
CA LEU C 204 27.43 -51.44 -6.41
C LEU C 204 28.14 -52.81 -6.22
N PHE C 205 29.47 -52.81 -6.29
CA PHE C 205 30.24 -54.04 -6.09
C PHE C 205 29.97 -54.74 -4.73
N ALA C 206 29.83 -53.95 -3.66
CA ALA C 206 29.57 -54.55 -2.33
C ALA C 206 28.13 -55.18 -2.24
N LEU C 207 27.17 -54.51 -2.87
CA LEU C 207 25.83 -55.06 -3.06
C LEU C 207 25.86 -56.42 -3.82
N SER C 208 26.57 -56.47 -4.93
CA SER C 208 26.63 -57.71 -5.68
C SER C 208 27.37 -58.79 -4.89
N TRP C 209 28.46 -58.38 -4.21
CA TRP C 209 29.25 -59.28 -3.44
C TRP C 209 28.45 -59.89 -2.32
N PHE C 210 27.65 -59.08 -1.63
CA PHE C 210 26.81 -59.61 -0.53
C PHE C 210 25.54 -60.39 -0.98
N GLY C 211 25.19 -60.40 -2.27
CA GLY C 211 24.00 -61.15 -2.70
C GLY C 211 24.37 -62.43 -3.44
N HIS C 212 23.42 -63.08 -4.10
CA HIS C 212 23.65 -64.20 -5.01
C HIS C 212 24.18 -63.75 -6.35
N HIS C 213 25.45 -63.40 -6.36
CA HIS C 213 26.12 -62.97 -7.57
C HIS C 213 26.61 -64.10 -8.44
N SER C 214 26.92 -63.75 -9.67
CA SER C 214 27.44 -64.70 -10.66
C SER C 214 28.72 -65.38 -10.14
N ASP C 215 28.90 -66.66 -10.48
CA ASP C 215 30.12 -67.34 -10.07
C ASP C 215 31.30 -66.74 -10.86
N ALA C 216 30.96 -65.93 -11.88
CA ALA C 216 31.97 -65.30 -12.75
C ALA C 216 32.51 -63.97 -12.21
N TYR C 217 31.86 -63.47 -11.14
CA TYR C 217 32.12 -62.19 -10.50
C TYR C 217 33.06 -62.32 -9.34
N THR C 218 34.24 -61.70 -9.42
CA THR C 218 35.31 -61.98 -8.42
C THR C 218 35.85 -60.74 -7.78
N LEU C 219 36.54 -60.88 -6.65
CA LEU C 219 37.31 -59.80 -6.02
C LEU C 219 38.40 -59.15 -6.95
N ALA C 220 39.13 -59.99 -7.64
CA ALA C 220 39.99 -59.63 -8.80
C ALA C 220 39.23 -58.76 -9.86
N GLY C 221 38.02 -59.19 -10.29
CA GLY C 221 37.19 -58.36 -11.18
C GLY C 221 36.83 -57.01 -10.55
N ILE C 222 36.41 -57.01 -9.29
CA ILE C 222 36.15 -55.76 -8.59
C ILE C 222 37.42 -54.88 -8.61
N GLY C 223 38.59 -55.52 -8.35
CA GLY C 223 39.90 -54.83 -8.31
C GLY C 223 40.25 -54.22 -9.66
N HIS C 224 40.06 -55.00 -10.73
CA HIS C 224 40.29 -54.54 -12.09
C HIS C 224 39.52 -53.29 -12.41
N ASN C 225 38.22 -53.30 -12.07
CA ASN C 225 37.37 -52.14 -12.30
C ASN C 225 37.72 -50.93 -11.45
N LEU C 226 37.69 -51.06 -10.14
CA LEU C 226 38.06 -49.94 -9.26
C LEU C 226 39.42 -49.38 -9.60
N LEU C 227 40.34 -50.21 -10.09
CA LEU C 227 41.68 -49.69 -10.43
C LEU C 227 41.58 -48.70 -11.60
N TRP C 228 41.18 -49.21 -12.77
CA TRP C 228 41.09 -48.37 -13.97
C TRP C 228 40.10 -47.26 -13.94
N VAL C 229 38.93 -47.51 -13.33
CA VAL C 229 37.98 -46.41 -13.09
C VAL C 229 38.62 -45.30 -12.23
N THR C 230 39.38 -45.66 -11.18
CA THR C 230 39.92 -44.65 -10.26
C THR C 230 40.92 -43.81 -11.03
N LEU C 231 41.81 -44.48 -11.76
CA LEU C 231 42.82 -43.79 -12.53
C LEU C 231 42.17 -42.80 -13.52
N GLY C 232 41.10 -43.28 -14.16
CA GLY C 232 40.27 -42.50 -15.09
C GLY C 232 39.67 -41.27 -14.46
N ASN C 233 39.03 -41.46 -13.31
CA ASN C 233 38.41 -40.40 -12.56
C ASN C 233 39.45 -39.33 -12.28
N THR C 234 40.67 -39.80 -12.01
CA THR C 234 41.76 -38.96 -11.57
C THR C 234 42.26 -38.09 -12.71
N LEU C 235 42.42 -38.68 -13.90
CA LEU C 235 42.84 -37.92 -15.09
C LEU C 235 41.97 -36.69 -15.31
N SER C 236 40.64 -36.88 -15.32
CA SER C 236 39.73 -35.73 -15.58
C SER C 236 39.66 -34.71 -14.46
N GLY C 237 39.68 -35.17 -13.21
CA GLY C 237 39.72 -34.30 -12.04
C GLY C 237 40.93 -33.37 -12.06
N VAL C 238 42.11 -33.96 -12.24
CA VAL C 238 43.36 -33.24 -12.21
C VAL C 238 43.56 -32.39 -13.50
N VAL C 239 43.40 -32.99 -14.67
CA VAL C 239 43.86 -32.37 -15.93
C VAL C 239 42.78 -31.58 -16.65
N PHE C 240 41.62 -32.19 -16.89
CA PHE C 240 40.56 -31.46 -17.61
C PHE C 240 39.98 -30.36 -16.72
N MET C 241 39.76 -30.68 -15.44
CA MET C 241 39.18 -29.69 -14.50
C MET C 241 40.18 -28.84 -13.72
N GLY C 242 41.05 -29.47 -12.92
CA GLY C 242 42.04 -28.69 -12.13
C GLY C 242 42.98 -27.85 -13.01
N LEU C 243 43.79 -28.52 -13.85
CA LEU C 243 44.69 -27.81 -14.77
C LEU C 243 43.95 -27.02 -15.86
N GLY C 244 42.96 -27.65 -16.48
CA GLY C 244 42.10 -26.99 -17.46
C GLY C 244 41.64 -25.60 -17.06
N TYR C 245 40.97 -25.48 -15.90
CA TYR C 245 40.59 -24.12 -15.47
C TYR C 245 41.75 -23.21 -15.04
N TRP C 246 42.79 -23.79 -14.45
CA TRP C 246 44.01 -23.03 -14.14
C TRP C 246 44.55 -22.30 -15.36
N TYR C 247 44.66 -22.99 -16.50
CA TYR C 247 45.15 -22.33 -17.71
C TYR C 247 44.17 -21.46 -18.52
N ALA C 248 42.89 -21.54 -18.17
CA ALA C 248 41.84 -20.75 -18.81
C ALA C 248 41.78 -19.31 -18.28
N THR C 249 42.42 -19.06 -17.14
CA THR C 249 42.37 -17.72 -16.55
C THR C 249 43.42 -16.76 -17.10
N PRO C 250 43.04 -15.48 -17.29
CA PRO C 250 44.07 -14.52 -17.68
C PRO C 250 44.76 -13.90 -16.46
N PHE D 2 16.89 -1.93 -22.90
CA PHE D 2 17.91 -3.06 -22.86
C PHE D 2 19.37 -2.58 -22.88
N THR D 3 19.62 -1.31 -22.54
CA THR D 3 20.98 -0.79 -22.54
C THR D 3 21.88 -1.55 -21.54
N ASP D 4 21.40 -1.90 -20.35
CA ASP D 4 22.17 -2.77 -19.45
C ASP D 4 22.64 -4.12 -20.03
N THR D 5 21.71 -4.83 -20.68
CA THR D 5 22.05 -6.11 -21.29
C THR D 5 23.04 -5.90 -22.46
N ILE D 6 22.76 -4.91 -23.31
CA ILE D 6 23.72 -4.52 -24.38
C ILE D 6 25.14 -4.19 -23.87
N ASN D 7 25.27 -3.29 -22.89
CA ASN D 7 26.59 -3.02 -22.22
C ASN D 7 27.28 -4.28 -21.66
N LYS D 8 26.55 -5.18 -20.98
CA LYS D 8 27.16 -6.43 -20.48
C LYS D 8 27.68 -7.32 -21.60
N CYS D 9 26.91 -7.44 -22.68
CA CYS D 9 27.41 -8.12 -23.87
C CYS D 9 28.66 -7.45 -24.50
N ALA D 10 28.65 -6.11 -24.57
CA ALA D 10 29.76 -5.29 -25.06
C ALA D 10 30.98 -5.41 -24.17
N ALA D 11 30.76 -5.38 -22.86
CA ALA D 11 31.86 -5.66 -21.90
C ALA D 11 32.44 -7.08 -22.14
N ASN D 12 31.56 -8.03 -22.46
CA ASN D 12 31.99 -9.38 -22.76
C ASN D 12 32.80 -9.51 -24.09
N ALA D 13 32.34 -8.88 -25.17
CA ALA D 13 33.11 -8.82 -26.42
C ALA D 13 34.57 -8.32 -26.21
N ALA D 14 34.71 -7.26 -25.39
CA ALA D 14 36.03 -6.69 -25.06
C ALA D 14 36.84 -7.68 -24.22
N ARG D 15 36.16 -8.46 -23.35
CA ARG D 15 36.85 -9.53 -22.56
C ARG D 15 37.37 -10.69 -23.44
N ILE D 16 36.50 -11.24 -24.29
CA ILE D 16 36.88 -12.20 -25.36
C ILE D 16 38.12 -11.75 -26.15
N ALA D 17 38.14 -10.49 -26.58
CA ALA D 17 39.31 -9.93 -27.30
C ALA D 17 40.61 -9.92 -26.47
N ARG D 18 40.56 -9.46 -25.23
CA ARG D 18 41.75 -9.42 -24.35
C ARG D 18 42.25 -10.84 -24.10
N LEU D 19 41.32 -11.79 -23.94
CA LEU D 19 41.68 -13.18 -23.79
C LEU D 19 42.40 -13.66 -25.07
N SER D 20 41.82 -13.33 -26.22
CA SER D 20 42.37 -13.75 -27.52
C SER D 20 43.80 -13.21 -27.73
N ALA D 21 43.99 -11.93 -27.41
CA ALA D 21 45.23 -11.22 -27.64
C ALA D 21 46.30 -11.41 -26.55
N ASN D 22 45.89 -11.33 -25.29
CA ASN D 22 46.79 -11.40 -24.14
C ASN D 22 46.98 -12.82 -23.59
N ASN D 23 45.95 -13.66 -23.67
CA ASN D 23 46.07 -15.01 -23.13
C ASN D 23 45.73 -16.18 -24.07
N PRO D 24 46.51 -16.34 -25.17
CA PRO D 24 46.22 -17.35 -26.20
C PRO D 24 45.92 -18.75 -25.65
N LEU D 25 46.75 -19.26 -24.76
CA LEU D 25 46.53 -20.54 -24.09
C LEU D 25 45.13 -20.61 -23.45
N GLY D 26 44.77 -19.55 -22.71
CA GLY D 26 43.48 -19.49 -22.01
C GLY D 26 42.32 -19.54 -22.96
N PHE D 27 42.47 -18.86 -24.08
CA PHE D 27 41.42 -18.75 -25.07
C PHE D 27 41.14 -20.12 -25.67
N TRP D 28 42.22 -20.81 -26.05
CA TRP D 28 42.09 -22.09 -26.72
C TRP D 28 41.51 -23.17 -25.83
N VAL D 29 42.00 -23.21 -24.58
CA VAL D 29 41.47 -24.12 -23.58
C VAL D 29 39.98 -23.83 -23.41
N SER D 30 39.67 -22.56 -23.20
CA SER D 30 38.29 -22.14 -23.02
C SER D 30 37.36 -22.40 -24.23
N SER D 31 37.87 -22.30 -25.45
CA SER D 31 37.07 -22.68 -26.62
C SER D 31 36.88 -24.20 -26.76
N ALA D 32 37.93 -24.96 -26.48
CA ALA D 32 37.88 -26.41 -26.56
C ALA D 32 36.87 -26.91 -25.52
N MET D 33 36.93 -26.32 -24.33
CA MET D 33 35.91 -26.58 -23.27
C MET D 33 34.44 -26.52 -23.77
N ALA D 34 34.05 -25.41 -24.40
CA ALA D 34 32.69 -25.25 -24.93
C ALA D 34 32.27 -26.40 -25.86
N GLY D 35 33.15 -26.79 -26.77
CA GLY D 35 32.89 -27.93 -27.67
C GLY D 35 32.76 -29.22 -26.88
N ALA D 36 33.63 -29.45 -25.91
CA ALA D 36 33.51 -30.69 -25.12
C ALA D 36 32.21 -30.75 -24.33
N TYR D 37 31.88 -29.60 -23.72
CA TYR D 37 30.66 -29.47 -22.93
C TYR D 37 29.39 -29.67 -23.77
N VAL D 38 29.28 -29.02 -24.94
CA VAL D 38 28.15 -29.27 -25.82
C VAL D 38 28.14 -30.76 -26.21
N GLY D 39 29.32 -31.28 -26.60
CA GLY D 39 29.45 -32.70 -26.93
C GLY D 39 29.00 -33.68 -25.84
N LEU D 40 29.32 -33.41 -24.59
CA LEU D 40 28.84 -34.29 -23.51
C LEU D 40 27.30 -34.36 -23.51
N GLY D 41 26.68 -33.24 -23.89
CA GLY D 41 25.25 -33.17 -24.00
C GLY D 41 24.72 -33.99 -25.17
N ILE D 42 25.40 -33.92 -26.30
CA ILE D 42 25.03 -34.67 -27.49
C ILE D 42 25.17 -36.18 -27.20
N ILE D 43 26.23 -36.57 -26.52
CA ILE D 43 26.34 -38.00 -26.19
C ILE D 43 25.16 -38.40 -25.31
N LEU D 44 24.82 -37.58 -24.31
CA LEU D 44 23.64 -37.85 -23.46
C LEU D 44 22.34 -38.02 -24.30
N ILE D 45 22.01 -37.05 -25.15
CA ILE D 45 20.73 -37.08 -25.82
C ILE D 45 20.56 -38.20 -26.86
N PHE D 46 21.67 -38.44 -27.62
CA PHE D 46 21.74 -39.58 -28.54
C PHE D 46 21.68 -40.93 -27.82
N THR D 47 22.38 -41.08 -26.70
CA THR D 47 22.24 -42.32 -25.89
C THR D 47 20.79 -42.59 -25.56
N LEU D 48 20.10 -41.55 -25.14
CA LEU D 48 18.72 -41.73 -24.68
C LEU D 48 17.84 -41.92 -25.92
N GLY D 49 17.98 -41.06 -26.94
CA GLY D 49 17.17 -41.21 -28.17
C GLY D 49 17.28 -42.58 -28.83
N ASN D 50 18.48 -43.17 -28.80
CA ASN D 50 18.78 -44.41 -29.53
C ASN D 50 17.98 -45.58 -29.03
N LEU D 51 17.57 -45.52 -27.76
CA LEU D 51 16.82 -46.60 -27.15
C LEU D 51 15.29 -46.44 -27.29
N LEU D 52 14.85 -45.26 -27.78
CA LEU D 52 13.45 -44.92 -27.68
C LEU D 52 12.73 -44.96 -29.01
N ASP D 53 11.42 -45.14 -28.96
CA ASP D 53 10.61 -45.07 -30.19
C ASP D 53 10.82 -43.70 -30.95
N PRO D 54 10.86 -43.71 -32.31
CA PRO D 54 11.04 -42.40 -33.03
C PRO D 54 10.10 -41.26 -32.58
N SER D 55 8.93 -41.59 -32.05
CA SER D 55 7.90 -40.57 -31.87
C SER D 55 8.14 -39.81 -30.56
N VAL D 56 9.07 -40.29 -29.75
CA VAL D 56 9.30 -39.61 -28.47
C VAL D 56 10.70 -39.03 -28.43
N ARG D 57 11.45 -39.22 -29.50
CA ARG D 57 12.84 -38.73 -29.52
C ARG D 57 12.91 -37.23 -29.42
N PRO D 58 12.16 -36.50 -30.28
CA PRO D 58 12.22 -35.04 -30.13
C PRO D 58 11.96 -34.52 -28.66
N LEU D 59 10.97 -35.10 -28.01
CA LEU D 59 10.59 -34.71 -26.70
C LEU D 59 11.69 -35.04 -25.68
N VAL D 60 12.19 -36.27 -25.69
CA VAL D 60 13.20 -36.62 -24.67
C VAL D 60 14.56 -35.99 -24.99
N MET D 61 14.96 -36.01 -26.25
CA MET D 61 16.24 -35.44 -26.58
C MET D 61 16.27 -33.91 -26.33
N GLY D 62 15.17 -33.22 -26.66
CA GLY D 62 15.09 -31.76 -26.41
C GLY D 62 15.10 -31.50 -24.91
N ALA D 63 14.33 -32.30 -24.14
CA ALA D 63 14.16 -32.09 -22.70
C ALA D 63 15.40 -32.33 -21.92
N THR D 64 16.32 -33.15 -22.47
CA THR D 64 17.53 -33.52 -21.75
C THR D 64 18.81 -32.89 -22.34
N PHE D 65 18.68 -32.11 -23.42
CA PHE D 65 19.89 -31.45 -23.98
C PHE D 65 20.40 -30.24 -23.17
N GLY D 66 19.59 -29.73 -22.25
CA GLY D 66 19.90 -28.43 -21.63
C GLY D 66 21.23 -28.35 -20.89
N ILE D 67 21.70 -29.48 -20.35
CA ILE D 67 23.03 -29.55 -19.77
C ILE D 67 24.07 -28.87 -20.69
N ALA D 68 23.91 -29.00 -21.99
CA ALA D 68 24.93 -28.56 -22.95
C ALA D 68 25.28 -27.10 -22.75
N LEU D 69 24.28 -26.23 -22.77
CA LEU D 69 24.56 -24.79 -22.62
C LEU D 69 24.72 -24.41 -21.15
N THR D 70 24.11 -25.14 -20.25
CA THR D 70 24.31 -24.93 -18.83
C THR D 70 25.77 -25.00 -18.42
N LEU D 71 26.45 -26.06 -18.83
CA LEU D 71 27.88 -26.21 -18.65
C LEU D 71 28.60 -24.99 -19.25
N VAL D 72 28.26 -24.66 -20.51
CA VAL D 72 28.94 -23.61 -21.26
C VAL D 72 28.85 -22.29 -20.51
N ILE D 73 27.64 -21.88 -20.14
CA ILE D 73 27.38 -20.64 -19.47
C ILE D 73 27.74 -20.67 -17.95
N ILE D 74 27.36 -21.69 -17.20
CA ILE D 74 27.58 -21.69 -15.75
C ILE D 74 29.01 -22.14 -15.37
N ALA D 75 29.53 -23.14 -16.06
CA ALA D 75 30.87 -23.67 -15.78
C ALA D 75 31.91 -22.69 -16.28
N GLY D 76 31.63 -22.07 -17.44
CA GLY D 76 32.47 -21.08 -18.05
C GLY D 76 33.24 -21.70 -19.20
N SER D 77 33.21 -21.02 -20.37
CA SER D 77 33.85 -21.46 -21.59
C SER D 77 33.57 -20.47 -22.78
N GLU D 78 34.07 -20.74 -23.98
CA GLU D 78 33.92 -19.75 -25.08
C GLU D 78 33.24 -20.40 -26.30
N LEU D 79 31.99 -20.01 -26.58
CA LEU D 79 31.12 -20.77 -27.53
C LEU D 79 30.89 -19.96 -28.82
N PHE D 80 31.44 -20.41 -29.95
CA PHE D 80 31.35 -19.65 -31.19
C PHE D 80 29.97 -19.02 -31.44
N THR D 81 28.94 -19.86 -31.33
CA THR D 81 27.57 -19.42 -31.62
C THR D 81 27.13 -18.26 -30.72
N GLY D 82 27.62 -18.25 -29.47
CA GLY D 82 27.45 -17.11 -28.57
C GLY D 82 28.28 -15.90 -29.00
N HIS D 83 29.50 -16.13 -29.48
CA HIS D 83 30.33 -15.01 -29.92
C HIS D 83 29.69 -14.20 -31.00
N THR D 84 28.88 -14.85 -31.83
CA THR D 84 28.31 -14.09 -32.97
C THR D 84 27.49 -12.94 -32.43
N MET D 85 26.82 -13.13 -31.27
CA MET D 85 26.03 -12.05 -30.68
C MET D 85 26.84 -11.05 -29.85
N PHE D 86 27.61 -11.55 -28.87
CA PHE D 86 28.48 -10.71 -28.06
C PHE D 86 29.33 -9.76 -28.92
N LEU D 87 29.93 -10.32 -29.98
CA LEU D 87 30.89 -9.59 -30.80
C LEU D 87 30.21 -8.54 -31.65
N THR D 88 29.02 -8.85 -32.18
CA THR D 88 28.16 -7.86 -32.84
C THR D 88 27.90 -6.66 -31.91
N LEU D 89 27.38 -6.94 -30.71
CA LEU D 89 27.11 -5.91 -29.69
C LEU D 89 28.35 -5.09 -29.29
N GLY D 90 29.49 -5.79 -29.14
CA GLY D 90 30.78 -5.16 -28.86
C GLY D 90 31.15 -4.19 -29.96
N VAL D 91 30.96 -4.62 -31.21
CA VAL D 91 31.26 -3.79 -32.42
C VAL D 91 30.33 -2.59 -32.43
N LYS D 92 29.02 -2.83 -32.34
CA LYS D 92 28.02 -1.76 -32.32
C LYS D 92 28.20 -0.72 -31.19
N ALA D 93 28.53 -1.17 -29.98
CA ALA D 93 28.85 -0.23 -28.87
C ALA D 93 30.23 0.48 -28.94
N GLY D 94 31.22 -0.11 -29.60
CA GLY D 94 32.56 0.53 -29.77
C GLY D 94 33.59 0.06 -28.76
N THR D 95 33.38 -1.11 -28.17
CA THR D 95 34.29 -1.64 -27.20
C THR D 95 35.35 -2.49 -27.92
N ILE D 96 34.99 -3.06 -29.07
CA ILE D 96 35.92 -3.77 -29.96
C ILE D 96 35.66 -3.26 -31.37
N SER D 97 36.48 -3.67 -32.35
CA SER D 97 36.31 -3.29 -33.80
C SER D 97 35.83 -4.44 -34.72
N HIS D 98 35.46 -4.10 -35.98
CA HIS D 98 35.00 -5.07 -37.02
C HIS D 98 36.05 -6.13 -37.26
N GLY D 99 37.27 -5.68 -37.52
CA GLY D 99 38.43 -6.55 -37.72
C GLY D 99 38.67 -7.53 -36.59
N GLN D 100 38.58 -7.06 -35.34
CA GLN D 100 38.72 -7.95 -34.17
C GLN D 100 37.61 -9.01 -34.16
N MET D 101 36.41 -8.62 -34.58
CA MET D 101 35.26 -9.55 -34.63
C MET D 101 35.52 -10.72 -35.57
N TRP D 102 35.77 -10.42 -36.83
CA TRP D 102 36.12 -11.42 -37.84
C TRP D 102 37.39 -12.19 -37.56
N ALA D 103 38.35 -11.64 -36.81
CA ALA D 103 39.55 -12.40 -36.46
C ALA D 103 39.31 -13.40 -35.29
N ILE D 104 38.49 -13.00 -34.33
CA ILE D 104 38.09 -13.87 -33.20
C ILE D 104 37.16 -15.05 -33.56
N LEU D 105 36.11 -14.81 -34.34
CA LEU D 105 35.11 -15.86 -34.65
C LEU D 105 35.66 -17.17 -35.19
N PRO D 106 36.52 -17.12 -36.24
CA PRO D 106 37.09 -18.38 -36.72
C PRO D 106 37.91 -19.07 -35.66
N GLN D 107 38.49 -18.31 -34.73
CA GLN D 107 39.29 -18.90 -33.66
C GLN D 107 38.38 -19.67 -32.73
N THR D 108 37.28 -19.05 -32.32
CA THR D 108 36.37 -19.73 -31.37
C THR D 108 35.83 -20.97 -32.06
N TRP D 109 35.56 -20.84 -33.36
CA TRP D 109 35.06 -21.95 -34.15
C TRP D 109 36.02 -23.13 -34.12
N LEU D 110 37.31 -22.87 -34.30
CA LEU D 110 38.31 -23.96 -34.30
C LEU D 110 38.51 -24.62 -32.92
N GLY D 111 38.53 -23.83 -31.86
CA GLY D 111 38.70 -24.35 -30.52
C GLY D 111 37.53 -25.24 -30.15
N ASN D 112 36.33 -24.79 -30.51
CA ASN D 112 35.10 -25.56 -30.30
C ASN D 112 35.23 -26.90 -30.99
N LEU D 113 35.80 -26.86 -32.19
CA LEU D 113 36.03 -28.08 -32.99
C LEU D 113 36.99 -29.04 -32.30
N VAL D 114 38.14 -28.55 -31.85
CA VAL D 114 39.09 -29.40 -31.15
C VAL D 114 38.42 -30.02 -29.95
N GLY D 115 37.65 -29.23 -29.19
CA GLY D 115 37.00 -29.75 -27.99
C GLY D 115 35.94 -30.79 -28.33
N SER D 116 35.24 -30.63 -29.45
CA SER D 116 34.22 -31.60 -29.88
C SER D 116 34.79 -32.97 -30.27
N VAL D 117 35.78 -32.90 -31.15
CA VAL D 117 36.55 -34.07 -31.59
C VAL D 117 37.15 -34.77 -30.35
N PHE D 118 37.60 -33.99 -29.38
CA PHE D 118 38.27 -34.54 -28.21
C PHE D 118 37.35 -35.39 -27.34
N VAL D 119 36.16 -34.87 -27.07
CA VAL D 119 35.16 -35.62 -26.31
C VAL D 119 34.64 -36.83 -27.10
N ALA D 120 34.45 -36.70 -28.42
CA ALA D 120 34.00 -37.86 -29.19
C ALA D 120 35.12 -38.93 -29.20
N LEU D 121 36.37 -38.48 -29.21
CA LEU D 121 37.48 -39.43 -29.13
C LEU D 121 37.53 -40.19 -27.80
N LEU D 122 37.41 -39.48 -26.69
CA LEU D 122 37.40 -40.10 -25.40
C LEU D 122 36.23 -41.10 -25.31
N TYR D 123 35.07 -40.75 -25.90
CA TYR D 123 33.85 -41.59 -25.80
C TYR D 123 34.09 -42.86 -26.57
N SER D 124 34.77 -42.68 -27.70
CA SER D 124 35.15 -43.79 -28.58
C SER D 124 36.18 -44.77 -27.91
N TRP D 125 37.23 -44.23 -27.28
CA TRP D 125 38.12 -45.07 -26.49
C TRP D 125 37.50 -45.68 -25.27
N GLY D 126 36.47 -45.02 -24.75
CA GLY D 126 35.72 -45.51 -23.59
C GLY D 126 34.67 -46.45 -24.10
N GLY D 127 34.78 -46.84 -25.37
CA GLY D 127 33.96 -47.91 -25.96
C GLY D 127 32.49 -47.61 -25.94
N GLY D 128 32.14 -46.37 -26.21
CA GLY D 128 30.74 -45.94 -26.19
C GLY D 128 29.80 -46.79 -27.07
N SER D 129 28.59 -47.01 -26.57
CA SER D 129 27.70 -47.97 -27.17
C SER D 129 27.00 -47.43 -28.43
N LEU D 130 26.97 -46.10 -28.60
CA LEU D 130 26.44 -45.47 -29.84
C LEU D 130 27.19 -45.76 -31.10
N LEU D 131 28.37 -46.38 -30.96
CA LEU D 131 29.36 -46.37 -32.03
C LEU D 131 29.42 -47.59 -32.97
N PRO D 132 29.49 -48.84 -32.44
CA PRO D 132 29.69 -50.00 -33.36
C PRO D 132 28.53 -50.48 -34.28
N VAL D 133 27.27 -50.25 -33.93
CA VAL D 133 26.09 -50.77 -34.70
C VAL D 133 25.69 -49.76 -35.79
N ASP D 134 25.59 -50.19 -37.05
CA ASP D 134 25.26 -49.26 -38.15
C ASP D 134 23.86 -48.60 -38.09
N THR D 135 22.91 -49.22 -37.40
CA THR D 135 21.57 -48.65 -37.27
C THR D 135 21.40 -47.62 -36.12
N SER D 136 22.46 -47.44 -35.34
CA SER D 136 22.55 -46.41 -34.30
C SER D 136 22.08 -45.06 -34.81
N ILE D 137 21.27 -44.36 -33.99
CA ILE D 137 20.75 -43.05 -34.44
C ILE D 137 21.83 -42.01 -34.74
N VAL D 138 23.03 -42.24 -34.17
CA VAL D 138 24.18 -41.39 -34.45
C VAL D 138 24.50 -41.33 -35.97
N HIS D 139 24.50 -42.48 -36.63
CA HIS D 139 24.81 -42.56 -38.05
C HIS D 139 23.71 -42.08 -38.96
N SER D 140 22.47 -42.48 -38.69
CA SER D 140 21.37 -42.12 -39.60
C SER D 140 21.07 -40.61 -39.40
N VAL D 141 21.18 -40.07 -38.18
CA VAL D 141 21.00 -38.60 -38.04
C VAL D 141 22.19 -37.86 -38.69
N ALA D 142 23.41 -38.41 -38.56
CA ALA D 142 24.59 -37.72 -39.11
C ALA D 142 24.55 -37.66 -40.60
N LEU D 143 24.30 -38.80 -41.24
CA LEU D 143 24.16 -38.89 -42.68
C LEU D 143 23.08 -37.93 -43.19
N ALA D 144 21.91 -37.96 -42.59
CA ALA D 144 20.77 -37.12 -43.03
C ALA D 144 21.17 -35.64 -42.97
N LYS D 145 21.95 -35.32 -41.95
CA LYS D 145 22.45 -33.97 -41.76
C LYS D 145 23.42 -33.55 -42.86
N THR D 146 24.23 -34.51 -43.35
CA THR D 146 25.25 -34.22 -44.32
C THR D 146 24.64 -34.12 -45.72
N THR D 147 23.44 -34.64 -45.94
CA THR D 147 22.90 -34.66 -47.33
C THR D 147 21.72 -33.70 -47.56
N ALA D 148 21.36 -32.94 -46.54
CA ALA D 148 20.27 -31.99 -46.65
C ALA D 148 20.70 -30.83 -47.54
N PRO D 149 19.74 -30.16 -48.20
CA PRO D 149 20.13 -28.98 -49.01
C PRO D 149 20.62 -27.77 -48.16
N ALA D 150 21.37 -26.91 -48.86
CA ALA D 150 22.09 -25.77 -48.29
C ALA D 150 21.12 -24.77 -47.62
N THR D 151 20.11 -24.38 -48.39
CA THR D 151 19.02 -23.53 -47.99
C THR D 151 18.39 -24.06 -46.67
N VAL D 152 18.00 -25.33 -46.68
CA VAL D 152 17.33 -25.95 -45.56
C VAL D 152 18.24 -25.85 -44.33
N LEU D 153 19.51 -26.17 -44.52
CA LEU D 153 20.49 -26.17 -43.42
C LEU D 153 20.76 -24.75 -42.91
N PHE D 154 20.99 -23.82 -43.86
CA PHE D 154 21.14 -22.39 -43.51
C PHE D 154 20.02 -21.90 -42.57
N PHE D 155 18.77 -22.09 -43.00
CA PHE D 155 17.64 -21.53 -42.23
C PHE D 155 17.38 -22.31 -40.91
N LYS D 156 17.67 -23.58 -40.91
CA LYS D 156 17.62 -24.32 -39.69
C LYS D 156 18.69 -23.83 -38.73
N GLY D 157 19.78 -23.31 -39.30
CA GLY D 157 20.91 -22.89 -38.50
C GLY D 157 20.53 -21.54 -37.97
N ALA D 158 19.89 -20.72 -38.82
CA ALA D 158 19.37 -19.45 -38.33
C ALA D 158 18.42 -19.65 -37.13
N LEU D 159 17.39 -20.50 -37.28
CA LEU D 159 16.41 -20.72 -36.19
C LEU D 159 17.06 -21.24 -34.92
N CYS D 160 17.98 -22.20 -35.05
CA CYS D 160 18.62 -22.76 -33.87
C CYS D 160 19.29 -21.64 -33.08
N ASN D 161 20.10 -20.79 -33.76
CA ASN D 161 20.89 -19.81 -33.05
C ASN D 161 20.09 -18.62 -32.49
N TRP D 162 18.92 -18.37 -33.12
CA TRP D 162 17.93 -17.50 -32.49
C TRP D 162 17.66 -17.99 -31.09
N LEU D 163 17.21 -19.24 -30.97
CA LEU D 163 16.92 -19.79 -29.67
C LEU D 163 18.10 -19.88 -28.71
N VAL D 164 19.29 -20.16 -29.19
CA VAL D 164 20.41 -20.45 -28.29
C VAL D 164 20.94 -19.17 -27.72
N CYS D 165 20.99 -18.18 -28.61
CA CYS D 165 21.30 -16.81 -28.25
C CYS D 165 20.21 -16.19 -27.41
N LEU D 166 18.94 -16.47 -27.72
CA LEU D 166 17.87 -16.10 -26.80
C LEU D 166 18.15 -16.69 -25.44
N ALA D 167 18.71 -17.90 -25.36
CA ALA D 167 18.90 -18.50 -23.99
C ALA D 167 20.01 -17.74 -23.28
N ILE D 168 21.08 -17.37 -24.04
CA ILE D 168 22.22 -16.65 -23.47
C ILE D 168 21.73 -15.29 -22.93
N TRP D 169 20.98 -14.63 -23.82
CA TRP D 169 20.35 -13.37 -23.54
C TRP D 169 19.44 -13.37 -22.33
N MET D 170 18.46 -14.29 -22.24
CA MET D 170 17.66 -14.43 -20.99
C MET D 170 18.53 -14.75 -19.77
N ALA D 171 19.58 -15.55 -19.91
CA ALA D 171 20.43 -15.84 -18.73
C ALA D 171 21.19 -14.61 -18.22
N ILE D 172 21.65 -13.74 -19.10
CA ILE D 172 22.31 -12.52 -18.65
C ILE D 172 21.32 -11.64 -17.90
N ARG D 173 20.05 -11.67 -18.33
CA ARG D 173 18.99 -10.81 -17.74
C ARG D 173 18.34 -11.42 -16.49
N THR D 174 18.73 -12.63 -16.13
CA THR D 174 18.08 -13.26 -14.98
C THR D 174 19.11 -13.71 -13.95
N GLU D 175 18.63 -14.17 -12.80
CA GLU D 175 19.50 -14.69 -11.73
C GLU D 175 19.21 -16.15 -11.31
N GLY D 176 20.21 -16.78 -10.69
CA GLY D 176 20.06 -18.12 -10.13
C GLY D 176 19.51 -19.13 -11.10
N THR D 177 18.55 -19.90 -10.60
CA THR D 177 17.88 -20.97 -11.29
C THR D 177 17.17 -20.50 -12.60
N ALA D 178 16.76 -19.24 -12.64
CA ALA D 178 16.04 -18.77 -13.78
C ALA D 178 16.98 -18.89 -15.03
N LYS D 179 18.29 -18.70 -14.88
CA LYS D 179 19.18 -18.88 -16.00
C LYS D 179 18.99 -20.31 -16.55
N PHE D 180 18.79 -21.26 -15.63
CA PHE D 180 18.78 -22.69 -15.95
C PHE D 180 17.52 -23.07 -16.73
N LEU D 181 16.39 -22.46 -16.34
CA LEU D 181 15.12 -22.62 -17.05
C LEU D 181 15.16 -21.96 -18.40
N ALA D 182 15.83 -20.81 -18.48
CA ALA D 182 15.97 -20.13 -19.73
C ALA D 182 16.71 -21.06 -20.69
N ILE D 183 17.72 -21.75 -20.17
CA ILE D 183 18.61 -22.55 -21.02
C ILE D 183 17.80 -23.80 -21.43
N TRP D 184 17.18 -24.39 -20.42
CA TRP D 184 16.34 -25.56 -20.63
C TRP D 184 15.30 -25.41 -21.72
N TRP D 185 14.50 -24.35 -21.62
CA TRP D 185 13.47 -24.00 -22.63
C TRP D 185 13.96 -23.94 -24.04
N CYS D 186 15.00 -23.16 -24.29
CA CYS D 186 15.41 -22.86 -25.64
C CYS D 186 16.08 -24.05 -26.27
N LEU D 187 16.82 -24.83 -25.47
CA LEU D 187 17.41 -26.09 -25.97
C LEU D 187 16.34 -27.17 -26.29
N LEU D 188 15.28 -27.29 -25.47
CA LEU D 188 14.12 -28.04 -25.86
C LEU D 188 13.58 -27.56 -27.20
N ALA D 189 13.25 -26.27 -27.32
CA ALA D 189 12.67 -25.80 -28.59
C ALA D 189 13.55 -26.06 -29.84
N PHE D 190 14.86 -25.85 -29.74
CA PHE D 190 15.69 -25.98 -30.89
C PHE D 190 15.90 -27.47 -31.28
N ILE D 191 16.23 -28.36 -30.34
CA ILE D 191 16.33 -29.81 -30.64
C ILE D 191 14.98 -30.41 -31.16
N ALA D 192 13.92 -30.32 -30.35
CA ALA D 192 12.65 -30.89 -30.76
C ALA D 192 12.12 -30.33 -32.10
N SER D 193 12.47 -29.10 -32.42
CA SER D 193 11.91 -28.44 -33.62
C SER D 193 12.68 -28.82 -34.86
N GLY D 194 13.88 -29.36 -34.71
CA GLY D 194 14.59 -29.92 -35.81
C GLY D 194 15.60 -28.89 -36.29
N TYR D 195 15.99 -27.92 -35.48
CA TYR D 195 16.93 -26.92 -35.99
C TYR D 195 18.38 -27.41 -35.85
N GLU D 196 19.36 -26.66 -36.39
CA GLU D 196 20.77 -27.12 -36.48
C GLU D 196 21.82 -26.25 -35.74
N HIS D 197 22.61 -26.87 -34.87
CA HIS D 197 23.62 -26.09 -34.12
C HIS D 197 24.96 -26.55 -34.59
N SER D 198 25.80 -25.62 -35.06
CA SER D 198 27.09 -26.00 -35.65
C SER D 198 27.99 -26.74 -34.64
N VAL D 199 28.16 -26.20 -33.45
CA VAL D 199 29.06 -26.83 -32.49
C VAL D 199 28.52 -28.19 -31.98
N ALA D 200 27.20 -28.34 -31.81
CA ALA D 200 26.60 -29.63 -31.47
C ALA D 200 26.92 -30.66 -32.57
N ASN D 201 26.79 -30.22 -33.81
CA ASN D 201 27.09 -31.05 -34.95
C ASN D 201 28.51 -31.58 -35.02
N MET D 202 29.50 -30.72 -34.69
CA MET D 202 30.89 -31.16 -34.61
C MET D 202 31.06 -32.47 -33.82
N THR D 203 30.40 -32.55 -32.66
CA THR D 203 30.52 -33.76 -31.85
C THR D 203 29.76 -34.90 -32.51
N LEU D 204 28.55 -34.60 -33.03
CA LEU D 204 27.75 -35.63 -33.68
C LEU D 204 28.55 -36.27 -34.87
N PHE D 205 29.04 -35.42 -35.79
CA PHE D 205 29.80 -35.88 -36.93
C PHE D 205 31.03 -36.71 -36.57
N ALA D 206 31.75 -36.25 -35.55
CA ALA D 206 32.92 -36.94 -35.02
C ALA D 206 32.54 -38.29 -34.41
N LEU D 207 31.45 -38.33 -33.66
CA LEU D 207 30.95 -39.61 -33.20
C LEU D 207 30.67 -40.59 -34.40
N SER D 208 30.06 -40.08 -35.48
CA SER D 208 29.71 -40.95 -36.59
C SER D 208 30.96 -41.40 -37.33
N TRP D 209 31.88 -40.46 -37.57
CA TRP D 209 33.20 -40.74 -38.16
C TRP D 209 33.96 -41.87 -37.49
N PHE D 210 34.00 -41.88 -36.17
CA PHE D 210 34.72 -42.88 -35.37
C PHE D 210 33.91 -44.13 -35.11
N GLY D 211 32.72 -44.22 -35.66
CA GLY D 211 31.95 -45.48 -35.61
C GLY D 211 31.75 -46.14 -36.98
N HIS D 212 30.88 -47.13 -36.99
CA HIS D 212 30.44 -47.84 -38.21
C HIS D 212 29.40 -47.03 -38.98
N HIS D 213 29.86 -45.89 -39.53
CA HIS D 213 29.09 -45.11 -40.52
C HIS D 213 29.08 -45.79 -41.86
N SER D 214 28.11 -45.49 -42.70
CA SER D 214 28.11 -46.12 -43.99
C SER D 214 29.01 -45.35 -44.94
N ASP D 215 29.23 -45.89 -46.15
CA ASP D 215 30.05 -45.32 -47.21
C ASP D 215 29.60 -43.93 -47.66
N ALA D 216 28.30 -43.68 -47.61
CA ALA D 216 27.74 -42.44 -48.16
C ALA D 216 27.99 -41.24 -47.23
N TYR D 217 28.29 -41.53 -45.94
CA TYR D 217 28.83 -40.54 -44.96
C TYR D 217 30.30 -40.13 -45.22
N THR D 218 30.52 -38.87 -45.60
CA THR D 218 31.86 -38.38 -46.01
C THR D 218 32.34 -37.14 -45.23
N LEU D 219 33.64 -36.88 -45.31
CA LEU D 219 34.24 -35.65 -44.85
C LEU D 219 33.67 -34.42 -45.55
N ALA D 220 33.39 -34.56 -46.84
CA ALA D 220 32.67 -33.56 -47.64
C ALA D 220 31.27 -33.27 -47.05
N GLY D 221 30.47 -34.32 -46.83
CA GLY D 221 29.14 -34.11 -46.31
C GLY D 221 29.16 -33.40 -44.96
N ILE D 222 30.16 -33.74 -44.13
CA ILE D 222 30.36 -33.07 -42.86
C ILE D 222 30.71 -31.61 -43.15
N GLY D 223 31.70 -31.39 -44.01
CA GLY D 223 31.99 -30.02 -44.52
C GLY D 223 30.78 -29.24 -45.03
N HIS D 224 29.91 -29.91 -45.78
CA HIS D 224 28.67 -29.32 -46.26
C HIS D 224 27.80 -28.83 -45.10
N ASN D 225 27.53 -29.70 -44.12
CA ASN D 225 26.62 -29.31 -43.06
C ASN D 225 27.20 -28.15 -42.21
N LEU D 226 28.45 -28.30 -41.80
CA LEU D 226 29.15 -27.28 -41.05
C LEU D 226 29.20 -25.94 -41.78
N LEU D 227 29.41 -25.95 -43.09
CA LEU D 227 29.47 -24.67 -43.80
C LEU D 227 28.14 -23.93 -43.56
N TRP D 228 27.04 -24.62 -43.83
CA TRP D 228 25.77 -23.95 -44.00
C TRP D 228 25.07 -23.68 -42.71
N VAL D 229 25.10 -24.64 -41.79
CA VAL D 229 24.68 -24.37 -40.41
C VAL D 229 25.49 -23.19 -39.79
N THR D 230 26.79 -23.11 -40.09
CA THR D 230 27.62 -22.11 -39.43
C THR D 230 27.16 -20.73 -39.86
N LEU D 231 26.85 -20.62 -41.14
CA LEU D 231 26.46 -19.34 -41.68
C LEU D 231 25.12 -18.94 -41.09
N GLY D 232 24.19 -19.91 -41.01
CA GLY D 232 22.85 -19.65 -40.54
C GLY D 232 22.86 -19.30 -39.07
N ASN D 233 23.65 -20.02 -38.26
CA ASN D 233 23.86 -19.62 -36.84
C ASN D 233 24.36 -18.17 -36.74
N THR D 234 25.27 -17.80 -37.65
CA THR D 234 25.86 -16.46 -37.70
C THR D 234 24.78 -15.41 -38.10
N LEU D 235 23.94 -15.70 -39.10
CA LEU D 235 22.79 -14.83 -39.38
C LEU D 235 21.95 -14.43 -38.15
N SER D 236 21.50 -15.43 -37.37
CA SER D 236 20.58 -15.14 -36.28
C SER D 236 21.32 -14.42 -35.14
N GLY D 237 22.57 -14.81 -34.94
CA GLY D 237 23.38 -14.28 -33.85
C GLY D 237 23.69 -12.83 -34.13
N VAL D 238 24.16 -12.55 -35.34
CA VAL D 238 24.47 -11.19 -35.71
C VAL D 238 23.22 -10.32 -35.88
N VAL D 239 22.20 -10.81 -36.57
CA VAL D 239 21.17 -9.88 -37.07
C VAL D 239 19.89 -9.87 -36.24
N PHE D 240 19.34 -11.06 -35.98
CA PHE D 240 18.10 -11.19 -35.22
C PHE D 240 18.31 -10.72 -33.79
N MET D 241 19.43 -11.16 -33.19
CA MET D 241 19.71 -10.83 -31.78
C MET D 241 20.57 -9.57 -31.60
N GLY D 242 21.75 -9.52 -32.22
CA GLY D 242 22.64 -8.38 -32.08
C GLY D 242 22.05 -7.07 -32.57
N LEU D 243 21.88 -6.95 -33.90
CA LEU D 243 21.28 -5.77 -34.52
C LEU D 243 19.83 -5.60 -34.04
N GLY D 244 19.09 -6.70 -33.99
CA GLY D 244 17.75 -6.71 -33.40
C GLY D 244 17.56 -5.93 -32.11
N TYR D 245 18.32 -6.29 -31.08
CA TYR D 245 18.15 -5.64 -29.77
C TYR D 245 18.82 -4.23 -29.75
N TRP D 246 19.99 -4.12 -30.36
CA TRP D 246 20.54 -2.78 -30.65
C TRP D 246 19.53 -1.80 -31.17
N TYR D 247 18.75 -2.20 -32.18
CA TYR D 247 17.77 -1.27 -32.74
C TYR D 247 16.47 -1.14 -31.96
N ALA D 248 16.30 -1.99 -30.93
CA ALA D 248 15.09 -2.07 -30.12
C ALA D 248 15.10 -1.15 -28.87
N THR D 249 16.30 -0.71 -28.47
CA THR D 249 16.49 0.11 -27.25
C THR D 249 16.49 1.62 -27.51
N PRO D 250 16.16 2.46 -26.48
CA PRO D 250 16.40 3.93 -26.60
C PRO D 250 17.86 4.31 -26.88
N MET E 1 -4.65 -2.98 -1.65
CA MET E 1 -4.06 -4.06 -2.49
C MET E 1 -3.81 -3.58 -3.96
N PHE E 2 -2.90 -4.25 -4.70
CA PHE E 2 -2.81 -4.17 -6.22
C PHE E 2 -2.37 -2.83 -6.86
N THR E 3 -2.24 -1.82 -6.03
CA THR E 3 -1.95 -0.47 -6.40
C THR E 3 -0.57 -0.34 -7.05
N ASP E 4 0.44 -0.97 -6.44
CA ASP E 4 1.80 -1.06 -6.99
C ASP E 4 1.84 -1.67 -8.39
N THR E 5 1.14 -2.80 -8.56
CA THR E 5 1.09 -3.53 -9.81
C THR E 5 0.41 -2.71 -10.87
N ILE E 6 -0.72 -2.07 -10.52
CA ILE E 6 -1.48 -1.24 -11.44
C ILE E 6 -0.53 -0.15 -11.90
N ASN E 7 0.14 0.47 -10.92
CA ASN E 7 1.06 1.55 -11.26
C ASN E 7 2.29 1.17 -12.11
N LYS E 8 2.91 0.00 -11.84
CA LYS E 8 3.91 -0.62 -12.76
C LYS E 8 3.39 -0.76 -14.20
N CYS E 9 2.14 -1.17 -14.33
CA CYS E 9 1.52 -1.44 -15.59
C CYS E 9 1.25 -0.13 -16.29
N ALA E 10 0.79 0.87 -15.53
CA ALA E 10 0.59 2.20 -16.04
C ALA E 10 1.93 2.87 -16.46
N ALA E 11 2.97 2.62 -15.70
CA ALA E 11 4.27 3.17 -16.03
C ALA E 11 4.74 2.45 -17.32
N ASN E 12 4.45 1.16 -17.41
CA ASN E 12 4.73 0.44 -18.67
C ASN E 12 3.97 1.02 -19.91
N ALA E 13 2.72 1.44 -19.75
CA ALA E 13 1.96 2.00 -20.90
C ALA E 13 2.62 3.24 -21.40
N ALA E 14 3.07 4.06 -20.46
CA ALA E 14 3.78 5.28 -20.78
C ALA E 14 5.11 5.01 -21.47
N ARG E 15 5.79 3.91 -21.09
CA ARG E 15 7.05 3.54 -21.77
C ARG E 15 6.80 3.13 -23.26
N ILE E 16 5.74 2.30 -23.40
CA ILE E 16 5.21 1.90 -24.69
C ILE E 16 4.84 3.09 -25.54
N ALA E 17 4.06 4.02 -24.96
CA ALA E 17 3.68 5.26 -25.71
C ALA E 17 4.90 6.07 -26.12
N ARG E 18 5.90 6.16 -25.24
CA ARG E 18 7.16 6.75 -25.64
C ARG E 18 7.89 6.02 -26.74
N LEU E 19 7.94 4.70 -26.72
CA LEU E 19 8.65 3.95 -27.80
C LEU E 19 7.99 4.20 -29.16
N SER E 20 6.68 4.05 -29.18
CA SER E 20 5.90 4.31 -30.37
C SER E 20 6.14 5.66 -30.98
N ALA E 21 6.19 6.72 -30.14
CA ALA E 21 6.28 8.08 -30.69
C ALA E 21 7.68 8.51 -31.11
N ASN E 22 8.70 8.08 -30.39
CA ASN E 22 10.08 8.58 -30.59
C ASN E 22 11.04 7.58 -31.20
N ASN E 23 10.56 6.39 -31.52
CA ASN E 23 11.45 5.35 -31.98
C ASN E 23 10.63 4.30 -32.73
N PRO E 24 9.96 4.70 -33.84
CA PRO E 24 9.11 3.74 -34.58
C PRO E 24 9.85 2.45 -35.00
N LEU E 25 11.04 2.57 -35.60
CA LEU E 25 11.89 1.39 -35.83
C LEU E 25 11.96 0.40 -34.62
N GLY E 26 12.31 0.93 -33.44
CA GLY E 26 12.47 0.12 -32.21
C GLY E 26 11.16 -0.50 -31.81
N PHE E 27 10.08 0.29 -31.86
CA PHE E 27 8.71 -0.21 -31.76
C PHE E 27 8.42 -1.42 -32.62
N TRP E 28 8.67 -1.30 -33.92
CA TRP E 28 8.33 -2.36 -34.89
C TRP E 28 9.12 -3.64 -34.69
N VAL E 29 10.42 -3.48 -34.46
CA VAL E 29 11.30 -4.59 -34.13
C VAL E 29 10.76 -5.35 -32.92
N SER E 30 10.47 -4.61 -31.86
CA SER E 30 10.12 -5.16 -30.57
C SER E 30 8.76 -5.86 -30.62
N SER E 31 7.86 -5.33 -31.46
CA SER E 31 6.58 -6.01 -31.83
C SER E 31 6.84 -7.30 -32.63
N ALA E 32 7.68 -7.22 -33.66
CA ALA E 32 7.93 -8.36 -34.51
C ALA E 32 8.53 -9.51 -33.70
N MET E 33 9.49 -9.17 -32.84
CA MET E 33 10.11 -10.14 -31.95
C MET E 33 9.05 -10.92 -31.24
N ALA E 34 8.06 -10.19 -30.70
CA ALA E 34 7.09 -10.85 -29.79
C ALA E 34 6.34 -11.88 -30.60
N GLY E 35 6.04 -11.52 -31.85
CA GLY E 35 5.27 -12.39 -32.71
C GLY E 35 6.15 -13.59 -33.04
N ALA E 36 7.43 -13.32 -33.34
CA ALA E 36 8.33 -14.42 -33.75
C ALA E 36 8.55 -15.38 -32.55
N TYR E 37 8.73 -14.80 -31.37
CA TYR E 37 8.92 -15.57 -30.09
C TYR E 37 7.79 -16.51 -29.82
N VAL E 38 6.57 -16.02 -29.96
CA VAL E 38 5.36 -16.84 -29.76
C VAL E 38 5.35 -17.97 -30.81
N GLY E 39 5.63 -17.61 -32.08
CA GLY E 39 5.75 -18.54 -33.16
C GLY E 39 6.75 -19.68 -32.94
N LEU E 40 7.94 -19.38 -32.41
CA LEU E 40 8.86 -20.44 -31.94
C LEU E 40 8.14 -21.43 -31.01
N GLY E 41 7.28 -20.92 -30.12
CA GLY E 41 6.65 -21.80 -29.06
C GLY E 41 5.62 -22.65 -29.77
N ILE E 42 4.97 -22.04 -30.80
CA ILE E 42 3.98 -22.71 -31.62
C ILE E 42 4.64 -23.83 -32.45
N ILE E 43 5.75 -23.54 -33.12
CA ILE E 43 6.47 -24.54 -33.92
C ILE E 43 6.85 -25.71 -33.00
N LEU E 44 7.36 -25.43 -31.79
CA LEU E 44 7.70 -26.50 -30.81
C LEU E 44 6.50 -27.42 -30.52
N ILE E 45 5.36 -26.86 -30.17
CA ILE E 45 4.32 -27.68 -29.53
C ILE E 45 3.61 -28.51 -30.59
N PHE E 46 3.49 -27.92 -31.79
CA PHE E 46 2.90 -28.60 -32.89
C PHE E 46 3.79 -29.74 -33.41
N THR E 47 5.11 -29.48 -33.48
CA THR E 47 6.07 -30.55 -33.79
C THR E 47 5.94 -31.66 -32.75
N LEU E 48 5.91 -31.31 -31.48
CA LEU E 48 5.71 -32.37 -30.47
C LEU E 48 4.36 -33.07 -30.60
N GLY E 49 3.30 -32.29 -30.80
CA GLY E 49 1.94 -32.84 -30.85
C GLY E 49 1.73 -33.76 -32.02
N ASN E 50 2.40 -33.47 -33.13
CA ASN E 50 2.19 -34.18 -34.37
C ASN E 50 2.60 -35.63 -34.32
N LEU E 51 3.59 -35.92 -33.48
CA LEU E 51 4.07 -37.28 -33.39
C LEU E 51 3.32 -38.08 -32.29
N LEU E 52 2.49 -37.41 -31.51
CA LEU E 52 1.84 -38.00 -30.31
C LEU E 52 0.43 -38.48 -30.52
N ASP E 53 0.04 -39.47 -29.74
CA ASP E 53 -1.35 -39.85 -29.70
C ASP E 53 -2.28 -38.66 -29.38
N PRO E 54 -3.41 -38.56 -30.10
CA PRO E 54 -4.23 -37.35 -29.74
C PRO E 54 -4.60 -37.23 -28.26
N SER E 55 -4.64 -38.32 -27.53
CA SER E 55 -5.07 -38.23 -26.12
C SER E 55 -4.07 -37.53 -25.13
N VAL E 56 -2.82 -37.39 -25.54
CA VAL E 56 -1.77 -36.69 -24.76
C VAL E 56 -1.38 -35.31 -25.37
N ARG E 57 -1.94 -34.92 -26.52
CA ARG E 57 -1.66 -33.60 -27.12
C ARG E 57 -1.97 -32.41 -26.23
N PRO E 58 -3.20 -32.33 -25.67
CA PRO E 58 -3.40 -31.14 -24.84
C PRO E 58 -2.39 -31.06 -23.68
N LEU E 59 -2.02 -32.20 -23.11
CA LEU E 59 -1.17 -32.23 -21.93
C LEU E 59 0.26 -31.80 -22.32
N VAL E 60 0.82 -32.48 -23.32
CA VAL E 60 2.19 -32.23 -23.77
C VAL E 60 2.36 -30.89 -24.46
N MET E 61 1.41 -30.55 -25.34
CA MET E 61 1.50 -29.27 -26.05
C MET E 61 1.32 -28.14 -25.04
N GLY E 62 0.39 -28.32 -24.09
CA GLY E 62 0.20 -27.33 -23.03
C GLY E 62 1.44 -27.18 -22.18
N ALA E 63 2.08 -28.31 -21.84
CA ALA E 63 3.17 -28.33 -20.82
C ALA E 63 4.43 -27.79 -21.43
N THR E 64 4.46 -27.71 -22.77
CA THR E 64 5.69 -27.25 -23.45
C THR E 64 5.51 -25.93 -24.13
N PHE E 65 4.38 -25.25 -23.89
CA PHE E 65 4.14 -23.98 -24.65
C PHE E 65 4.79 -22.76 -23.97
N GLY E 66 5.05 -22.98 -22.68
CA GLY E 66 5.66 -21.97 -21.80
C GLY E 66 6.76 -21.08 -22.36
N ILE E 67 7.64 -21.67 -23.15
CA ILE E 67 8.67 -20.88 -23.80
C ILE E 67 8.06 -19.64 -24.49
N ALA E 68 6.84 -19.72 -25.03
CA ALA E 68 6.35 -18.60 -25.85
C ALA E 68 6.34 -17.28 -25.08
N LEU E 69 5.66 -17.27 -23.94
CA LEU E 69 5.52 -16.03 -23.21
C LEU E 69 6.79 -15.77 -22.36
N THR E 70 7.52 -16.85 -22.08
CA THR E 70 8.78 -16.66 -21.40
C THR E 70 9.77 -15.80 -22.23
N LEU E 71 9.91 -16.14 -23.51
CA LEU E 71 10.72 -15.31 -24.43
C LEU E 71 10.19 -13.87 -24.43
N VAL E 72 8.85 -13.73 -24.49
CA VAL E 72 8.24 -12.40 -24.63
C VAL E 72 8.61 -11.51 -23.45
N ILE E 73 8.40 -12.05 -22.24
CA ILE E 73 8.63 -11.31 -21.02
C ILE E 73 10.12 -11.19 -20.61
N ILE E 74 10.85 -12.30 -20.66
CA ILE E 74 12.18 -12.31 -20.11
C ILE E 74 13.23 -11.77 -21.13
N ALA E 75 13.13 -12.15 -22.42
CA ALA E 75 14.05 -11.57 -23.40
C ALA E 75 13.67 -10.11 -23.60
N GLY E 76 12.35 -9.88 -23.60
CA GLY E 76 11.74 -8.54 -23.79
C GLY E 76 11.35 -8.36 -25.25
N SER E 77 10.20 -7.70 -25.47
CA SER E 77 9.50 -7.54 -26.82
C SER E 77 8.12 -6.83 -26.59
N GLU E 78 7.32 -6.57 -27.60
CA GLU E 78 6.03 -5.98 -27.32
C GLU E 78 4.87 -6.85 -27.78
N LEU E 79 4.06 -7.32 -26.85
CA LEU E 79 2.96 -8.23 -27.13
C LEU E 79 1.54 -7.66 -27.05
N PHE E 80 0.87 -7.56 -28.23
CA PHE E 80 -0.48 -6.97 -28.34
C PHE E 80 -1.40 -7.39 -27.21
N THR E 81 -1.44 -8.67 -26.94
CA THR E 81 -2.40 -9.19 -25.99
C THR E 81 -2.15 -8.67 -24.57
N GLY E 82 -0.86 -8.46 -24.24
CA GLY E 82 -0.40 -7.83 -23.00
C GLY E 82 -0.78 -6.36 -22.99
N HIS E 83 -0.62 -5.71 -24.17
CA HIS E 83 -0.90 -4.32 -24.36
C HIS E 83 -2.32 -3.99 -23.96
N THR E 84 -3.26 -4.87 -24.28
CA THR E 84 -4.68 -4.64 -23.95
C THR E 84 -4.82 -4.36 -22.43
N MET E 85 -4.09 -5.12 -21.61
CA MET E 85 -4.01 -4.84 -20.17
C MET E 85 -3.21 -3.59 -19.77
N PHE E 86 -2.05 -3.36 -20.39
CA PHE E 86 -1.13 -2.32 -19.92
C PHE E 86 -1.75 -0.96 -20.14
N LEU E 87 -2.24 -0.80 -21.37
CA LEU E 87 -2.68 0.46 -21.84
C LEU E 87 -3.96 0.87 -21.13
N THR E 88 -4.83 -0.10 -20.86
CA THR E 88 -6.08 0.14 -20.17
C THR E 88 -5.76 0.77 -18.83
N LEU E 89 -4.86 0.15 -18.09
CA LEU E 89 -4.45 0.67 -16.78
C LEU E 89 -3.76 2.05 -16.86
N GLY E 90 -2.90 2.26 -17.85
CA GLY E 90 -2.30 3.56 -18.02
C GLY E 90 -3.37 4.59 -18.34
N VAL E 91 -4.40 4.20 -19.08
CA VAL E 91 -5.49 5.15 -19.38
C VAL E 91 -6.16 5.54 -18.04
N LYS E 92 -6.40 4.53 -17.21
CA LYS E 92 -7.18 4.76 -16.00
C LYS E 92 -6.38 5.57 -15.01
N ALA E 93 -5.07 5.36 -14.95
CA ALA E 93 -4.21 6.04 -13.97
C ALA E 93 -3.85 7.43 -14.45
N GLY E 94 -3.98 7.64 -15.76
CA GLY E 94 -3.76 8.92 -16.40
C GLY E 94 -2.35 9.05 -16.97
N THR E 95 -1.63 7.93 -17.12
CA THR E 95 -0.26 8.02 -17.61
C THR E 95 -0.22 8.07 -19.13
N ILE E 96 -1.31 7.65 -19.75
CA ILE E 96 -1.50 7.80 -21.20
C ILE E 96 -2.93 8.27 -21.49
N SER E 97 -3.17 8.82 -22.68
CA SER E 97 -4.54 9.16 -23.08
C SER E 97 -5.26 7.98 -23.77
N HIS E 98 -6.60 7.92 -23.68
CA HIS E 98 -7.48 7.01 -24.46
C HIS E 98 -6.96 6.99 -25.88
N GLY E 99 -6.70 8.20 -26.41
CA GLY E 99 -6.21 8.42 -27.79
C GLY E 99 -4.98 7.61 -28.14
N GLN E 100 -4.01 7.58 -27.22
CA GLN E 100 -2.77 6.79 -27.38
C GLN E 100 -3.04 5.30 -27.41
N MET E 101 -3.84 4.81 -26.47
CA MET E 101 -4.18 3.39 -26.40
C MET E 101 -4.64 2.88 -27.79
N TRP E 102 -5.58 3.61 -28.39
CA TRP E 102 -6.15 3.20 -29.69
C TRP E 102 -5.23 3.35 -30.89
N ALA E 103 -4.27 4.27 -30.83
CA ALA E 103 -3.29 4.43 -31.92
C ALA E 103 -2.25 3.29 -31.86
N ILE E 104 -1.90 2.91 -30.64
CA ILE E 104 -0.80 1.95 -30.39
C ILE E 104 -1.25 0.53 -30.62
N LEU E 105 -2.41 0.20 -30.07
CA LEU E 105 -3.00 -1.13 -30.12
C LEU E 105 -2.95 -1.84 -31.49
N PRO E 106 -3.51 -1.21 -32.56
CA PRO E 106 -3.37 -2.01 -33.79
C PRO E 106 -1.93 -2.02 -34.32
N GLN E 107 -1.08 -1.09 -33.85
CA GLN E 107 0.35 -1.14 -34.23
C GLN E 107 1.07 -2.36 -33.69
N THR E 108 0.79 -2.71 -32.44
CA THR E 108 1.45 -3.81 -31.89
C THR E 108 0.97 -5.03 -32.60
N TRP E 109 -0.33 -5.05 -32.87
CA TRP E 109 -0.93 -6.16 -33.57
C TRP E 109 -0.23 -6.47 -34.87
N LEU E 110 -0.13 -5.47 -35.77
CA LEU E 110 0.58 -5.60 -37.05
C LEU E 110 2.04 -6.06 -36.91
N GLY E 111 2.74 -5.47 -35.95
CA GLY E 111 4.14 -5.85 -35.68
C GLY E 111 4.24 -7.31 -35.28
N ASN E 112 3.32 -7.75 -34.40
CA ASN E 112 3.26 -9.14 -33.99
C ASN E 112 2.96 -9.99 -35.19
N LEU E 113 2.00 -9.54 -36.06
CA LEU E 113 1.70 -10.21 -37.34
C LEU E 113 2.93 -10.35 -38.20
N VAL E 114 3.67 -9.27 -38.34
CA VAL E 114 4.84 -9.31 -39.23
C VAL E 114 5.83 -10.32 -38.71
N GLY E 115 5.96 -10.41 -37.38
CA GLY E 115 6.95 -11.29 -36.76
C GLY E 115 6.54 -12.74 -36.88
N SER E 116 5.25 -13.04 -36.61
CA SER E 116 4.75 -14.41 -36.67
C SER E 116 4.90 -14.94 -38.10
N VAL E 117 4.52 -14.11 -39.08
CA VAL E 117 4.65 -14.48 -40.46
C VAL E 117 6.11 -14.78 -40.80
N PHE E 118 7.00 -13.92 -40.27
CA PHE E 118 8.43 -14.04 -40.47
C PHE E 118 9.06 -15.35 -39.99
N VAL E 119 8.85 -15.74 -38.72
CA VAL E 119 9.35 -17.02 -38.22
C VAL E 119 8.77 -18.23 -39.00
N ALA E 120 7.49 -18.13 -39.40
CA ALA E 120 6.84 -19.20 -40.17
C ALA E 120 7.57 -19.38 -41.48
N LEU E 121 7.99 -18.24 -42.02
CA LEU E 121 8.61 -18.19 -43.31
C LEU E 121 9.98 -18.85 -43.19
N LEU E 122 10.74 -18.52 -42.14
CA LEU E 122 12.06 -19.12 -41.98
C LEU E 122 11.91 -20.62 -41.83
N TYR E 123 10.89 -21.05 -41.13
CA TYR E 123 10.70 -22.49 -40.90
C TYR E 123 10.35 -23.20 -42.24
N SER E 124 9.67 -22.50 -43.14
CA SER E 124 9.39 -23.07 -44.45
C SER E 124 10.66 -23.19 -45.27
N TRP E 125 11.51 -22.16 -45.19
CA TRP E 125 12.76 -22.19 -45.96
C TRP E 125 13.74 -23.16 -45.39
N GLY E 126 13.59 -23.48 -44.10
CA GLY E 126 14.37 -24.52 -43.48
C GLY E 126 13.71 -25.89 -43.48
N GLY E 127 12.89 -26.19 -44.48
CA GLY E 127 12.33 -27.54 -44.72
C GLY E 127 11.61 -28.12 -43.53
N GLY E 128 10.90 -27.28 -42.78
CA GLY E 128 10.18 -27.74 -41.55
C GLY E 128 9.29 -28.91 -41.90
N SER E 129 9.36 -29.96 -41.11
CA SER E 129 8.65 -31.21 -41.41
C SER E 129 7.12 -31.09 -41.27
N LEU E 130 6.66 -30.10 -40.49
CA LEU E 130 5.22 -29.87 -40.24
C LEU E 130 4.39 -29.43 -41.47
N LEU E 131 5.07 -29.08 -42.56
CA LEU E 131 4.44 -28.39 -43.70
C LEU E 131 3.94 -29.27 -44.82
N PRO E 132 4.78 -30.21 -45.30
CA PRO E 132 4.40 -30.87 -46.54
C PRO E 132 3.34 -31.96 -46.48
N VAL E 133 3.09 -32.55 -45.32
CA VAL E 133 2.19 -33.72 -45.26
C VAL E 133 0.80 -33.26 -44.84
N ASP E 134 -0.18 -33.41 -45.75
CA ASP E 134 -1.57 -32.91 -45.57
C ASP E 134 -2.26 -33.23 -44.21
N THR E 135 -1.89 -34.35 -43.59
CA THR E 135 -2.54 -34.79 -42.37
C THR E 135 -1.82 -34.22 -41.17
N SER E 136 -0.75 -33.49 -41.42
CA SER E 136 -0.10 -32.77 -40.33
C SER E 136 -1.07 -31.95 -39.46
N ILE E 137 -0.90 -31.99 -38.13
CA ILE E 137 -1.82 -31.25 -37.25
C ILE E 137 -1.76 -29.75 -37.45
N VAL E 138 -0.68 -29.23 -38.01
CA VAL E 138 -0.70 -27.79 -38.39
C VAL E 138 -1.92 -27.48 -39.31
N HIS E 139 -2.19 -28.36 -40.27
CA HIS E 139 -3.30 -28.12 -41.20
C HIS E 139 -4.68 -28.35 -40.68
N SER E 140 -4.87 -29.39 -39.90
CA SER E 140 -6.18 -29.71 -39.38
C SER E 140 -6.59 -28.81 -38.20
N VAL E 141 -5.76 -28.57 -37.19
CA VAL E 141 -6.02 -27.52 -36.18
C VAL E 141 -6.22 -26.14 -36.82
N ALA E 142 -5.44 -25.79 -37.85
CA ALA E 142 -5.61 -24.49 -38.49
C ALA E 142 -7.01 -24.29 -39.10
N LEU E 143 -7.45 -25.29 -39.85
CA LEU E 143 -8.76 -25.33 -40.51
C LEU E 143 -9.88 -25.29 -39.51
N ALA E 144 -9.91 -26.22 -38.54
CA ALA E 144 -10.94 -26.17 -37.46
C ALA E 144 -11.07 -24.77 -36.81
N LYS E 145 -9.93 -24.12 -36.53
CA LYS E 145 -9.89 -22.76 -35.99
C LYS E 145 -10.55 -21.74 -36.93
N THR E 146 -10.34 -21.89 -38.25
CA THR E 146 -10.86 -20.91 -39.24
C THR E 146 -12.36 -21.10 -39.46
N THR E 147 -12.94 -22.25 -39.14
CA THR E 147 -14.37 -22.40 -39.45
C THR E 147 -15.28 -22.45 -38.23
N ALA E 148 -14.71 -22.24 -37.05
CA ALA E 148 -15.45 -22.27 -35.79
C ALA E 148 -16.38 -21.04 -35.67
N PRO E 149 -17.47 -21.15 -34.90
CA PRO E 149 -18.38 -19.98 -34.98
C PRO E 149 -17.85 -18.76 -34.23
N ALA E 150 -18.14 -17.55 -34.76
CA ALA E 150 -17.71 -16.27 -34.20
C ALA E 150 -17.84 -16.24 -32.68
N THR E 151 -18.96 -16.71 -32.17
CA THR E 151 -19.27 -16.64 -30.75
C THR E 151 -18.30 -17.52 -30.02
N VAL E 152 -18.10 -18.73 -30.53
CA VAL E 152 -17.13 -19.68 -29.96
C VAL E 152 -15.71 -19.11 -29.83
N LEU E 153 -15.19 -18.65 -30.94
CA LEU E 153 -13.88 -18.02 -30.97
C LEU E 153 -13.77 -16.82 -30.03
N PHE E 154 -14.85 -16.03 -29.94
CA PHE E 154 -14.85 -14.87 -29.12
C PHE E 154 -14.62 -15.24 -27.67
N PHE E 155 -15.41 -16.17 -27.15
CA PHE E 155 -15.32 -16.50 -25.72
C PHE E 155 -14.06 -17.36 -25.41
N LYS E 156 -13.60 -18.20 -26.35
CA LYS E 156 -12.28 -18.82 -26.21
C LYS E 156 -11.14 -17.78 -26.18
N GLY E 157 -11.26 -16.72 -26.97
CA GLY E 157 -10.28 -15.60 -26.90
C GLY E 157 -10.29 -14.88 -25.56
N ALA E 158 -11.47 -14.68 -24.99
CA ALA E 158 -11.60 -14.00 -23.73
C ALA E 158 -10.93 -14.84 -22.61
N LEU E 159 -11.31 -16.11 -22.54
CA LEU E 159 -10.68 -17.04 -21.64
C LEU E 159 -9.17 -17.20 -21.92
N CYS E 160 -8.71 -17.21 -23.19
CA CYS E 160 -7.24 -17.31 -23.39
C CYS E 160 -6.51 -16.12 -22.74
N ASN E 161 -6.94 -14.92 -23.11
CA ASN E 161 -6.23 -13.76 -22.66
C ASN E 161 -6.39 -13.44 -21.16
N TRP E 162 -7.46 -13.96 -20.57
CA TRP E 162 -7.57 -13.90 -19.11
C TRP E 162 -6.32 -14.54 -18.55
N LEU E 163 -6.06 -15.78 -18.99
CA LEU E 163 -4.90 -16.59 -18.53
C LEU E 163 -3.55 -15.95 -18.85
N VAL E 164 -3.38 -15.51 -20.08
CA VAL E 164 -2.12 -14.86 -20.51
C VAL E 164 -1.81 -13.56 -19.73
N CYS E 165 -2.81 -12.67 -19.63
CA CYS E 165 -2.63 -11.51 -18.75
C CYS E 165 -2.38 -11.87 -17.24
N LEU E 166 -2.99 -12.97 -16.78
CA LEU E 166 -2.74 -13.46 -15.40
C LEU E 166 -1.26 -13.83 -15.26
N ALA E 167 -0.67 -14.40 -16.32
CA ALA E 167 0.74 -14.77 -16.25
C ALA E 167 1.59 -13.50 -16.21
N ILE E 168 1.21 -12.50 -17.00
CA ILE E 168 1.97 -11.33 -17.10
C ILE E 168 1.86 -10.61 -15.77
N TRP E 169 0.64 -10.51 -15.30
CA TRP E 169 0.32 -9.88 -13.97
C TRP E 169 1.09 -10.56 -12.86
N MET E 170 1.06 -11.90 -12.81
CA MET E 170 1.79 -12.61 -11.75
C MET E 170 3.31 -12.44 -11.90
N ALA E 171 3.78 -12.41 -13.14
CA ALA E 171 5.20 -12.22 -13.44
C ALA E 171 5.62 -10.85 -12.88
N ILE E 172 4.83 -9.79 -13.13
CA ILE E 172 5.10 -8.48 -12.55
C ILE E 172 5.21 -8.50 -11.00
N ARG E 173 4.36 -9.29 -10.34
CA ARG E 173 4.38 -9.34 -8.86
C ARG E 173 5.34 -10.34 -8.25
N THR E 174 6.04 -11.09 -9.12
CA THR E 174 7.04 -12.04 -8.61
C THR E 174 8.47 -11.81 -9.13
N GLU E 175 9.39 -12.58 -8.53
CA GLU E 175 10.81 -12.52 -8.84
C GLU E 175 11.36 -13.84 -9.39
N GLY E 176 12.49 -13.76 -10.09
CA GLY E 176 13.25 -14.95 -10.41
C GLY E 176 12.47 -16.04 -11.10
N THR E 177 12.68 -17.26 -10.65
CA THR E 177 12.05 -18.42 -11.31
C THR E 177 10.51 -18.40 -11.21
N ALA E 178 10.03 -17.71 -10.16
CA ALA E 178 8.59 -17.58 -9.96
C ALA E 178 7.92 -16.98 -11.20
N LYS E 179 8.58 -15.99 -11.83
CA LYS E 179 8.01 -15.45 -13.07
C LYS E 179 7.81 -16.60 -14.05
N PHE E 180 8.78 -17.51 -14.07
CA PHE E 180 8.78 -18.62 -14.99
C PHE E 180 7.67 -19.61 -14.69
N LEU E 181 7.44 -19.94 -13.42
CA LEU E 181 6.36 -20.86 -13.08
C LEU E 181 4.97 -20.33 -13.37
N ALA E 182 4.75 -19.06 -12.98
CA ALA E 182 3.48 -18.38 -13.28
C ALA E 182 3.15 -18.52 -14.78
N ILE E 183 4.15 -18.24 -15.60
CA ILE E 183 3.98 -18.30 -17.07
C ILE E 183 3.65 -19.72 -17.55
N TRP E 184 4.44 -20.69 -17.07
CA TRP E 184 4.26 -22.08 -17.45
C TRP E 184 2.87 -22.49 -17.13
N TRP E 185 2.32 -22.03 -16.00
CA TRP E 185 1.06 -22.59 -15.54
C TRP E 185 -0.05 -22.06 -16.43
N CYS E 186 -0.03 -20.75 -16.64
CA CYS E 186 -1.02 -20.10 -17.49
C CYS E 186 -1.07 -20.58 -18.92
N LEU E 187 0.10 -20.78 -19.54
CA LEU E 187 0.11 -21.31 -20.91
C LEU E 187 -0.32 -22.80 -20.97
N LEU E 188 0.02 -23.61 -19.96
CA LEU E 188 -0.52 -24.99 -19.91
C LEU E 188 -2.03 -24.91 -19.96
N ALA E 189 -2.55 -24.05 -19.09
CA ALA E 189 -3.97 -23.94 -18.83
C ALA E 189 -4.69 -23.49 -20.08
N PHE E 190 -4.22 -22.40 -20.68
CA PHE E 190 -4.89 -21.94 -21.89
C PHE E 190 -4.74 -22.91 -23.07
N ILE E 191 -3.58 -23.53 -23.24
CA ILE E 191 -3.42 -24.32 -24.47
C ILE E 191 -4.19 -25.60 -24.24
N ALA E 192 -4.02 -26.18 -23.09
CA ALA E 192 -4.69 -27.45 -22.88
C ALA E 192 -6.23 -27.33 -22.73
N SER E 193 -6.74 -26.18 -22.25
CA SER E 193 -8.19 -25.98 -22.16
C SER E 193 -8.94 -25.76 -23.49
N GLY E 194 -8.23 -25.49 -24.57
CA GLY E 194 -8.91 -25.22 -25.82
C GLY E 194 -9.03 -23.72 -26.17
N TYR E 195 -8.37 -22.81 -25.43
CA TYR E 195 -8.57 -21.35 -25.66
C TYR E 195 -7.77 -20.81 -26.83
N GLU E 196 -8.06 -19.59 -27.24
CA GLU E 196 -7.55 -19.05 -28.51
C GLU E 196 -6.72 -17.79 -28.36
N HIS E 197 -5.47 -17.83 -28.81
CA HIS E 197 -4.61 -16.67 -28.70
C HIS E 197 -4.39 -16.09 -30.09
N SER E 198 -4.68 -14.80 -30.23
CA SER E 198 -4.66 -14.21 -31.56
C SER E 198 -3.27 -14.26 -32.16
N VAL E 199 -2.26 -13.82 -31.41
CA VAL E 199 -0.90 -13.75 -31.95
C VAL E 199 -0.31 -15.17 -32.23
N ALA E 200 -0.49 -16.10 -31.29
CA ALA E 200 -0.01 -17.47 -31.55
C ALA E 200 -0.71 -18.02 -32.80
N ASN E 201 -1.98 -17.65 -33.00
CA ASN E 201 -2.76 -18.18 -34.13
C ASN E 201 -2.16 -17.65 -35.40
N MET E 202 -1.67 -16.40 -35.32
CA MET E 202 -1.01 -15.78 -36.46
C MET E 202 0.07 -16.69 -37.03
N THR E 203 0.87 -17.32 -36.13
CA THR E 203 1.99 -18.16 -36.60
C THR E 203 1.44 -19.48 -37.16
N LEU E 204 0.60 -20.14 -36.33
CA LEU E 204 -0.06 -21.36 -36.74
C LEU E 204 -0.69 -21.19 -38.14
N PHE E 205 -1.44 -20.11 -38.34
CA PHE E 205 -2.03 -19.83 -39.67
C PHE E 205 -1.03 -19.69 -40.78
N ALA E 206 0.10 -19.02 -40.55
CA ALA E 206 1.10 -18.72 -41.60
C ALA E 206 1.75 -20.00 -42.09
N LEU E 207 2.03 -20.84 -41.10
CA LEU E 207 2.54 -22.18 -41.22
C LEU E 207 1.64 -23.00 -42.06
N SER E 208 0.34 -23.00 -41.80
CA SER E 208 -0.53 -23.84 -42.61
C SER E 208 -0.54 -23.36 -44.06
N TRP E 209 -0.58 -22.03 -44.15
CA TRP E 209 -0.72 -21.37 -45.43
C TRP E 209 0.48 -21.67 -46.28
N PHE E 210 1.67 -21.70 -45.68
CA PHE E 210 2.89 -21.96 -46.46
C PHE E 210 3.11 -23.44 -46.71
N GLY E 211 2.28 -24.28 -46.11
CA GLY E 211 2.35 -25.74 -46.29
C GLY E 211 1.29 -26.29 -47.23
N HIS E 212 0.98 -27.58 -47.08
CA HIS E 212 0.07 -28.34 -47.95
C HIS E 212 -1.29 -28.39 -47.31
N HIS E 213 -1.95 -27.23 -47.18
CA HIS E 213 -3.32 -27.14 -46.67
C HIS E 213 -4.38 -27.54 -47.74
N SER E 214 -5.56 -28.00 -47.32
CA SER E 214 -6.67 -28.25 -48.27
C SER E 214 -7.21 -26.93 -48.80
N ASP E 215 -7.91 -27.02 -49.93
CA ASP E 215 -8.72 -25.93 -50.51
C ASP E 215 -9.65 -25.21 -49.53
N ALA E 216 -10.03 -25.92 -48.46
CA ALA E 216 -11.08 -25.44 -47.57
C ALA E 216 -10.54 -24.34 -46.66
N TYR E 217 -9.23 -24.19 -46.63
CA TYR E 217 -8.54 -23.31 -45.72
C TYR E 217 -8.23 -22.06 -46.53
N THR E 218 -8.89 -20.94 -46.20
CA THR E 218 -8.73 -19.71 -47.00
C THR E 218 -8.31 -18.55 -46.13
N LEU E 219 -7.88 -17.46 -46.77
CA LEU E 219 -7.70 -16.16 -46.11
C LEU E 219 -8.92 -15.60 -45.40
N ALA E 220 -10.13 -15.73 -45.97
CA ALA E 220 -11.36 -15.33 -45.29
C ALA E 220 -11.51 -16.09 -43.92
N GLY E 221 -11.23 -17.39 -43.95
CA GLY E 221 -11.21 -18.19 -42.76
C GLY E 221 -10.18 -17.69 -41.77
N ILE E 222 -8.96 -17.39 -42.25
CA ILE E 222 -7.87 -16.94 -41.33
C ILE E 222 -8.32 -15.64 -40.70
N GLY E 223 -8.92 -14.82 -41.57
CA GLY E 223 -9.55 -13.57 -41.20
C GLY E 223 -10.61 -13.64 -40.10
N HIS E 224 -11.59 -14.53 -40.32
CA HIS E 224 -12.67 -14.85 -39.40
C HIS E 224 -12.13 -15.13 -38.01
N ASN E 225 -11.15 -16.01 -37.91
CA ASN E 225 -10.57 -16.33 -36.61
C ASN E 225 -9.83 -15.14 -36.06
N LEU E 226 -8.99 -14.48 -36.85
CA LEU E 226 -8.12 -13.43 -36.29
C LEU E 226 -8.97 -12.28 -35.75
N LEU E 227 -10.08 -12.01 -36.46
CA LEU E 227 -11.08 -11.02 -36.01
C LEU E 227 -11.61 -11.36 -34.61
N TRP E 228 -12.28 -12.50 -34.47
CA TRP E 228 -13.04 -12.83 -33.27
C TRP E 228 -12.20 -13.18 -32.09
N VAL E 229 -11.12 -13.92 -32.31
CA VAL E 229 -10.20 -14.19 -31.19
C VAL E 229 -9.49 -12.89 -30.70
N THR E 230 -9.03 -12.03 -31.62
CA THR E 230 -8.45 -10.76 -31.21
C THR E 230 -9.46 -10.02 -30.32
N LEU E 231 -10.74 -10.05 -30.68
CA LEU E 231 -11.73 -9.23 -29.99
C LEU E 231 -11.97 -9.81 -28.60
N GLY E 232 -12.14 -11.14 -28.53
CA GLY E 232 -12.25 -11.86 -27.25
C GLY E 232 -11.04 -11.60 -26.37
N ASN E 233 -9.85 -11.62 -26.98
CA ASN E 233 -8.60 -11.36 -26.30
C ASN E 233 -8.63 -9.99 -25.65
N THR E 234 -9.10 -9.01 -26.43
CA THR E 234 -9.22 -7.64 -25.98
C THR E 234 -10.24 -7.50 -24.78
N LEU E 235 -11.41 -8.15 -24.83
CA LEU E 235 -12.36 -8.20 -23.71
C LEU E 235 -11.73 -8.53 -22.34
N SER E 236 -11.00 -9.64 -22.27
CA SER E 236 -10.45 -10.08 -21.00
C SER E 236 -9.24 -9.23 -20.54
N GLY E 237 -8.44 -8.77 -21.51
CA GLY E 237 -7.33 -7.85 -21.29
C GLY E 237 -7.81 -6.55 -20.64
N VAL E 238 -8.82 -5.96 -21.28
CA VAL E 238 -9.37 -4.67 -20.88
C VAL E 238 -10.19 -4.79 -19.64
N VAL E 239 -11.12 -5.74 -19.62
CA VAL E 239 -12.21 -5.65 -18.65
C VAL E 239 -11.91 -6.55 -17.46
N PHE E 240 -11.56 -7.80 -17.74
CA PHE E 240 -11.44 -8.77 -16.64
C PHE E 240 -10.20 -8.48 -15.84
N MET E 241 -9.11 -8.10 -16.53
CA MET E 241 -7.82 -7.78 -15.86
C MET E 241 -7.65 -6.25 -15.57
N GLY E 242 -7.55 -5.40 -16.62
CA GLY E 242 -7.57 -3.93 -16.47
C GLY E 242 -8.59 -3.35 -15.47
N LEU E 243 -9.85 -3.36 -15.86
CA LEU E 243 -10.86 -2.72 -15.00
C LEU E 243 -11.06 -3.58 -13.75
N GLY E 244 -10.91 -4.88 -13.94
CA GLY E 244 -11.00 -5.82 -12.87
C GLY E 244 -10.09 -5.50 -11.70
N TYR E 245 -8.78 -5.40 -11.89
CA TYR E 245 -7.94 -5.10 -10.70
C TYR E 245 -8.09 -3.63 -10.30
N TRP E 246 -8.45 -2.80 -11.28
CA TRP E 246 -8.62 -1.40 -11.00
C TRP E 246 -9.65 -1.16 -9.95
N TYR E 247 -10.79 -1.83 -10.09
CA TYR E 247 -11.91 -1.67 -9.17
C TYR E 247 -11.81 -2.61 -8.00
N ALA E 248 -10.76 -3.43 -7.95
CA ALA E 248 -10.47 -4.34 -6.81
C ALA E 248 -9.65 -3.75 -5.60
N THR E 249 -9.18 -2.51 -5.78
CA THR E 249 -8.34 -1.77 -4.81
C THR E 249 -9.18 -0.85 -3.93
N PRO E 250 -8.89 -0.80 -2.60
CA PRO E 250 -9.44 0.29 -1.69
C PRO E 250 -9.40 1.73 -2.28
N MET F 1 -33.59 23.58 -2.51
CA MET F 1 -32.69 23.61 -3.73
C MET F 1 -32.72 24.91 -4.64
N PHE F 2 -33.89 25.53 -4.94
CA PHE F 2 -34.94 25.91 -3.93
C PHE F 2 -36.14 25.01 -3.58
N THR F 3 -36.69 24.20 -4.49
CA THR F 3 -37.77 23.25 -4.11
C THR F 3 -37.44 22.29 -2.93
N ASP F 4 -36.26 21.66 -2.94
CA ASP F 4 -35.79 20.85 -1.80
C ASP F 4 -35.85 21.64 -0.46
N THR F 5 -35.36 22.89 -0.46
CA THR F 5 -35.24 23.66 0.77
C THR F 5 -36.62 24.04 1.25
N ILE F 6 -37.45 24.52 0.31
CA ILE F 6 -38.83 24.89 0.61
C ILE F 6 -39.63 23.69 1.18
N ASN F 7 -39.59 22.56 0.50
CA ASN F 7 -40.14 21.31 1.05
C ASN F 7 -39.69 20.97 2.48
N LYS F 8 -38.40 21.16 2.78
CA LYS F 8 -37.90 20.86 4.13
C LYS F 8 -38.46 21.86 5.12
N CYS F 9 -38.53 23.10 4.66
CA CYS F 9 -39.10 24.17 5.45
C CYS F 9 -40.60 23.95 5.69
N ALA F 10 -41.32 23.50 4.67
CA ALA F 10 -42.73 23.20 4.84
C ALA F 10 -42.99 21.95 5.71
N ALA F 11 -42.17 20.92 5.58
CA ALA F 11 -42.32 19.76 6.45
C ALA F 11 -42.04 20.19 7.90
N ASN F 12 -41.03 21.05 8.10
CA ASN F 12 -40.71 21.55 9.41
C ASN F 12 -41.90 22.35 9.97
N ALA F 13 -42.55 23.13 9.10
CA ALA F 13 -43.77 23.83 9.48
C ALA F 13 -44.85 22.87 9.98
N ALA F 14 -45.04 21.73 9.28
CA ALA F 14 -46.06 20.72 9.66
C ALA F 14 -45.70 20.07 10.99
N ARG F 15 -44.39 19.90 11.20
CA ARG F 15 -43.90 19.31 12.44
C ARG F 15 -44.13 20.20 13.66
N ILE F 16 -43.90 21.51 13.49
CA ILE F 16 -44.15 22.51 14.55
C ILE F 16 -45.60 22.48 15.05
N ALA F 17 -46.55 22.51 14.07
CA ALA F 17 -47.99 22.42 14.32
C ALA F 17 -48.38 21.18 15.12
N ARG F 18 -47.87 20.03 14.67
CA ARG F 18 -48.09 18.75 15.35
C ARG F 18 -47.50 18.80 16.76
N LEU F 19 -46.28 19.34 16.88
CA LEU F 19 -45.71 19.62 18.21
C LEU F 19 -46.67 20.52 19.06
N SER F 20 -47.18 21.58 18.45
CA SER F 20 -48.07 22.52 19.13
C SER F 20 -49.41 21.88 19.53
N ALA F 21 -50.07 21.19 18.60
CA ALA F 21 -51.36 20.51 18.90
C ALA F 21 -51.24 19.21 19.73
N ASN F 22 -50.22 18.41 19.46
CA ASN F 22 -50.15 17.06 20.03
C ASN F 22 -49.24 16.92 21.23
N ASN F 23 -48.37 17.89 21.45
CA ASN F 23 -47.44 17.76 22.56
C ASN F 23 -47.12 19.09 23.24
N PRO F 24 -48.15 19.72 23.81
CA PRO F 24 -47.88 21.09 24.27
C PRO F 24 -46.67 21.22 25.24
N LEU F 25 -46.39 20.23 26.08
CA LEU F 25 -45.29 20.34 27.03
C LEU F 25 -43.96 20.48 26.29
N GLY F 26 -43.76 19.64 25.28
CA GLY F 26 -42.56 19.65 24.50
C GLY F 26 -42.42 20.97 23.79
N PHE F 27 -43.56 21.55 23.37
CA PHE F 27 -43.56 22.81 22.63
C PHE F 27 -43.00 23.89 23.56
N TRP F 28 -43.51 23.93 24.79
CA TRP F 28 -43.05 24.97 25.75
C TRP F 28 -41.62 24.78 26.18
N VAL F 29 -41.22 23.53 26.37
CA VAL F 29 -39.88 23.24 26.80
C VAL F 29 -38.97 23.61 25.67
N SER F 30 -39.33 23.20 24.47
CA SER F 30 -38.46 23.42 23.35
C SER F 30 -38.36 24.92 22.97
N SER F 31 -39.46 25.63 23.25
CA SER F 31 -39.59 27.10 23.11
C SER F 31 -38.76 27.86 24.14
N ALA F 32 -38.89 27.47 25.41
CA ALA F 32 -38.08 28.00 26.47
C ALA F 32 -36.59 27.77 26.20
N MET F 33 -36.19 26.58 25.72
CA MET F 33 -34.78 26.30 25.37
C MET F 33 -34.20 27.34 24.39
N ALA F 34 -34.87 27.53 23.26
CA ALA F 34 -34.44 28.54 22.28
C ALA F 34 -34.15 29.92 22.92
N GLY F 35 -35.06 30.38 23.80
CA GLY F 35 -34.91 31.65 24.49
C GLY F 35 -33.68 31.68 25.39
N ALA F 36 -33.52 30.69 26.27
CA ALA F 36 -32.29 30.59 27.07
C ALA F 36 -31.03 30.46 26.21
N TYR F 37 -31.05 29.65 25.15
CA TYR F 37 -29.82 29.47 24.34
C TYR F 37 -29.37 30.80 23.70
N VAL F 38 -30.34 31.58 23.20
CA VAL F 38 -29.97 32.87 22.70
C VAL F 38 -29.43 33.73 23.87
N GLY F 39 -29.97 33.59 25.07
CA GLY F 39 -29.54 34.44 26.19
C GLY F 39 -28.11 34.20 26.60
N LEU F 40 -27.78 32.90 26.79
CA LEU F 40 -26.39 32.43 26.99
C LEU F 40 -25.41 33.16 26.05
N GLY F 41 -25.86 33.40 24.82
CA GLY F 41 -25.05 34.09 23.82
C GLY F 41 -25.01 35.56 24.15
N ILE F 42 -26.16 36.14 24.53
CA ILE F 42 -26.24 37.54 24.97
C ILE F 42 -25.39 37.78 26.21
N ILE F 43 -25.45 36.89 27.23
CA ILE F 43 -24.58 37.07 28.39
C ILE F 43 -23.10 37.10 27.94
N LEU F 44 -22.71 36.13 27.13
CA LEU F 44 -21.33 36.06 26.64
C LEU F 44 -20.85 37.34 26.00
N ILE F 45 -21.52 37.72 24.92
CA ILE F 45 -21.07 38.88 24.15
C ILE F 45 -21.11 40.18 24.95
N PHE F 46 -22.07 40.30 25.89
CA PHE F 46 -22.13 41.51 26.73
C PHE F 46 -21.01 41.55 27.76
N THR F 47 -20.68 40.40 28.34
CA THR F 47 -19.59 40.35 29.26
C THR F 47 -18.31 40.70 28.48
N LEU F 48 -18.12 40.21 27.27
CA LEU F 48 -16.90 40.56 26.52
C LEU F 48 -16.89 42.05 26.16
N GLY F 49 -18.02 42.53 25.62
CA GLY F 49 -18.13 43.94 25.16
C GLY F 49 -17.94 44.91 26.31
N ASN F 50 -18.36 44.52 27.55
CA ASN F 50 -18.21 45.40 28.69
C ASN F 50 -16.75 45.73 28.99
N LEU F 51 -15.84 44.88 28.54
CA LEU F 51 -14.41 45.10 28.81
C LEU F 51 -13.66 45.81 27.65
N LEU F 52 -14.34 46.05 26.56
CA LEU F 52 -13.66 46.58 25.38
C LEU F 52 -13.96 48.06 25.13
N ASP F 53 -13.03 48.77 24.46
CA ASP F 53 -13.28 50.08 23.80
C ASP F 53 -14.54 49.99 22.98
N PRO F 54 -15.33 51.09 22.89
CA PRO F 54 -16.32 51.18 21.81
C PRO F 54 -15.88 50.74 20.44
N SER F 55 -14.65 50.95 20.06
CA SER F 55 -14.36 50.79 18.62
C SER F 55 -14.14 49.28 18.15
N VAL F 56 -14.05 48.33 19.09
CA VAL F 56 -13.75 46.92 18.77
C VAL F 56 -14.93 46.09 19.30
N ARG F 57 -15.78 46.76 20.07
CA ARG F 57 -17.05 46.25 20.57
C ARG F 57 -17.97 45.55 19.51
N PRO F 58 -18.39 46.28 18.46
CA PRO F 58 -19.15 45.57 17.42
C PRO F 58 -18.44 44.30 16.80
N LEU F 59 -17.13 44.39 16.55
CA LEU F 59 -16.33 43.30 16.01
C LEU F 59 -16.26 42.07 16.95
N VAL F 60 -15.83 42.24 18.19
CA VAL F 60 -15.74 41.09 19.09
C VAL F 60 -17.12 40.61 19.51
N MET F 61 -18.04 41.53 19.80
CA MET F 61 -19.46 41.14 20.03
C MET F 61 -20.12 40.37 18.88
N GLY F 62 -19.94 40.84 17.66
CA GLY F 62 -20.40 40.11 16.51
C GLY F 62 -19.77 38.74 16.35
N ALA F 63 -18.43 38.72 16.36
CA ALA F 63 -17.66 37.51 16.06
C ALA F 63 -17.90 36.45 17.17
N THR F 64 -18.46 36.85 18.28
CA THR F 64 -18.63 35.81 19.34
C THR F 64 -20.09 35.48 19.65
N PHE F 65 -21.00 36.15 18.93
CA PHE F 65 -22.43 35.85 19.08
C PHE F 65 -22.91 34.52 18.41
N GLY F 66 -22.11 34.02 17.44
CA GLY F 66 -22.37 32.76 16.72
C GLY F 66 -22.96 31.63 17.54
N ILE F 67 -22.53 31.48 18.79
CA ILE F 67 -23.04 30.37 19.64
C ILE F 67 -24.58 30.39 19.74
N ALA F 68 -25.18 31.58 19.83
CA ALA F 68 -26.64 31.70 20.02
C ALA F 68 -27.49 30.84 19.08
N LEU F 69 -27.37 31.05 17.77
CA LEU F 69 -28.19 30.34 16.81
C LEU F 69 -27.59 28.96 16.61
N THR F 70 -26.27 28.83 16.84
CA THR F 70 -25.62 27.50 16.85
C THR F 70 -26.33 26.53 17.86
N LEU F 71 -26.55 27.00 19.08
CA LEU F 71 -27.21 26.18 20.06
C LEU F 71 -28.63 25.90 19.57
N VAL F 72 -29.29 26.95 19.01
CA VAL F 72 -30.73 26.85 18.65
C VAL F 72 -30.90 25.74 17.59
N ILE F 73 -30.09 25.75 16.54
CA ILE F 73 -30.29 24.88 15.41
C ILE F 73 -29.62 23.52 15.67
N ILE F 74 -28.46 23.48 16.31
CA ILE F 74 -27.72 22.19 16.42
C ILE F 74 -28.16 21.41 17.66
N ALA F 75 -28.32 22.06 18.81
CA ALA F 75 -28.82 21.37 19.98
C ALA F 75 -30.33 21.01 19.78
N GLY F 76 -31.05 21.95 19.17
CA GLY F 76 -32.44 21.75 18.86
C GLY F 76 -33.27 22.53 19.84
N SER F 77 -34.29 23.22 19.31
CA SER F 77 -35.16 24.12 20.05
C SER F 77 -36.14 24.79 19.09
N GLU F 78 -37.10 25.55 19.61
CA GLU F 78 -38.03 26.28 18.73
C GLU F 78 -37.91 27.82 18.83
N LEU F 79 -37.55 28.48 17.72
CA LEU F 79 -37.22 29.92 17.74
C LEU F 79 -38.20 30.76 16.94
N PHE F 80 -38.94 31.62 17.65
CA PHE F 80 -39.95 32.48 17.05
C PHE F 80 -39.52 33.06 15.71
N THR F 81 -38.31 33.62 15.65
CA THR F 81 -37.88 34.36 14.49
C THR F 81 -37.72 33.43 13.29
N GLY F 82 -37.37 32.17 13.57
CA GLY F 82 -37.28 31.07 12.59
C GLY F 82 -38.63 30.58 12.10
N HIS F 83 -39.55 30.37 13.05
CA HIS F 83 -40.92 30.09 12.70
C HIS F 83 -41.51 31.08 11.71
N THR F 84 -41.14 32.36 11.74
CA THR F 84 -41.79 33.35 10.82
C THR F 84 -41.57 32.88 9.39
N MET F 85 -40.38 32.36 9.14
CA MET F 85 -40.03 31.83 7.83
C MET F 85 -40.64 30.43 7.55
N PHE F 86 -40.48 29.49 8.50
CA PHE F 86 -40.90 28.11 8.24
C PHE F 86 -42.42 28.01 7.96
N LEU F 87 -43.17 28.65 8.84
CA LEU F 87 -44.61 28.61 8.84
C LEU F 87 -45.18 29.26 7.56
N THR F 88 -44.57 30.36 7.11
CA THR F 88 -44.92 31.02 5.84
C THR F 88 -44.86 30.00 4.70
N LEU F 89 -43.70 29.39 4.53
CA LEU F 89 -43.53 28.36 3.50
C LEU F 89 -44.48 27.13 3.66
N GLY F 90 -44.76 26.73 4.91
CA GLY F 90 -45.80 25.71 5.14
C GLY F 90 -47.19 26.06 4.60
N VAL F 91 -47.64 27.28 4.92
CA VAL F 91 -48.88 27.84 4.41
C VAL F 91 -48.84 27.82 2.89
N LYS F 92 -47.75 28.35 2.32
CA LYS F 92 -47.56 28.41 0.87
C LYS F 92 -47.54 27.02 0.22
N ALA F 93 -46.84 26.05 0.80
CA ALA F 93 -46.78 24.72 0.17
C ALA F 93 -48.02 23.87 0.51
N GLY F 94 -48.75 24.25 1.55
CA GLY F 94 -50.05 23.66 1.88
C GLY F 94 -50.01 22.65 3.02
N THR F 95 -48.90 22.60 3.72
CA THR F 95 -48.75 21.64 4.79
C THR F 95 -49.38 22.12 6.12
N ILE F 96 -49.65 23.42 6.23
CA ILE F 96 -50.33 24.01 7.39
C ILE F 96 -51.29 25.05 6.83
N SER F 97 -52.25 25.51 7.64
CA SER F 97 -53.14 26.63 7.22
C SER F 97 -52.65 27.96 7.78
N HIS F 98 -53.18 29.08 7.30
CA HIS F 98 -52.86 30.41 7.83
C HIS F 98 -53.18 30.46 9.30
N GLY F 99 -54.31 29.87 9.68
CA GLY F 99 -54.79 29.89 11.06
C GLY F 99 -53.80 29.23 12.00
N GLN F 100 -53.24 28.10 11.58
CA GLN F 100 -52.16 27.46 12.34
C GLN F 100 -50.93 28.34 12.50
N MET F 101 -50.55 29.03 11.43
CA MET F 101 -49.37 29.88 11.46
C MET F 101 -49.57 30.99 12.45
N TRP F 102 -50.64 31.75 12.27
CA TRP F 102 -50.97 32.79 13.21
C TRP F 102 -51.34 32.27 14.62
N ALA F 103 -51.73 31.00 14.80
CA ALA F 103 -51.94 30.47 16.19
C ALA F 103 -50.62 30.08 16.90
N ILE F 104 -49.69 29.46 16.15
CA ILE F 104 -48.39 29.01 16.69
C ILE F 104 -47.43 30.17 17.00
N LEU F 105 -47.35 31.16 16.10
CA LEU F 105 -46.44 32.29 16.28
C LEU F 105 -46.38 32.96 17.67
N PRO F 106 -47.51 33.45 18.19
CA PRO F 106 -47.34 33.99 19.54
C PRO F 106 -47.01 32.96 20.64
N GLN F 107 -47.31 31.68 20.45
CA GLN F 107 -46.87 30.67 21.49
C GLN F 107 -45.34 30.55 21.52
N THR F 108 -44.71 30.57 20.35
CA THR F 108 -43.27 30.43 20.27
C THR F 108 -42.66 31.64 20.94
N TRP F 109 -43.15 32.81 20.54
CA TRP F 109 -42.69 34.03 21.12
C TRP F 109 -42.74 34.00 22.64
N LEU F 110 -43.82 33.49 23.23
CA LEU F 110 -43.97 33.51 24.68
C LEU F 110 -43.04 32.57 25.38
N GLY F 111 -42.96 31.37 24.82
CA GLY F 111 -42.00 30.36 25.26
C GLY F 111 -40.58 30.87 25.24
N ASN F 112 -40.20 31.52 24.14
CA ASN F 112 -38.90 32.12 24.03
C ASN F 112 -38.69 33.13 25.16
N LEU F 113 -39.75 33.91 25.46
CA LEU F 113 -39.68 34.90 26.50
C LEU F 113 -39.44 34.20 27.87
N VAL F 114 -40.14 33.11 28.14
CA VAL F 114 -39.91 32.32 29.37
C VAL F 114 -38.44 31.90 29.53
N GLY F 115 -37.85 31.37 28.45
CA GLY F 115 -36.47 30.94 28.48
C GLY F 115 -35.48 32.08 28.73
N SER F 116 -35.73 33.21 28.10
CA SER F 116 -34.86 34.41 28.22
C SER F 116 -34.83 34.93 29.64
N VAL F 117 -36.03 35.08 30.19
CA VAL F 117 -36.19 35.56 31.53
C VAL F 117 -35.57 34.52 32.48
N PHE F 118 -35.76 33.23 32.20
CA PHE F 118 -35.20 32.17 33.10
C PHE F 118 -33.67 32.21 33.14
N VAL F 119 -33.01 32.35 31.97
CA VAL F 119 -31.55 32.46 31.93
C VAL F 119 -30.96 33.75 32.61
N ALA F 120 -31.55 34.92 32.30
CA ALA F 120 -31.33 36.19 33.02
C ALA F 120 -31.43 36.02 34.55
N LEU F 121 -32.51 35.39 35.01
CA LEU F 121 -32.65 35.01 36.41
C LEU F 121 -31.51 34.17 36.90
N LEU F 122 -31.09 33.13 36.14
CA LEU F 122 -30.04 32.26 36.62
C LEU F 122 -28.74 33.04 36.83
N TYR F 123 -28.46 33.87 35.83
CA TYR F 123 -27.32 34.74 35.85
C TYR F 123 -27.28 35.70 37.05
N SER F 124 -28.46 36.29 37.33
CA SER F 124 -28.66 37.14 38.46
C SER F 124 -28.46 36.41 39.80
N TRP F 125 -29.03 35.24 40.00
CA TRP F 125 -28.73 34.48 41.24
C TRP F 125 -27.29 34.04 41.28
N GLY F 126 -26.67 34.09 40.07
CA GLY F 126 -25.35 33.59 39.84
C GLY F 126 -24.34 34.67 40.15
N GLY F 127 -24.80 35.77 40.80
CA GLY F 127 -23.99 36.97 41.05
C GLY F 127 -23.34 37.51 39.77
N GLY F 128 -24.06 37.46 38.65
CA GLY F 128 -23.50 37.90 37.38
C GLY F 128 -23.01 39.32 37.54
N SER F 129 -21.81 39.56 37.05
CA SER F 129 -21.17 40.83 37.36
C SER F 129 -21.69 42.02 36.50
N LEU F 130 -22.40 41.76 35.40
CA LEU F 130 -22.94 42.83 34.54
C LEU F 130 -24.16 43.61 35.07
N LEU F 131 -24.73 43.13 36.18
CA LEU F 131 -26.00 43.60 36.71
C LEU F 131 -25.86 44.70 37.74
N PRO F 132 -25.08 44.43 38.82
CA PRO F 132 -25.05 45.42 39.92
C PRO F 132 -24.28 46.70 39.57
N VAL F 133 -23.55 46.71 38.45
CA VAL F 133 -22.68 47.83 38.13
C VAL F 133 -23.49 48.74 37.18
N ASP F 134 -23.98 49.86 37.70
CA ASP F 134 -24.75 50.80 36.86
C ASP F 134 -24.12 51.36 35.56
N THR F 135 -22.79 51.37 35.45
CA THR F 135 -22.12 51.87 34.25
C THR F 135 -21.97 50.79 33.21
N SER F 136 -22.55 49.61 33.46
CA SER F 136 -22.30 48.47 32.56
C SER F 136 -22.95 48.64 31.20
N ILE F 137 -22.39 48.00 30.17
CA ILE F 137 -23.01 48.17 28.84
C ILE F 137 -24.38 47.48 28.77
N VAL F 138 -24.70 46.56 29.70
CA VAL F 138 -26.04 45.98 29.78
C VAL F 138 -27.07 47.09 29.94
N HIS F 139 -26.82 48.05 30.84
CA HIS F 139 -27.83 49.09 31.13
C HIS F 139 -27.92 50.12 30.05
N SER F 140 -26.78 50.46 29.45
CA SER F 140 -26.74 51.52 28.47
C SER F 140 -27.30 51.12 27.09
N VAL F 141 -26.93 49.95 26.58
CA VAL F 141 -27.51 49.42 25.34
C VAL F 141 -29.03 49.14 25.52
N ALA F 142 -29.40 48.48 26.63
CA ALA F 142 -30.83 48.27 27.01
C ALA F 142 -31.59 49.56 27.01
N LEU F 143 -31.10 50.59 27.71
CA LEU F 143 -31.72 51.92 27.65
C LEU F 143 -31.92 52.44 26.23
N ALA F 144 -30.86 52.45 25.45
CA ALA F 144 -30.98 53.02 24.09
C ALA F 144 -31.97 52.21 23.21
N LYS F 145 -32.07 50.89 23.37
CA LYS F 145 -32.97 50.08 22.56
C LYS F 145 -34.45 50.37 22.84
N THR F 146 -34.74 50.70 24.09
CA THR F 146 -36.11 51.03 24.53
C THR F 146 -36.60 52.42 24.16
N THR F 147 -35.68 53.37 23.96
CA THR F 147 -36.09 54.73 23.63
C THR F 147 -35.89 55.06 22.19
N ALA F 148 -35.41 54.11 21.40
CA ALA F 148 -35.29 54.34 19.93
C ALA F 148 -36.68 54.48 19.28
N PRO F 149 -36.82 55.28 18.20
CA PRO F 149 -38.15 55.35 17.55
C PRO F 149 -38.62 54.04 16.87
N ALA F 150 -39.94 53.90 16.72
CA ALA F 150 -40.57 52.73 16.13
C ALA F 150 -40.04 52.39 14.75
N THR F 151 -39.92 53.40 13.88
CA THR F 151 -39.44 53.15 12.51
C THR F 151 -38.04 52.54 12.51
N VAL F 152 -37.14 53.12 13.32
CA VAL F 152 -35.75 52.68 13.34
C VAL F 152 -35.74 51.20 13.80
N LEU F 153 -36.51 50.93 14.85
CA LEU F 153 -36.57 49.62 15.47
C LEU F 153 -37.17 48.61 14.54
N PHE F 154 -38.23 49.03 13.84
CA PHE F 154 -38.90 48.15 12.86
C PHE F 154 -37.92 47.69 11.79
N PHE F 155 -37.26 48.64 11.16
CA PHE F 155 -36.40 48.33 10.05
C PHE F 155 -35.12 47.63 10.42
N LYS F 156 -34.61 47.93 11.60
CA LYS F 156 -33.50 47.16 12.11
C LYS F 156 -33.88 45.71 12.38
N GLY F 157 -35.11 45.52 12.87
CA GLY F 157 -35.71 44.20 13.08
C GLY F 157 -35.84 43.46 11.75
N ALA F 158 -36.32 44.15 10.71
CA ALA F 158 -36.34 43.58 9.35
C ALA F 158 -34.95 43.08 8.93
N LEU F 159 -33.96 43.96 9.02
CA LEU F 159 -32.60 43.65 8.63
C LEU F 159 -32.01 42.49 9.43
N CYS F 160 -32.25 42.51 10.75
CA CYS F 160 -31.73 41.47 11.63
C CYS F 160 -32.25 40.10 11.18
N ASN F 161 -33.57 40.00 11.08
CA ASN F 161 -34.11 38.66 10.89
C ASN F 161 -33.98 38.12 9.47
N TRP F 162 -33.60 38.98 8.53
CA TRP F 162 -33.28 38.63 7.17
C TRP F 162 -32.06 37.79 7.29
N LEU F 163 -30.97 38.40 7.80
CA LEU F 163 -29.73 37.71 8.12
C LEU F 163 -29.88 36.47 8.99
N VAL F 164 -30.62 36.57 10.07
CA VAL F 164 -30.82 35.33 10.89
C VAL F 164 -31.61 34.25 10.14
N CYS F 165 -32.62 34.64 9.38
CA CYS F 165 -33.28 33.66 8.51
C CYS F 165 -32.37 33.18 7.35
N LEU F 166 -31.51 34.08 6.83
CA LEU F 166 -30.47 33.63 5.91
C LEU F 166 -29.58 32.51 6.50
N ALA F 167 -29.19 32.65 7.77
CA ALA F 167 -28.40 31.60 8.46
C ALA F 167 -29.17 30.29 8.50
N ILE F 168 -30.45 30.33 8.90
CA ILE F 168 -31.22 29.12 9.05
C ILE F 168 -31.30 28.40 7.70
N TRP F 169 -31.60 29.20 6.68
CA TRP F 169 -31.76 28.76 5.33
C TRP F 169 -30.49 28.09 4.81
N MET F 170 -29.37 28.79 4.95
CA MET F 170 -28.06 28.27 4.48
C MET F 170 -27.64 27.03 5.24
N ALA F 171 -27.95 26.97 6.52
CA ALA F 171 -27.59 25.81 7.33
C ALA F 171 -28.38 24.57 6.86
N ILE F 172 -29.65 24.76 6.50
CA ILE F 172 -30.43 23.65 5.88
C ILE F 172 -29.86 23.30 4.51
N ARG F 173 -29.29 24.25 3.78
CA ARG F 173 -28.69 23.88 2.48
C ARG F 173 -27.25 23.36 2.48
N THR F 174 -26.67 23.18 3.67
CA THR F 174 -25.26 22.75 3.77
C THR F 174 -25.13 21.57 4.81
N GLU F 175 -23.96 20.92 4.89
CA GLU F 175 -23.70 19.83 5.83
C GLU F 175 -22.60 20.20 6.80
N GLY F 176 -22.54 19.50 7.93
CA GLY F 176 -21.40 19.60 8.83
C GLY F 176 -21.07 21.02 9.28
N THR F 177 -19.79 21.32 9.25
CA THR F 177 -19.20 22.53 9.76
C THR F 177 -19.66 23.73 8.93
N ALA F 178 -20.04 23.49 7.67
CA ALA F 178 -20.53 24.59 6.83
C ALA F 178 -21.74 25.23 7.48
N LYS F 179 -22.61 24.42 8.08
CA LYS F 179 -23.69 24.97 8.93
C LYS F 179 -23.18 26.01 9.95
N PHE F 180 -22.15 25.64 10.72
CA PHE F 180 -21.59 26.53 11.76
C PHE F 180 -21.06 27.83 11.16
N LEU F 181 -20.44 27.78 9.98
CA LEU F 181 -19.92 29.03 9.40
C LEU F 181 -20.99 29.98 8.89
N ALA F 182 -22.06 29.43 8.29
CA ALA F 182 -23.13 30.24 7.77
C ALA F 182 -23.70 30.96 8.91
N ILE F 183 -23.92 30.25 10.04
CA ILE F 183 -24.50 30.88 11.19
C ILE F 183 -23.61 32.02 11.70
N TRP F 184 -22.33 31.68 11.84
CA TRP F 184 -21.33 32.60 12.38
C TRP F 184 -21.35 33.89 11.62
N TRP F 185 -21.26 33.79 10.29
CA TRP F 185 -21.24 34.93 9.40
C TRP F 185 -22.41 35.82 9.70
N CYS F 186 -23.59 35.21 9.80
CA CYS F 186 -24.84 36.03 9.78
C CYS F 186 -25.02 36.77 11.12
N LEU F 187 -24.69 36.08 12.24
CA LEU F 187 -24.68 36.70 13.55
C LEU F 187 -23.62 37.78 13.70
N LEU F 188 -22.44 37.53 13.21
CA LEU F 188 -21.47 38.63 13.07
C LEU F 188 -22.11 39.83 12.32
N ALA F 189 -22.79 39.57 11.21
CA ALA F 189 -23.22 40.71 10.34
C ALA F 189 -24.33 41.44 11.08
N PHE F 190 -25.17 40.71 11.81
CA PHE F 190 -26.36 41.40 12.35
C PHE F 190 -25.99 42.17 13.65
N ILE F 191 -25.30 41.50 14.61
CA ILE F 191 -24.80 42.16 15.84
C ILE F 191 -24.00 43.41 15.50
N ALA F 192 -23.05 43.30 14.58
CA ALA F 192 -22.08 44.38 14.36
C ALA F 192 -22.72 45.51 13.58
N SER F 193 -23.61 45.21 12.64
CA SER F 193 -24.34 46.24 11.88
C SER F 193 -25.33 47.02 12.71
N GLY F 194 -25.62 46.60 13.93
CA GLY F 194 -26.63 47.27 14.76
C GLY F 194 -28.09 46.87 14.51
N TYR F 195 -28.35 45.69 13.94
CA TYR F 195 -29.75 45.28 13.69
C TYR F 195 -30.34 44.71 14.92
N GLU F 196 -31.64 44.55 14.94
CA GLU F 196 -32.28 44.23 16.23
C GLU F 196 -32.96 42.88 16.24
N HIS F 197 -32.67 42.03 17.22
CA HIS F 197 -33.36 40.72 17.29
C HIS F 197 -34.26 40.59 18.52
N SER F 198 -35.54 40.31 18.29
CA SER F 198 -36.51 40.35 19.39
C SER F 198 -36.15 39.38 20.50
N VAL F 199 -35.78 38.14 20.13
CA VAL F 199 -35.55 37.11 21.18
C VAL F 199 -34.28 37.40 22.06
N ALA F 200 -33.21 37.83 21.39
CA ALA F 200 -31.97 38.27 22.02
C ALA F 200 -32.27 39.49 22.85
N ASN F 201 -33.01 40.45 22.31
CA ASN F 201 -33.45 41.56 23.16
C ASN F 201 -34.24 41.10 24.41
N MET F 202 -35.01 40.00 24.36
CA MET F 202 -35.73 39.58 25.60
C MET F 202 -34.75 39.32 26.72
N THR F 203 -33.62 38.65 26.43
CA THR F 203 -32.64 38.36 27.48
C THR F 203 -31.94 39.64 27.95
N LEU F 204 -31.49 40.46 26.99
CA LEU F 204 -30.85 41.70 27.34
C LEU F 204 -31.77 42.48 28.35
N PHE F 205 -33.07 42.60 28.04
CA PHE F 205 -33.97 43.48 28.74
C PHE F 205 -34.20 42.90 30.19
N ALA F 206 -34.31 41.57 30.29
CA ALA F 206 -34.36 40.91 31.61
C ALA F 206 -33.10 41.16 32.48
N LEU F 207 -31.94 41.18 31.83
CA LEU F 207 -30.69 41.39 32.53
C LEU F 207 -30.65 42.80 33.14
N SER F 208 -31.02 43.77 32.33
CA SER F 208 -31.03 45.13 32.83
C SER F 208 -32.08 45.34 33.95
N TRP F 209 -33.29 44.80 33.72
CA TRP F 209 -34.34 44.82 34.71
C TRP F 209 -33.90 44.29 36.06
N PHE F 210 -33.21 43.17 36.11
CA PHE F 210 -32.77 42.59 37.38
C PHE F 210 -31.54 43.29 37.96
N GLY F 211 -30.88 44.18 37.19
CA GLY F 211 -29.74 44.92 37.74
C GLY F 211 -30.09 46.34 38.23
N HIS F 212 -29.07 47.13 38.60
CA HIS F 212 -29.20 48.56 38.88
C HIS F 212 -29.23 49.28 37.56
N HIS F 213 -30.41 49.29 36.94
CA HIS F 213 -30.64 49.93 35.65
C HIS F 213 -30.98 51.37 35.81
N SER F 214 -30.95 52.09 34.68
CA SER F 214 -31.33 53.51 34.62
C SER F 214 -32.79 53.77 35.13
N ASP F 215 -33.06 54.94 35.70
CA ASP F 215 -34.47 55.29 36.08
C ASP F 215 -35.27 55.60 34.80
N ALA F 216 -34.55 55.93 33.71
CA ALA F 216 -35.22 56.19 32.43
C ALA F 216 -35.70 54.90 31.73
N TYR F 217 -35.19 53.74 32.17
CA TYR F 217 -35.55 52.39 31.68
C TYR F 217 -36.76 51.76 32.36
N THR F 218 -37.65 51.19 31.58
CA THR F 218 -39.06 51.09 31.94
C THR F 218 -39.69 49.85 31.32
N LEU F 219 -40.74 49.29 31.94
CA LEU F 219 -41.55 48.22 31.28
C LEU F 219 -42.20 48.64 29.88
N ALA F 220 -42.80 49.81 29.86
CA ALA F 220 -43.19 50.51 28.63
C ALA F 220 -42.08 50.65 27.56
N GLY F 221 -40.87 51.08 27.92
CA GLY F 221 -39.74 51.07 26.98
C GLY F 221 -39.42 49.68 26.46
N ILE F 222 -39.29 48.73 27.37
CA ILE F 222 -39.13 47.32 26.98
C ILE F 222 -40.28 46.87 26.03
N GLY F 223 -41.54 47.20 26.37
CA GLY F 223 -42.67 46.87 25.51
C GLY F 223 -42.58 47.54 24.14
N HIS F 224 -42.14 48.78 24.12
CA HIS F 224 -42.02 49.55 22.85
C HIS F 224 -41.06 48.86 21.90
N ASN F 225 -39.92 48.43 22.46
CA ASN F 225 -38.89 47.77 21.65
C ASN F 225 -39.30 46.37 21.16
N LEU F 226 -39.63 45.48 22.08
CA LEU F 226 -40.15 44.15 21.71
C LEU F 226 -41.28 44.20 20.67
N LEU F 227 -42.20 45.17 20.74
CA LEU F 227 -43.28 45.26 19.72
C LEU F 227 -42.71 45.54 18.34
N TRP F 228 -42.09 46.71 18.14
CA TRP F 228 -41.57 47.08 16.81
C TRP F 228 -40.51 46.20 16.25
N VAL F 229 -39.63 45.72 17.11
CA VAL F 229 -38.62 44.75 16.72
C VAL F 229 -39.29 43.43 16.31
N THR F 230 -40.30 42.97 17.04
CA THR F 230 -40.95 41.70 16.67
C THR F 230 -41.59 41.81 15.29
N LEU F 231 -42.33 42.89 15.10
CA LEU F 231 -43.06 43.12 13.90
C LEU F 231 -42.05 43.18 12.75
N GLY F 232 -40.93 43.86 12.99
CA GLY F 232 -39.86 43.96 11.99
C GLY F 232 -39.23 42.63 11.63
N ASN F 233 -38.92 41.81 12.65
CA ASN F 233 -38.48 40.41 12.50
C ASN F 233 -39.41 39.63 11.57
N THR F 234 -40.71 39.76 11.83
CA THR F 234 -41.75 39.08 11.13
C THR F 234 -41.83 39.49 9.65
N LEU F 235 -41.73 40.77 9.37
CA LEU F 235 -41.68 41.26 7.98
C LEU F 235 -40.64 40.51 7.14
N SER F 236 -39.42 40.37 7.65
CA SER F 236 -38.34 39.86 6.79
C SER F 236 -38.38 38.34 6.71
N GLY F 237 -38.72 37.72 7.83
CA GLY F 237 -38.94 36.32 7.94
C GLY F 237 -40.01 35.85 6.99
N VAL F 238 -41.19 36.49 7.05
CA VAL F 238 -42.33 36.12 6.19
C VAL F 238 -42.14 36.51 4.72
N VAL F 239 -41.91 37.79 4.44
CA VAL F 239 -41.85 38.35 3.05
C VAL F 239 -40.49 38.17 2.32
N PHE F 240 -39.37 38.61 2.94
CA PHE F 240 -38.07 38.65 2.24
C PHE F 240 -37.55 37.24 1.97
N MET F 241 -37.69 36.37 2.98
CA MET F 241 -37.24 35.00 2.92
C MET F 241 -38.33 34.01 2.51
N GLY F 242 -39.40 33.90 3.31
CA GLY F 242 -40.57 33.07 2.94
C GLY F 242 -41.12 33.31 1.51
N LEU F 243 -41.71 34.48 1.26
CA LEU F 243 -42.28 34.79 -0.07
C LEU F 243 -41.17 34.92 -1.09
N GLY F 244 -40.07 35.55 -0.67
CA GLY F 244 -38.93 35.75 -1.53
C GLY F 244 -38.48 34.48 -2.23
N TYR F 245 -38.15 33.45 -1.45
CA TYR F 245 -37.71 32.20 -2.06
C TYR F 245 -38.85 31.43 -2.76
N TRP F 246 -40.08 31.54 -2.24
CA TRP F 246 -41.22 30.95 -2.95
C TRP F 246 -41.34 31.43 -4.40
N TYR F 247 -41.27 32.74 -4.64
CA TYR F 247 -41.40 33.32 -5.98
C TYR F 247 -40.12 33.26 -6.83
N ALA F 248 -39.00 32.98 -6.18
CA ALA F 248 -37.72 32.79 -6.89
C ALA F 248 -37.66 31.43 -7.57
N THR F 249 -38.66 30.60 -7.31
CA THR F 249 -38.72 29.21 -7.79
C THR F 249 -39.18 29.10 -9.25
N PRO F 250 -38.46 28.28 -10.07
CA PRO F 250 -38.90 28.21 -11.47
C PRO F 250 -40.10 27.26 -11.63
N PHE G 2 -10.23 20.58 -17.15
CA PHE G 2 -11.36 21.30 -16.42
C PHE G 2 -12.72 21.21 -17.15
N THR G 3 -12.92 20.15 -17.96
CA THR G 3 -14.21 19.81 -18.61
C THR G 3 -15.43 19.83 -17.65
N ASP G 4 -15.36 19.11 -16.53
CA ASP G 4 -16.49 19.06 -15.57
C ASP G 4 -16.96 20.41 -15.09
N THR G 5 -16.02 21.31 -14.78
CA THR G 5 -16.35 22.60 -14.19
C THR G 5 -17.00 23.45 -15.24
N ILE G 6 -16.36 23.52 -16.42
CA ILE G 6 -16.92 24.19 -17.57
C ILE G 6 -18.36 23.74 -17.85
N ASN G 7 -18.57 22.43 -17.96
CA ASN G 7 -19.93 21.88 -18.23
C ASN G 7 -20.98 22.31 -17.21
N LYS G 8 -20.61 22.32 -15.91
CA LYS G 8 -21.51 22.78 -14.86
C LYS G 8 -21.79 24.27 -15.01
N CYS G 9 -20.76 25.06 -15.28
CA CYS G 9 -20.92 26.42 -15.76
C CYS G 9 -21.87 26.63 -16.95
N ALA G 10 -21.73 25.81 -18.00
CA ALA G 10 -22.55 25.89 -19.23
C ALA G 10 -23.97 25.46 -18.91
N ALA G 11 -24.12 24.43 -18.05
CA ALA G 11 -25.47 24.02 -17.55
C ALA G 11 -26.12 25.20 -16.80
N ASN G 12 -25.31 25.93 -16.05
CA ASN G 12 -25.82 27.00 -15.23
C ASN G 12 -26.27 28.17 -16.13
N ALA G 13 -25.49 28.43 -17.19
CA ALA G 13 -25.83 29.45 -18.15
C ALA G 13 -27.21 29.18 -18.80
N ALA G 14 -27.44 27.91 -19.18
CA ALA G 14 -28.74 27.51 -19.72
C ALA G 14 -29.84 27.58 -18.65
N ARG G 15 -29.52 27.30 -17.37
CA ARG G 15 -30.55 27.37 -16.28
C ARG G 15 -31.00 28.82 -16.07
N ILE G 16 -30.00 29.73 -16.09
CA ILE G 16 -30.24 31.18 -16.07
C ILE G 16 -31.14 31.65 -17.23
N ALA G 17 -30.77 31.30 -18.46
CA ALA G 17 -31.56 31.70 -19.65
C ALA G 17 -33.03 31.27 -19.56
N ARG G 18 -33.29 30.04 -19.04
CA ARG G 18 -34.69 29.56 -18.89
C ARG G 18 -35.41 30.40 -17.85
N LEU G 19 -34.70 30.74 -16.77
CA LEU G 19 -35.22 31.61 -15.71
C LEU G 19 -35.60 33.01 -16.28
N SER G 20 -34.68 33.61 -17.03
CA SER G 20 -34.92 34.88 -17.70
C SER G 20 -36.12 34.87 -18.64
N ALA G 21 -36.19 33.85 -19.51
CA ALA G 21 -37.29 33.75 -20.49
C ALA G 21 -38.58 33.14 -19.94
N ASN G 22 -38.45 32.07 -19.15
CA ASN G 22 -39.63 31.30 -18.70
C ASN G 22 -40.22 31.73 -17.35
N ASN G 23 -39.40 32.27 -16.44
CA ASN G 23 -39.90 32.79 -15.14
C ASN G 23 -39.35 34.17 -14.72
N PRO G 24 -39.69 35.23 -15.51
CA PRO G 24 -39.31 36.63 -15.25
C PRO G 24 -39.38 37.01 -13.77
N LEU G 25 -40.50 36.71 -13.11
CA LEU G 25 -40.66 37.06 -11.70
C LEU G 25 -39.56 36.42 -10.88
N GLY G 26 -39.24 35.15 -11.15
CA GLY G 26 -38.20 34.42 -10.41
C GLY G 26 -36.85 35.06 -10.63
N PHE G 27 -36.61 35.45 -11.88
CA PHE G 27 -35.38 36.10 -12.25
C PHE G 27 -35.15 37.38 -11.47
N TRP G 28 -36.16 38.26 -11.39
CA TRP G 28 -35.96 39.60 -10.79
C TRP G 28 -35.73 39.53 -9.31
N VAL G 29 -36.55 38.73 -8.63
CA VAL G 29 -36.40 38.49 -7.20
C VAL G 29 -34.96 38.02 -6.97
N SER G 30 -34.52 37.10 -7.82
CA SER G 30 -33.22 36.46 -7.64
C SER G 30 -32.03 37.38 -7.86
N SER G 31 -32.17 38.28 -8.81
CA SER G 31 -31.17 39.33 -9.04
C SER G 31 -31.13 40.41 -7.95
N ALA G 32 -32.31 40.85 -7.52
CA ALA G 32 -32.48 41.79 -6.42
C ALA G 32 -31.87 41.18 -5.12
N MET G 33 -32.18 39.93 -4.86
CA MET G 33 -31.57 39.23 -3.71
C MET G 33 -30.01 39.28 -3.68
N ALA G 34 -29.35 38.87 -4.78
CA ALA G 34 -27.86 39.01 -4.90
C ALA G 34 -27.32 40.43 -4.53
N GLY G 35 -27.87 41.48 -5.12
CA GLY G 35 -27.52 42.85 -4.73
C GLY G 35 -27.80 43.12 -3.24
N ALA G 36 -28.90 42.66 -2.72
CA ALA G 36 -29.19 42.88 -1.29
C ALA G 36 -28.15 42.17 -0.38
N TYR G 37 -27.80 40.96 -0.76
CA TYR G 37 -26.90 40.17 0.05
C TYR G 37 -25.48 40.75 0.05
N VAL G 38 -24.98 41.12 -1.13
CA VAL G 38 -23.73 41.82 -1.18
C VAL G 38 -23.76 43.13 -0.36
N GLY G 39 -24.82 43.92 -0.57
CA GLY G 39 -25.08 45.09 0.26
C GLY G 39 -25.11 44.78 1.77
N LEU G 40 -25.65 43.66 2.23
CA LEU G 40 -25.62 43.39 3.66
C LEU G 40 -24.15 43.27 4.14
N GLY G 41 -23.31 42.80 3.23
CA GLY G 41 -21.91 42.62 3.60
C GLY G 41 -21.14 43.95 3.62
N ILE G 42 -21.40 44.81 2.62
CA ILE G 42 -20.94 46.18 2.63
C ILE G 42 -21.32 46.98 3.89
N ILE G 43 -22.56 46.89 4.33
CA ILE G 43 -22.93 47.56 5.56
C ILE G 43 -22.05 47.02 6.72
N LEU G 44 -21.88 45.70 6.80
CA LEU G 44 -21.04 45.14 7.88
C LEU G 44 -19.60 45.74 7.90
N ILE G 45 -18.95 45.73 6.75
CA ILE G 45 -17.55 46.05 6.64
C ILE G 45 -17.25 47.54 6.82
N PHE G 46 -18.05 48.39 6.13
CA PHE G 46 -18.11 49.83 6.43
C PHE G 46 -18.42 50.17 7.90
N THR G 47 -19.38 49.48 8.52
CA THR G 47 -19.66 49.69 9.98
C THR G 47 -18.44 49.40 10.82
N LEU G 48 -17.83 48.24 10.57
CA LEU G 48 -16.61 47.89 11.31
C LEU G 48 -15.46 48.87 10.96
N GLY G 49 -15.25 49.11 9.66
CA GLY G 49 -14.11 49.96 9.23
C GLY G 49 -14.18 51.38 9.76
N ASN G 50 -15.42 51.89 9.90
CA ASN G 50 -15.67 53.26 10.36
C ASN G 50 -15.12 53.56 11.70
N LEU G 51 -15.05 52.56 12.58
CA LEU G 51 -14.63 52.79 13.95
C LEU G 51 -13.12 52.56 14.21
N LEU G 52 -12.42 52.08 13.18
CA LEU G 52 -11.05 51.69 13.24
C LEU G 52 -10.05 52.64 12.61
N ASP G 53 -8.83 52.60 13.10
CA ASP G 53 -7.71 53.35 12.52
C ASP G 53 -7.52 52.96 11.03
N PRO G 54 -7.19 53.94 10.14
CA PRO G 54 -7.00 53.65 8.70
C PRO G 54 -6.12 52.45 8.38
N SER G 55 -5.10 52.22 9.19
CA SER G 55 -4.09 51.24 8.80
C SER G 55 -4.55 49.81 9.01
N VAL G 56 -5.67 49.60 9.74
CA VAL G 56 -6.19 48.21 9.87
C VAL G 56 -7.45 47.97 9.08
N ARG G 57 -7.90 49.00 8.36
CA ARG G 57 -9.17 48.90 7.63
C ARG G 57 -9.07 47.87 6.56
N PRO G 58 -7.98 47.89 5.76
CA PRO G 58 -8.11 46.88 4.66
C PRO G 58 -8.18 45.43 5.16
N LEU G 59 -7.49 45.19 6.26
CA LEU G 59 -7.42 43.90 6.87
C LEU G 59 -8.75 43.52 7.44
N VAL G 60 -9.34 44.38 8.28
CA VAL G 60 -10.60 43.95 8.95
C VAL G 60 -11.76 43.94 7.96
N MET G 61 -11.81 44.91 7.04
CA MET G 61 -12.90 44.95 6.11
C MET G 61 -12.74 43.76 5.18
N GLY G 62 -11.52 43.41 4.82
CA GLY G 62 -11.32 42.29 3.90
C GLY G 62 -11.72 40.99 4.56
N ALA G 63 -11.30 40.81 5.83
CA ALA G 63 -11.49 39.55 6.55
C ALA G 63 -12.96 39.34 6.86
N THR G 64 -13.80 40.38 6.79
CA THR G 64 -15.19 40.22 7.22
C THR G 64 -16.17 40.39 6.02
N PHE G 65 -15.65 40.54 4.79
CA PHE G 65 -16.54 40.77 3.63
C PHE G 65 -17.09 39.45 3.11
N GLY G 66 -16.45 38.34 3.49
CA GLY G 66 -16.79 37.03 2.92
C GLY G 66 -18.26 36.65 2.96
N ILE G 67 -18.97 37.05 4.02
CA ILE G 67 -20.42 36.87 4.05
C ILE G 67 -21.14 37.27 2.73
N ALA G 68 -20.66 38.31 2.07
CA ALA G 68 -21.34 38.80 0.86
C ALA G 68 -21.56 37.71 -0.17
N LEU G 69 -20.50 37.06 -0.58
CA LEU G 69 -20.59 36.13 -1.73
C LEU G 69 -21.00 34.78 -1.23
N THR G 70 -20.78 34.51 0.04
CA THR G 70 -21.32 33.32 0.69
C THR G 70 -22.84 33.31 0.62
N LEU G 71 -23.46 34.42 1.05
CA LEU G 71 -24.91 34.57 0.94
C LEU G 71 -25.35 34.28 -0.51
N VAL G 72 -24.56 34.79 -1.45
CA VAL G 72 -24.93 34.79 -2.83
C VAL G 72 -24.95 33.36 -3.31
N ILE G 73 -23.87 32.64 -3.07
CA ILE G 73 -23.66 31.32 -3.62
C ILE G 73 -24.37 30.25 -2.83
N ILE G 74 -24.32 30.34 -1.51
CA ILE G 74 -24.91 29.35 -0.67
C ILE G 74 -26.43 29.51 -0.46
N ALA G 75 -26.90 30.74 -0.27
CA ALA G 75 -28.34 30.91 -0.12
C ALA G 75 -29.04 30.85 -1.49
N GLY G 76 -28.40 31.36 -2.55
CA GLY G 76 -28.87 31.24 -3.88
C GLY G 76 -29.36 32.61 -4.28
N SER G 77 -29.00 33.03 -5.50
CA SER G 77 -29.29 34.36 -6.05
C SER G 77 -28.61 34.46 -7.41
N GLU G 78 -28.77 35.58 -8.12
CA GLU G 78 -28.19 35.76 -9.46
C GLU G 78 -27.33 37.07 -9.54
N LEU G 79 -26.00 36.92 -9.62
CA LEU G 79 -25.05 38.04 -9.45
C LEU G 79 -24.43 38.38 -10.76
N PHE G 80 -24.55 39.62 -11.20
CA PHE G 80 -24.17 39.86 -12.58
C PHE G 80 -22.71 39.47 -12.86
N THR G 81 -21.87 39.75 -11.87
CA THR G 81 -20.46 39.58 -12.02
C THR G 81 -20.11 38.10 -12.22
N GLY G 82 -20.90 37.20 -11.63
CA GLY G 82 -20.78 35.76 -11.82
C GLY G 82 -21.26 35.38 -13.21
N HIS G 83 -22.34 36.04 -13.65
CA HIS G 83 -22.91 35.79 -14.95
C HIS G 83 -21.91 36.05 -16.04
N THR G 84 -21.02 37.04 -15.87
CA THR G 84 -20.10 37.36 -17.01
C THR G 84 -19.32 36.09 -17.35
N MET G 85 -19.01 35.30 -16.32
CA MET G 85 -18.27 34.05 -16.51
C MET G 85 -19.15 32.86 -16.91
N PHE G 86 -20.24 32.58 -16.17
CA PHE G 86 -21.15 31.49 -16.52
C PHE G 86 -21.60 31.58 -18.00
N LEU G 87 -22.01 32.79 -18.41
CA LEU G 87 -22.66 32.92 -19.70
C LEU G 87 -21.63 32.81 -20.76
N THR G 88 -20.39 33.20 -20.46
CA THR G 88 -19.35 33.08 -21.46
C THR G 88 -19.18 31.59 -21.81
N LEU G 89 -19.05 30.79 -20.77
CA LEU G 89 -18.89 29.34 -20.91
C LEU G 89 -20.05 28.60 -21.65
N GLY G 90 -21.30 28.96 -21.35
CA GLY G 90 -22.48 28.42 -22.07
C GLY G 90 -22.39 28.73 -23.56
N VAL G 91 -21.95 29.96 -23.89
CA VAL G 91 -21.75 30.40 -25.29
C VAL G 91 -20.67 29.52 -25.93
N LYS G 92 -19.52 29.41 -25.26
CA LYS G 92 -18.40 28.71 -25.87
C LYS G 92 -18.72 27.21 -26.05
N ALA G 93 -19.42 26.69 -25.04
CA ALA G 93 -19.88 25.28 -24.96
C ALA G 93 -21.07 24.95 -25.88
N GLY G 94 -21.95 25.92 -26.11
CA GLY G 94 -23.09 25.73 -27.04
C GLY G 94 -24.47 25.57 -26.41
N THR G 95 -24.55 25.84 -25.11
CA THR G 95 -25.79 25.64 -24.38
C THR G 95 -26.70 26.90 -24.45
N ILE G 96 -26.10 28.08 -24.58
CA ILE G 96 -26.85 29.32 -24.85
C ILE G 96 -26.19 29.94 -26.07
N SER G 97 -26.56 31.16 -26.43
CA SER G 97 -25.99 31.90 -27.60
C SER G 97 -25.49 33.31 -27.21
N HIS G 98 -24.71 33.95 -28.09
CA HIS G 98 -24.33 35.35 -27.93
C HIS G 98 -25.50 36.24 -27.61
N GLY G 99 -26.59 36.04 -28.34
CA GLY G 99 -27.83 36.80 -28.15
C GLY G 99 -28.40 36.71 -26.74
N GLN G 100 -28.49 35.50 -26.18
CA GLN G 100 -29.04 35.32 -24.82
C GLN G 100 -28.09 35.91 -23.79
N MET G 101 -26.78 35.70 -23.97
CA MET G 101 -25.80 36.33 -23.08
C MET G 101 -25.94 37.85 -23.00
N TRP G 102 -25.93 38.53 -24.13
CA TRP G 102 -26.10 39.99 -24.14
C TRP G 102 -27.48 40.48 -23.75
N ALA G 103 -28.52 39.67 -23.90
CA ALA G 103 -29.87 40.05 -23.41
C ALA G 103 -29.99 39.88 -21.88
N ILE G 104 -29.31 38.90 -21.29
CA ILE G 104 -29.42 38.61 -19.85
C ILE G 104 -28.57 39.56 -18.95
N LEU G 105 -27.29 39.71 -19.26
CA LEU G 105 -26.40 40.55 -18.41
C LEU G 105 -26.95 41.90 -17.90
N PRO G 106 -27.53 42.73 -18.81
CA PRO G 106 -28.13 43.99 -18.32
C PRO G 106 -29.32 43.76 -17.38
N GLN G 107 -30.09 42.69 -17.60
CA GLN G 107 -31.19 42.39 -16.72
C GLN G 107 -30.66 42.03 -15.34
N THR G 108 -29.54 41.32 -15.29
CA THR G 108 -29.01 40.86 -14.00
C THR G 108 -28.45 42.02 -13.21
N TRP G 109 -27.55 42.77 -13.83
CA TRP G 109 -27.11 44.10 -13.37
C TRP G 109 -28.20 44.95 -12.74
N LEU G 110 -29.21 45.29 -13.56
CA LEU G 110 -30.41 45.99 -13.11
C LEU G 110 -31.09 45.43 -11.86
N GLY G 111 -31.29 44.12 -11.83
CA GLY G 111 -31.91 43.45 -10.70
C GLY G 111 -31.03 43.61 -9.47
N ASN G 112 -29.73 43.35 -9.64
CA ASN G 112 -28.74 43.68 -8.62
C ASN G 112 -28.85 45.11 -8.11
N LEU G 113 -29.09 46.10 -8.99
CA LEU G 113 -29.17 47.51 -8.58
C LEU G 113 -30.36 47.72 -7.68
N VAL G 114 -31.48 47.14 -8.05
CA VAL G 114 -32.69 47.33 -7.30
C VAL G 114 -32.45 46.73 -5.92
N GLY G 115 -31.75 45.59 -5.87
CA GLY G 115 -31.53 44.89 -4.61
C GLY G 115 -30.63 45.68 -3.67
N SER G 116 -29.64 46.31 -4.28
CA SER G 116 -28.65 47.10 -3.58
C SER G 116 -29.28 48.34 -2.99
N VAL G 117 -29.92 49.11 -3.86
CA VAL G 117 -30.67 50.28 -3.40
C VAL G 117 -31.68 49.92 -2.31
N PHE G 118 -32.35 48.78 -2.49
CA PHE G 118 -33.36 48.30 -1.54
C PHE G 118 -32.81 48.09 -0.10
N VAL G 119 -31.69 47.40 0.06
CA VAL G 119 -31.08 47.17 1.36
C VAL G 119 -30.56 48.51 1.94
N ALA G 120 -29.98 49.36 1.10
CA ALA G 120 -29.58 50.66 1.57
C ALA G 120 -30.78 51.49 2.04
N LEU G 121 -31.96 51.35 1.45
CA LEU G 121 -33.17 52.04 2.03
C LEU G 121 -33.55 51.56 3.45
N LEU G 122 -33.72 50.24 3.60
CA LEU G 122 -33.99 49.62 4.87
C LEU G 122 -33.05 50.13 5.95
N TYR G 123 -31.78 50.28 5.57
CA TYR G 123 -30.72 50.59 6.54
C TYR G 123 -30.89 52.07 6.90
N SER G 124 -31.25 52.87 5.90
CA SER G 124 -31.53 54.30 6.11
C SER G 124 -32.81 54.52 6.95
N TRP G 125 -33.94 53.89 6.59
CA TRP G 125 -35.10 53.87 7.51
C TRP G 125 -34.86 53.30 8.89
N GLY G 126 -33.86 52.41 9.00
CA GLY G 126 -33.43 51.74 10.25
C GLY G 126 -32.41 52.60 10.96
N GLY G 127 -32.26 53.85 10.51
CA GLY G 127 -31.45 54.88 11.21
C GLY G 127 -29.99 54.48 11.33
N GLY G 128 -29.47 53.79 10.36
CA GLY G 128 -28.11 53.29 10.49
C GLY G 128 -27.07 54.37 10.78
N SER G 129 -26.15 54.05 11.69
CA SER G 129 -25.23 55.04 12.19
C SER G 129 -24.22 55.52 11.14
N LEU G 130 -24.10 54.80 10.02
CA LEU G 130 -23.11 55.16 8.96
C LEU G 130 -23.46 56.40 8.14
N LEU G 131 -24.69 56.88 8.27
CA LEU G 131 -25.28 57.86 7.32
C LEU G 131 -25.14 59.35 7.69
N PRO G 132 -25.56 59.74 8.93
CA PRO G 132 -25.72 61.22 9.20
C PRO G 132 -24.42 62.04 9.36
N VAL G 133 -23.31 61.42 9.77
CA VAL G 133 -22.05 62.17 10.08
C VAL G 133 -21.21 62.33 8.78
N ASP G 134 -20.90 63.57 8.37
CA ASP G 134 -20.17 63.80 7.08
C ASP G 134 -18.77 63.14 6.93
N THR G 135 -18.08 62.91 8.04
CA THR G 135 -16.76 62.30 8.05
C THR G 135 -16.84 60.77 8.02
N SER G 136 -18.07 60.21 7.99
CA SER G 136 -18.27 58.76 7.82
C SER G 136 -17.46 58.22 6.64
N ILE G 137 -16.83 57.04 6.82
CA ILE G 137 -16.07 56.43 5.72
C ILE G 137 -16.90 56.06 4.49
N VAL G 138 -18.19 55.80 4.68
CA VAL G 138 -19.10 55.66 3.54
C VAL G 138 -18.96 56.83 2.55
N HIS G 139 -18.85 58.05 3.06
CA HIS G 139 -18.83 59.19 2.20
C HIS G 139 -17.49 59.44 1.57
N SER G 140 -16.40 59.32 2.34
CA SER G 140 -15.10 59.71 1.84
C SER G 140 -14.67 58.59 0.91
N VAL G 141 -15.03 57.34 1.23
CA VAL G 141 -14.74 56.25 0.29
C VAL G 141 -15.61 56.35 -0.95
N ALA G 142 -16.88 56.70 -0.79
CA ALA G 142 -17.74 56.78 -1.97
C ALA G 142 -17.31 57.90 -2.93
N LEU G 143 -17.07 59.08 -2.39
CA LEU G 143 -16.64 60.22 -3.17
C LEU G 143 -15.34 59.89 -3.91
N ALA G 144 -14.37 59.29 -3.22
CA ALA G 144 -13.12 58.87 -3.88
C ALA G 144 -13.40 57.86 -5.00
N LYS G 145 -14.31 56.91 -4.77
CA LYS G 145 -14.64 56.02 -5.89
C LYS G 145 -15.20 56.74 -7.17
N THR G 146 -15.87 57.87 -6.99
CA THR G 146 -16.58 58.48 -8.11
C THR G 146 -15.68 59.39 -8.95
N THR G 147 -14.55 59.84 -8.39
CA THR G 147 -13.67 60.80 -9.01
C THR G 147 -12.36 60.21 -9.52
N ALA G 148 -12.15 58.91 -9.29
CA ALA G 148 -10.99 58.15 -9.84
C ALA G 148 -11.06 58.14 -11.38
N PRO G 149 -9.88 58.07 -12.06
CA PRO G 149 -9.84 58.05 -13.55
C PRO G 149 -10.41 56.73 -14.13
N ALA G 150 -10.98 56.78 -15.34
CA ALA G 150 -11.52 55.58 -16.01
C ALA G 150 -10.60 54.32 -16.03
N THR G 151 -9.39 54.47 -16.52
CA THR G 151 -8.41 53.41 -16.59
C THR G 151 -8.22 52.75 -15.23
N VAL G 152 -8.04 53.57 -14.21
CA VAL G 152 -7.76 53.09 -12.87
C VAL G 152 -8.97 52.21 -12.45
N LEU G 153 -10.18 52.72 -12.69
CA LEU G 153 -11.39 52.01 -12.30
C LEU G 153 -11.63 50.71 -13.10
N PHE G 154 -11.45 50.77 -14.43
CA PHE G 154 -11.54 49.60 -15.33
C PHE G 154 -10.61 48.46 -14.82
N PHE G 155 -9.33 48.78 -14.65
CA PHE G 155 -8.38 47.74 -14.25
C PHE G 155 -8.50 47.24 -12.81
N LYS G 156 -8.90 48.14 -11.92
CA LYS G 156 -9.25 47.70 -10.59
C LYS G 156 -10.50 46.79 -10.67
N GLY G 157 -11.34 47.05 -11.69
CA GLY G 157 -12.56 46.30 -11.90
C GLY G 157 -12.16 44.95 -12.45
N ALA G 158 -11.15 44.93 -13.29
CA ALA G 158 -10.80 43.65 -13.87
C ALA G 158 -10.23 42.75 -12.77
N LEU G 159 -9.32 43.29 -11.94
CA LEU G 159 -8.67 42.53 -10.87
C LEU G 159 -9.70 42.04 -9.87
N CYS G 160 -10.68 42.89 -9.52
CA CYS G 160 -11.67 42.44 -8.53
C CYS G 160 -12.38 41.18 -9.04
N ASN G 161 -12.88 41.23 -10.29
CA ASN G 161 -13.73 40.16 -10.79
C ASN G 161 -12.99 38.85 -11.12
N TRP G 162 -11.70 39.00 -11.42
CA TRP G 162 -10.80 37.83 -11.45
C TRP G 162 -10.89 37.08 -10.13
N LEU G 163 -10.66 37.76 -9.02
CA LEU G 163 -10.74 37.11 -7.72
C LEU G 163 -12.15 36.56 -7.38
N VAL G 164 -13.19 37.32 -7.70
CA VAL G 164 -14.54 36.93 -7.30
C VAL G 164 -15.03 35.78 -8.14
N CYS G 165 -14.79 35.83 -9.44
CA CYS G 165 -15.05 34.65 -10.30
C CYS G 165 -14.15 33.47 -9.92
N LEU G 166 -12.91 33.73 -9.47
CA LEU G 166 -12.09 32.64 -8.94
C LEU G 166 -12.78 31.99 -7.76
N ALA G 167 -13.45 32.79 -6.91
CA ALA G 167 -14.10 32.22 -5.68
C ALA G 167 -15.26 31.32 -6.13
N ILE G 168 -16.01 31.79 -7.15
CA ILE G 168 -17.16 31.05 -7.68
C ILE G 168 -16.67 29.73 -8.27
N TRP G 169 -15.63 29.85 -9.08
CA TRP G 169 -14.96 28.73 -9.72
C TRP G 169 -14.44 27.66 -8.74
N MET G 170 -13.63 28.07 -7.74
CA MET G 170 -13.18 27.19 -6.70
C MET G 170 -14.33 26.59 -5.89
N ALA G 171 -15.35 27.39 -5.62
CA ALA G 171 -16.53 26.88 -4.89
C ALA G 171 -17.26 25.76 -5.67
N ILE G 172 -17.40 25.93 -6.99
CA ILE G 172 -17.93 24.86 -7.78
C ILE G 172 -17.07 23.57 -7.73
N ARG G 173 -15.74 23.69 -7.62
CA ARG G 173 -14.84 22.53 -7.68
C ARG G 173 -14.58 21.90 -6.30
N THR G 174 -15.23 22.45 -5.27
CA THR G 174 -15.04 21.94 -3.90
C THR G 174 -16.37 21.66 -3.21
N GLU G 175 -16.32 21.02 -2.04
CA GLU G 175 -17.52 20.67 -1.28
C GLU G 175 -17.49 21.27 0.14
N GLY G 176 -18.67 21.35 0.76
CA GLY G 176 -18.77 21.65 2.18
C GLY G 176 -18.12 22.99 2.51
N THR G 177 -17.43 23.02 3.64
CA THR G 177 -16.76 24.19 4.15
C THR G 177 -15.68 24.80 3.17
N ALA G 178 -15.06 23.94 2.32
CA ALA G 178 -14.02 24.45 1.43
C ALA G 178 -14.60 25.55 0.54
N LYS G 179 -15.88 25.43 0.17
CA LYS G 179 -16.48 26.51 -0.61
C LYS G 179 -16.38 27.84 0.18
N PHE G 180 -16.62 27.78 1.49
CA PHE G 180 -16.63 28.96 2.31
C PHE G 180 -15.24 29.59 2.42
N LEU G 181 -14.19 28.78 2.48
CA LEU G 181 -12.81 29.31 2.57
C LEU G 181 -12.36 29.92 1.22
N ALA G 182 -12.75 29.29 0.11
CA ALA G 182 -12.50 29.85 -1.22
C ALA G 182 -13.07 31.23 -1.30
N ILE G 183 -14.30 31.42 -0.82
CA ILE G 183 -14.99 32.69 -0.93
C ILE G 183 -14.27 33.71 -0.04
N TRP G 184 -14.01 33.27 1.18
CA TRP G 184 -13.29 34.12 2.15
C TRP G 184 -11.96 34.66 1.65
N TRP G 185 -11.10 33.76 1.13
CA TRP G 185 -9.82 34.16 0.61
C TRP G 185 -9.92 35.22 -0.46
N CYS G 186 -10.82 35.02 -1.43
CA CYS G 186 -10.87 35.88 -2.60
C CYS G 186 -11.44 37.23 -2.24
N LEU G 187 -12.35 37.26 -1.27
CA LEU G 187 -12.98 38.54 -0.88
C LEU G 187 -12.03 39.30 0.05
N LEU G 188 -11.32 38.60 0.93
CA LEU G 188 -10.21 39.18 1.63
C LEU G 188 -9.24 39.82 0.62
N ALA G 189 -8.78 39.07 -0.35
CA ALA G 189 -7.82 39.63 -1.35
C ALA G 189 -8.34 40.86 -2.08
N PHE G 190 -9.57 40.79 -2.61
CA PHE G 190 -9.96 41.86 -3.51
C PHE G 190 -10.24 43.16 -2.70
N ILE G 191 -10.85 43.06 -1.48
CA ILE G 191 -11.13 44.26 -0.72
C ILE G 191 -9.85 44.91 -0.20
N ALA G 192 -9.05 44.13 0.54
CA ALA G 192 -7.78 44.65 1.08
C ALA G 192 -6.84 45.19 0.00
N SER G 193 -6.83 44.58 -1.17
CA SER G 193 -5.99 45.05 -2.27
C SER G 193 -6.48 46.31 -2.94
N GLY G 194 -7.71 46.73 -2.67
CA GLY G 194 -8.23 48.00 -3.23
C GLY G 194 -9.00 47.78 -4.56
N TYR G 195 -9.46 46.57 -4.84
CA TYR G 195 -10.10 46.42 -6.15
C TYR G 195 -11.56 46.85 -6.13
N GLU G 196 -12.18 47.07 -7.31
CA GLU G 196 -13.58 47.53 -7.43
C GLU G 196 -14.62 46.49 -7.90
N HIS G 197 -15.64 46.26 -7.09
CA HIS G 197 -16.75 45.40 -7.52
C HIS G 197 -17.98 46.22 -7.86
N SER G 198 -18.55 46.00 -9.03
CA SER G 198 -19.69 46.85 -9.49
C SER G 198 -20.91 46.70 -8.60
N VAL G 199 -21.35 45.48 -8.30
CA VAL G 199 -22.54 45.33 -7.45
C VAL G 199 -22.34 45.81 -6.00
N ALA G 200 -21.19 45.49 -5.37
CA ALA G 200 -20.90 46.02 -4.02
C ALA G 200 -20.92 47.58 -4.02
N ASN G 201 -20.37 48.18 -5.07
CA ASN G 201 -20.42 49.60 -5.18
C ASN G 201 -21.86 50.13 -5.22
N MET G 202 -22.80 49.34 -5.75
CA MET G 202 -24.15 49.85 -5.89
C MET G 202 -24.72 50.16 -4.53
N THR G 203 -24.47 49.24 -3.57
CA THR G 203 -24.90 49.52 -2.22
C THR G 203 -24.11 50.68 -1.63
N LEU G 204 -22.79 50.70 -1.87
CA LEU G 204 -21.99 51.75 -1.24
C LEU G 204 -22.52 53.16 -1.68
N PHE G 205 -22.72 53.31 -2.99
CA PHE G 205 -23.14 54.54 -3.57
C PHE G 205 -24.52 54.94 -3.11
N ALA G 206 -25.41 53.97 -2.99
CA ALA G 206 -26.76 54.18 -2.43
C ALA G 206 -26.72 54.65 -0.97
N LEU G 207 -25.92 53.99 -0.13
CA LEU G 207 -25.69 54.49 1.26
C LEU G 207 -25.24 55.98 1.32
N SER G 208 -24.26 56.34 0.51
CA SER G 208 -23.75 57.68 0.53
C SER G 208 -24.87 58.65 0.12
N TRP G 209 -25.69 58.21 -0.83
CA TRP G 209 -26.67 59.09 -1.45
C TRP G 209 -27.73 59.42 -0.43
N PHE G 210 -28.15 58.40 0.31
CA PHE G 210 -29.20 58.52 1.32
C PHE G 210 -28.71 59.12 2.63
N GLY G 211 -27.45 59.58 2.68
CA GLY G 211 -26.86 60.16 3.87
C GLY G 211 -26.33 61.57 3.68
N HIS G 212 -25.67 62.08 4.70
CA HIS G 212 -25.12 63.41 4.66
C HIS G 212 -23.84 63.42 3.82
N HIS G 213 -23.99 63.22 2.53
CA HIS G 213 -22.84 63.35 1.62
C HIS G 213 -22.51 64.80 1.27
N SER G 214 -21.27 65.00 0.83
CA SER G 214 -20.84 66.24 0.14
C SER G 214 -21.68 66.65 -1.04
N ASP G 215 -21.66 67.94 -1.33
CA ASP G 215 -21.98 68.49 -2.68
C ASP G 215 -21.15 67.89 -3.81
N ALA G 216 -19.91 67.54 -3.49
CA ALA G 216 -18.97 67.07 -4.50
C ALA G 216 -19.31 65.66 -5.01
N TYR G 217 -20.17 64.94 -4.29
CA TYR G 217 -20.60 63.58 -4.65
C TYR G 217 -21.86 63.65 -5.52
N THR G 218 -21.80 63.08 -6.72
CA THR G 218 -22.93 63.25 -7.64
C THR G 218 -23.36 61.98 -8.36
N LEU G 219 -24.59 62.06 -8.87
CA LEU G 219 -25.23 61.03 -9.67
C LEU G 219 -24.42 60.72 -10.93
N ALA G 220 -23.83 61.73 -11.54
CA ALA G 220 -22.90 61.54 -12.66
C ALA G 220 -21.64 60.79 -12.16
N GLY G 221 -21.05 61.23 -11.06
CA GLY G 221 -19.94 60.47 -10.43
C GLY G 221 -20.21 58.99 -10.20
N ILE G 222 -21.39 58.68 -9.68
CA ILE G 222 -21.76 57.26 -9.36
C ILE G 222 -21.76 56.52 -10.68
N GLY G 223 -22.40 57.14 -11.67
CA GLY G 223 -22.47 56.57 -13.00
C GLY G 223 -21.09 56.38 -13.61
N HIS G 224 -20.18 57.32 -13.35
CA HIS G 224 -18.82 57.24 -13.85
C HIS G 224 -18.14 55.99 -13.36
N ASN G 225 -18.25 55.74 -12.06
CA ASN G 225 -17.67 54.57 -11.46
C ASN G 225 -18.32 53.28 -11.97
N LEU G 226 -19.65 53.20 -11.87
CA LEU G 226 -20.41 52.00 -12.30
C LEU G 226 -20.15 51.57 -13.74
N LEU G 227 -20.11 52.52 -14.66
CA LEU G 227 -19.67 52.25 -16.04
C LEU G 227 -18.29 51.53 -16.07
N TRP G 228 -17.25 52.18 -15.61
CA TRP G 228 -15.90 51.64 -15.75
C TRP G 228 -15.59 50.39 -14.92
N VAL G 229 -16.14 50.29 -13.72
CA VAL G 229 -16.00 49.05 -12.92
C VAL G 229 -16.72 47.89 -13.63
N THR G 230 -17.96 48.10 -14.04
CA THR G 230 -18.78 47.08 -14.72
C THR G 230 -18.01 46.51 -15.92
N LEU G 231 -17.41 47.42 -16.72
CA LEU G 231 -16.72 46.99 -17.93
C LEU G 231 -15.48 46.19 -17.55
N GLY G 232 -14.69 46.71 -16.61
CA GLY G 232 -13.54 45.96 -16.06
C GLY G 232 -13.90 44.62 -15.45
N ASN G 233 -14.94 44.58 -14.61
CA ASN G 233 -15.44 43.29 -14.04
C ASN G 233 -15.78 42.33 -15.22
N THR G 234 -16.36 42.86 -16.30
CA THR G 234 -16.73 42.06 -17.46
C THR G 234 -15.48 41.52 -18.18
N LEU G 235 -14.46 42.37 -18.34
CA LEU G 235 -13.19 41.93 -18.94
C LEU G 235 -12.67 40.63 -18.24
N SER G 236 -12.66 40.60 -16.91
CA SER G 236 -12.04 39.48 -16.24
C SER G 236 -12.94 38.24 -16.20
N GLY G 237 -14.23 38.44 -15.98
CA GLY G 237 -15.15 37.31 -15.96
C GLY G 237 -15.20 36.64 -17.33
N VAL G 238 -15.27 37.44 -18.39
CA VAL G 238 -15.39 36.90 -19.75
C VAL G 238 -14.09 36.23 -20.27
N VAL G 239 -12.99 36.96 -20.15
CA VAL G 239 -11.75 36.65 -20.83
C VAL G 239 -10.80 35.88 -19.92
N PHE G 240 -10.40 36.48 -18.79
CA PHE G 240 -9.43 35.81 -17.93
C PHE G 240 -9.97 34.49 -17.42
N MET G 241 -11.27 34.48 -17.08
CA MET G 241 -11.88 33.26 -16.51
C MET G 241 -12.58 32.39 -17.56
N GLY G 242 -13.55 32.93 -18.28
CA GLY G 242 -14.22 32.16 -19.31
C GLY G 242 -13.31 31.63 -20.40
N LEU G 243 -12.74 32.55 -21.18
CA LEU G 243 -11.88 32.22 -22.32
C LEU G 243 -10.62 31.55 -21.79
N GLY G 244 -10.12 32.03 -20.65
CA GLY G 244 -8.95 31.45 -19.99
C GLY G 244 -9.03 29.93 -19.74
N TYR G 245 -10.01 29.53 -18.93
CA TYR G 245 -10.21 28.09 -18.69
C TYR G 245 -10.71 27.30 -19.93
N TRP G 246 -11.58 27.92 -20.71
CA TRP G 246 -11.89 27.34 -22.02
C TRP G 246 -10.64 26.97 -22.79
N TYR G 247 -9.63 27.83 -22.84
CA TYR G 247 -8.45 27.44 -23.63
C TYR G 247 -7.40 26.63 -22.86
N ALA G 248 -7.60 26.47 -21.56
CA ALA G 248 -6.70 25.66 -20.72
C ALA G 248 -6.93 24.12 -20.82
N THR G 249 -8.15 23.71 -21.19
CA THR G 249 -8.53 22.27 -21.30
C THR G 249 -7.50 21.38 -22.06
N MET H 1 0.13 5.68 1.85
CA MET H 1 1.28 6.41 2.50
C MET H 1 2.65 6.13 1.78
N PHE H 2 2.71 6.78 0.63
CA PHE H 2 3.89 7.24 -0.16
C PHE H 2 3.78 6.81 -1.62
N THR H 3 3.64 5.49 -1.87
CA THR H 3 3.67 4.97 -3.23
C THR H 3 2.45 5.47 -4.04
N ASP H 4 1.26 5.46 -3.42
CA ASP H 4 0.05 6.12 -4.01
C ASP H 4 0.25 7.57 -4.33
N THR H 5 0.80 8.32 -3.40
CA THR H 5 1.04 9.74 -3.59
C THR H 5 2.11 9.91 -4.66
N ILE H 6 3.19 9.10 -4.58
CA ILE H 6 4.29 9.12 -5.55
C ILE H 6 3.69 8.84 -6.92
N ASN H 7 2.85 7.79 -6.99
CA ASN H 7 2.29 7.42 -8.29
C ASN H 7 1.29 8.49 -8.86
N LYS H 8 0.51 9.15 -8.00
CA LYS H 8 -0.30 10.33 -8.36
C LYS H 8 0.50 11.49 -8.97
N CYS H 9 1.59 11.88 -8.32
CA CYS H 9 2.53 12.87 -8.82
C CYS H 9 3.12 12.42 -10.14
N ALA H 10 3.43 11.14 -10.29
CA ALA H 10 3.94 10.62 -11.54
C ALA H 10 2.85 10.66 -12.65
N ALA H 11 1.61 10.41 -12.24
CA ALA H 11 0.52 10.47 -13.19
C ALA H 11 0.33 11.96 -13.63
N ASN H 12 0.54 12.89 -12.71
CA ASN H 12 0.43 14.29 -13.04
C ASN H 12 1.55 14.75 -14.04
N ALA H 13 2.78 14.28 -13.84
CA ALA H 13 3.88 14.53 -14.72
C ALA H 13 3.56 14.18 -16.16
N ALA H 14 2.94 13.00 -16.34
CA ALA H 14 2.54 12.51 -17.65
C ALA H 14 1.44 13.37 -18.24
N ARG H 15 0.53 13.83 -17.39
CA ARG H 15 -0.50 14.82 -17.79
C ARG H 15 0.12 16.19 -18.29
N ILE H 16 1.11 16.68 -17.55
CA ILE H 16 1.80 17.89 -17.89
C ILE H 16 2.52 17.75 -19.21
N ALA H 17 3.21 16.62 -19.39
CA ALA H 17 3.91 16.32 -20.65
C ALA H 17 2.99 16.29 -21.88
N ARG H 18 1.88 15.57 -21.75
CA ARG H 18 0.81 15.63 -22.73
C ARG H 18 0.30 17.03 -23.03
N LEU H 19 -0.02 17.80 -22.00
CA LEU H 19 -0.43 19.20 -22.21
C LEU H 19 0.60 20.03 -23.06
N SER H 20 1.87 20.01 -22.63
CA SER H 20 2.98 20.59 -23.35
C SER H 20 3.06 20.19 -24.82
N ALA H 21 2.93 18.90 -25.12
CA ALA H 21 2.97 18.39 -26.49
C ALA H 21 1.68 18.59 -27.30
N ASN H 22 0.50 18.33 -26.73
CA ASN H 22 -0.72 18.36 -27.54
C ASN H 22 -1.40 19.67 -27.49
N ASN H 23 -1.13 20.45 -26.47
CA ASN H 23 -1.88 21.64 -26.37
C ASN H 23 -1.02 22.85 -25.92
N PRO H 24 -0.03 23.25 -26.75
CA PRO H 24 0.86 24.34 -26.26
C PRO H 24 0.10 25.63 -25.80
N LEU H 25 -0.96 26.04 -26.50
CA LEU H 25 -1.81 27.13 -26.01
C LEU H 25 -2.35 26.89 -24.58
N GLY H 26 -2.97 25.73 -24.33
CA GLY H 26 -3.41 25.37 -22.94
C GLY H 26 -2.30 25.41 -21.91
N PHE H 27 -1.12 24.93 -22.30
CA PHE H 27 0.04 24.95 -21.40
C PHE H 27 0.40 26.39 -21.02
N TRP H 28 0.46 27.26 -22.02
CA TRP H 28 0.88 28.66 -21.79
C TRP H 28 -0.11 29.45 -20.95
N VAL H 29 -1.38 29.27 -21.19
CA VAL H 29 -2.38 29.91 -20.37
C VAL H 29 -2.24 29.44 -18.90
N SER H 30 -2.20 28.13 -18.68
CA SER H 30 -2.42 27.65 -17.31
C SER H 30 -1.16 27.76 -16.50
N SER H 31 0.02 27.73 -17.11
CA SER H 31 1.24 28.39 -16.48
C SER H 31 1.09 29.93 -16.23
N ALA H 32 0.59 30.70 -17.21
CA ALA H 32 0.44 32.16 -16.94
C ALA H 32 -0.49 32.37 -15.74
N MET H 33 -1.51 31.52 -15.65
CA MET H 33 -2.50 31.61 -14.59
C MET H 33 -1.79 31.47 -13.23
N ALA H 34 -0.93 30.46 -13.14
CA ALA H 34 -0.22 30.12 -11.90
C ALA H 34 0.57 31.33 -11.45
N GLY H 35 1.21 32.02 -12.45
CA GLY H 35 2.06 33.18 -12.13
C GLY H 35 1.18 34.29 -11.52
N ALA H 36 0.09 34.56 -12.26
CA ALA H 36 -0.87 35.60 -11.92
C ALA H 36 -1.50 35.30 -10.55
N TYR H 37 -1.95 34.06 -10.31
CA TYR H 37 -2.51 33.70 -8.98
C TYR H 37 -1.55 33.98 -7.87
N VAL H 38 -0.30 33.60 -8.08
CA VAL H 38 0.70 33.88 -7.04
C VAL H 38 0.82 35.39 -6.82
N GLY H 39 0.70 36.16 -7.90
CA GLY H 39 0.89 37.60 -7.84
C GLY H 39 -0.21 38.26 -7.00
N LEU H 40 -1.45 37.80 -7.16
CA LEU H 40 -2.55 38.30 -6.39
C LEU H 40 -2.30 38.12 -4.87
N GLY H 41 -1.70 37.00 -4.44
CA GLY H 41 -1.41 36.82 -3.01
C GLY H 41 -0.31 37.76 -2.56
N ILE H 42 0.67 38.01 -3.47
CA ILE H 42 1.73 39.00 -3.23
C ILE H 42 1.21 40.43 -3.06
N ILE H 43 0.40 40.87 -4.02
CA ILE H 43 -0.28 42.15 -3.94
C ILE H 43 -1.07 42.20 -2.61
N LEU H 44 -1.85 41.19 -2.26
CA LEU H 44 -2.57 41.19 -0.95
C LEU H 44 -1.60 41.43 0.24
N ILE H 45 -0.58 40.61 0.35
CA ILE H 45 0.20 40.59 1.61
C ILE H 45 1.11 41.84 1.68
N PHE H 46 1.59 42.35 0.53
CA PHE H 46 2.38 43.57 0.52
C PHE H 46 1.53 44.82 0.87
N THR H 47 0.30 44.88 0.34
CA THR H 47 -0.64 45.94 0.72
C THR H 47 -0.90 45.92 2.24
N LEU H 48 -1.13 44.74 2.82
CA LEU H 48 -1.43 44.66 4.25
C LEU H 48 -0.21 45.03 5.00
N GLY H 49 0.91 44.45 4.57
CA GLY H 49 2.20 44.67 5.23
C GLY H 49 2.64 46.11 5.27
N ASN H 50 2.38 46.84 4.18
CA ASN H 50 2.85 48.22 4.01
C ASN H 50 2.26 49.13 5.05
N LEU H 51 1.09 48.78 5.58
CA LEU H 51 0.37 49.62 6.53
C LEU H 51 0.68 49.28 8.00
N LEU H 52 1.36 48.17 8.23
CA LEU H 52 1.59 47.61 9.57
C LEU H 52 2.97 47.87 10.14
N ASP H 53 3.05 47.96 11.46
CA ASP H 53 4.32 48.01 12.15
C ASP H 53 5.28 46.85 11.74
N PRO H 54 6.60 47.14 11.59
CA PRO H 54 7.40 45.99 11.09
C PRO H 54 7.32 44.73 11.93
N SER H 55 7.01 44.85 13.23
CA SER H 55 7.06 43.69 14.09
C SER H 55 5.92 42.66 13.87
N VAL H 56 4.82 43.09 13.23
CA VAL H 56 3.71 42.23 12.93
C VAL H 56 3.67 41.88 11.41
N ARG H 57 4.55 42.47 10.57
CA ARG H 57 4.65 42.05 9.18
C ARG H 57 4.86 40.55 8.92
N PRO H 58 5.89 39.90 9.52
CA PRO H 58 6.00 38.48 9.06
C PRO H 58 4.75 37.65 9.46
N LEU H 59 4.12 37.99 10.58
CA LEU H 59 2.98 37.30 11.09
C LEU H 59 1.76 37.49 10.16
N VAL H 60 1.39 38.75 9.90
CA VAL H 60 0.19 39.04 9.08
C VAL H 60 0.41 38.66 7.63
N MET H 61 1.60 38.93 7.11
CA MET H 61 1.88 38.68 5.70
C MET H 61 1.90 37.18 5.48
N GLY H 62 2.49 36.43 6.46
CA GLY H 62 2.54 34.97 6.35
C GLY H 62 1.11 34.42 6.41
N ALA H 63 0.28 34.99 7.30
CA ALA H 63 -1.01 34.41 7.65
C ALA H 63 -2.00 34.68 6.54
N THR H 64 -1.73 35.66 5.69
CA THR H 64 -2.65 36.02 4.58
C THR H 64 -2.13 35.64 3.26
N PHE H 65 -0.96 34.96 3.20
CA PHE H 65 -0.43 34.51 1.90
C PHE H 65 -1.08 33.28 1.25
N GLY H 66 -1.75 32.48 2.08
CA GLY H 66 -2.33 31.19 1.68
C GLY H 66 -3.16 31.20 0.40
N ILE H 67 -3.87 32.28 0.13
CA ILE H 67 -4.61 32.41 -1.14
C ILE H 67 -3.72 32.01 -2.35
N ALA H 68 -2.42 32.31 -2.28
CA ALA H 68 -1.54 32.12 -3.42
C ALA H 68 -1.56 30.68 -3.96
N LEU H 69 -1.14 29.74 -3.14
CA LEU H 69 -1.09 28.36 -3.58
C LEU H 69 -2.51 27.74 -3.55
N THR H 70 -3.41 28.35 -2.77
CA THR H 70 -4.81 27.91 -2.82
C THR H 70 -5.43 28.07 -4.23
N LEU H 71 -5.34 29.28 -4.81
CA LEU H 71 -5.74 29.48 -6.23
C LEU H 71 -5.06 28.45 -7.09
N VAL H 72 -3.76 28.25 -6.85
CA VAL H 72 -2.95 27.44 -7.73
C VAL H 72 -3.48 26.00 -7.81
N ILE H 73 -3.72 25.41 -6.66
CA ILE H 73 -4.12 24.04 -6.59
C ILE H 73 -5.63 23.85 -6.81
N ILE H 74 -6.45 24.69 -6.21
CA ILE H 74 -7.88 24.50 -6.22
C ILE H 74 -8.50 25.02 -7.50
N ALA H 75 -8.10 26.21 -7.97
CA ALA H 75 -8.65 26.69 -9.27
C ALA H 75 -8.02 25.88 -10.39
N GLY H 76 -6.73 25.58 -10.22
CA GLY H 76 -5.97 24.80 -11.23
C GLY H 76 -5.18 25.74 -12.10
N SER H 77 -3.93 25.34 -12.37
CA SER H 77 -2.88 26.16 -13.07
C SER H 77 -1.61 25.29 -13.13
N GLU H 78 -0.55 25.77 -13.78
CA GLU H 78 0.69 25.02 -13.72
C GLU H 78 1.78 25.84 -13.08
N LEU H 79 2.29 25.33 -11.97
CA LEU H 79 3.31 26.03 -11.22
C LEU H 79 4.72 25.41 -11.25
N PHE H 80 5.70 26.22 -11.71
CA PHE H 80 7.11 25.78 -11.88
C PHE H 80 7.63 25.05 -10.64
N THR H 81 7.53 25.70 -9.49
CA THR H 81 8.10 25.12 -8.25
C THR H 81 7.48 23.76 -7.94
N GLY H 82 6.19 23.60 -8.30
CA GLY H 82 5.48 22.33 -8.20
C GLY H 82 5.97 21.30 -9.20
N HIS H 83 6.21 21.72 -10.46
CA HIS H 83 6.66 20.82 -11.46
C HIS H 83 7.94 20.14 -11.04
N THR H 84 8.79 20.86 -10.28
CA THR H 84 10.11 20.30 -9.86
C THR H 84 9.93 18.95 -9.17
N MET H 85 8.95 18.87 -8.25
CA MET H 85 8.60 17.61 -7.58
C MET H 85 7.86 16.56 -8.48
N PHE H 86 6.80 17.00 -9.12
CA PHE H 86 6.03 16.13 -9.99
C PHE H 86 6.88 15.46 -11.05
N LEU H 87 7.76 16.23 -11.68
CA LEU H 87 8.39 15.74 -12.89
C LEU H 87 9.51 14.75 -12.50
N THR H 88 10.18 15.03 -11.35
CA THR H 88 11.19 14.13 -10.75
C THR H 88 10.57 12.76 -10.55
N LEU H 89 9.51 12.72 -9.74
CA LEU H 89 8.81 11.45 -9.45
C LEU H 89 8.30 10.74 -10.74
N GLY H 90 7.83 11.51 -11.70
CA GLY H 90 7.46 10.93 -13.03
C GLY H 90 8.66 10.28 -13.70
N VAL H 91 9.79 10.98 -13.65
CA VAL H 91 11.03 10.42 -14.15
C VAL H 91 11.37 9.09 -13.37
N LYS H 92 11.32 9.11 -12.05
CA LYS H 92 11.70 7.93 -11.29
C LYS H 92 10.78 6.75 -11.55
N ALA H 93 9.48 7.03 -11.69
CA ALA H 93 8.45 6.01 -11.92
C ALA H 93 8.47 5.47 -13.32
N GLY H 94 8.99 6.27 -14.26
CA GLY H 94 8.98 5.95 -15.70
C GLY H 94 7.83 6.50 -16.56
N THR H 95 6.94 7.31 -15.95
CA THR H 95 5.78 7.84 -16.66
C THR H 95 6.10 8.98 -17.67
N ILE H 96 7.23 9.68 -17.46
CA ILE H 96 7.88 10.65 -18.42
C ILE H 96 9.40 10.39 -18.49
N SER H 97 10.10 10.97 -19.46
CA SER H 97 11.56 10.73 -19.56
C SER H 97 12.34 11.92 -18.96
N HIS H 98 13.65 11.77 -18.74
CA HIS H 98 14.50 12.89 -18.22
C HIS H 98 14.35 14.07 -19.15
N GLY H 99 14.40 13.72 -20.45
CA GLY H 99 14.29 14.66 -21.57
C GLY H 99 13.02 15.48 -21.54
N GLN H 100 11.87 14.84 -21.28
CA GLN H 100 10.63 15.61 -21.13
C GLN H 100 10.67 16.58 -19.93
N MET H 101 11.29 16.15 -18.83
CA MET H 101 11.36 17.00 -17.61
C MET H 101 12.13 18.28 -17.95
N TRP H 102 13.34 18.12 -18.50
CA TRP H 102 14.16 19.28 -18.84
C TRP H 102 13.61 20.16 -19.99
N ALA H 103 12.82 19.59 -20.91
CA ALA H 103 12.13 20.46 -21.89
C ALA H 103 10.97 21.28 -21.25
N ILE H 104 10.32 20.71 -20.23
CA ILE H 104 9.10 21.32 -19.72
C ILE H 104 9.37 22.37 -18.69
N LEU H 105 10.35 22.14 -17.82
CA LEU H 105 10.61 23.04 -16.69
C LEU H 105 10.77 24.52 -17.06
N PRO H 106 11.64 24.84 -18.04
CA PRO H 106 11.82 26.26 -18.25
C PRO H 106 10.56 26.89 -18.86
N GLN H 107 9.79 26.08 -19.57
CA GLN H 107 8.52 26.54 -20.16
C GLN H 107 7.51 26.98 -19.10
N THR H 108 7.39 26.17 -18.03
CA THR H 108 6.48 26.50 -17.00
C THR H 108 6.94 27.78 -16.38
N TRP H 109 8.26 27.86 -16.18
CA TRP H 109 8.95 29.00 -15.60
C TRP H 109 8.60 30.24 -16.35
N LEU H 110 8.85 30.27 -17.68
CA LEU H 110 8.51 31.38 -18.55
C LEU H 110 7.05 31.71 -18.50
N GLY H 111 6.17 30.68 -18.56
CA GLY H 111 4.72 30.88 -18.46
C GLY H 111 4.38 31.58 -17.15
N ASN H 112 5.01 31.16 -16.07
CA ASN H 112 4.80 31.79 -14.79
C ASN H 112 5.28 33.28 -14.79
N LEU H 113 6.47 33.56 -15.34
CA LEU H 113 6.94 34.96 -15.62
C LEU H 113 5.85 35.79 -16.29
N VAL H 114 5.20 35.24 -17.32
CA VAL H 114 4.30 36.04 -18.16
C VAL H 114 3.11 36.45 -17.35
N GLY H 115 2.54 35.49 -16.62
CA GLY H 115 1.44 35.72 -15.69
C GLY H 115 1.75 36.74 -14.61
N SER H 116 2.94 36.58 -14.00
CA SER H 116 3.42 37.47 -12.93
C SER H 116 3.54 38.90 -13.45
N VAL H 117 4.27 39.09 -14.55
CA VAL H 117 4.42 40.42 -15.14
C VAL H 117 3.04 40.97 -15.50
N PHE H 118 2.20 40.11 -16.11
CA PHE H 118 0.81 40.43 -16.47
C PHE H 118 -0.03 41.03 -15.34
N VAL H 119 -0.09 40.35 -14.20
CA VAL H 119 -0.90 40.86 -13.15
C VAL H 119 -0.26 42.11 -12.57
N ALA H 120 1.08 42.20 -12.62
CA ALA H 120 1.73 43.39 -12.05
C ALA H 120 1.37 44.61 -12.88
N LEU H 121 1.31 44.40 -14.22
CA LEU H 121 0.82 45.41 -15.17
C LEU H 121 -0.58 45.88 -14.81
N LEU H 122 -1.53 44.95 -14.67
CA LEU H 122 -2.91 45.32 -14.33
C LEU H 122 -2.93 46.15 -13.06
N TYR H 123 -2.10 45.77 -12.12
CA TYR H 123 -2.17 46.45 -10.83
C TYR H 123 -1.63 47.92 -10.99
N SER H 124 -0.75 48.09 -11.96
CA SER H 124 -0.15 49.36 -12.20
C SER H 124 -1.10 50.31 -12.95
N TRP H 125 -1.66 49.82 -14.07
CA TRP H 125 -2.69 50.53 -14.82
C TRP H 125 -3.90 50.73 -13.99
N GLY H 126 -4.05 49.91 -12.93
CA GLY H 126 -5.18 50.07 -12.04
C GLY H 126 -4.79 51.00 -10.92
N GLY H 127 -3.78 51.84 -11.18
CA GLY H 127 -3.23 52.78 -10.16
C GLY H 127 -2.96 52.22 -8.74
N GLY H 128 -2.37 51.04 -8.61
CA GLY H 128 -2.06 50.45 -7.27
C GLY H 128 -1.37 51.38 -6.27
N SER H 129 -1.84 51.33 -5.01
CA SER H 129 -1.31 52.17 -3.90
C SER H 129 0.16 51.88 -3.52
N LEU H 130 0.62 50.66 -3.82
CA LEU H 130 1.95 50.17 -3.43
C LEU H 130 3.10 50.77 -4.27
N LEU H 131 2.78 51.39 -5.40
CA LEU H 131 3.81 51.65 -6.41
C LEU H 131 4.46 53.00 -6.35
N PRO H 132 3.67 54.07 -6.11
CA PRO H 132 4.26 55.38 -6.37
C PRO H 132 5.10 55.98 -5.23
N VAL H 133 4.86 55.60 -3.99
CA VAL H 133 5.66 56.12 -2.85
C VAL H 133 6.93 55.27 -2.71
N ASP H 134 8.08 55.91 -2.95
CA ASP H 134 9.42 55.30 -2.85
C ASP H 134 9.66 54.48 -1.58
N THR H 135 8.93 54.79 -0.52
CA THR H 135 9.19 54.13 0.77
C THR H 135 8.34 52.91 0.93
N SER H 136 7.53 52.62 -0.07
CA SER H 136 6.69 51.41 -0.05
C SER H 136 7.50 50.15 0.20
N ILE H 137 6.96 49.21 0.98
CA ILE H 137 7.73 48.00 1.23
C ILE H 137 7.93 47.17 0.00
N VAL H 138 7.16 47.43 -1.06
CA VAL H 138 7.45 46.77 -2.33
C VAL H 138 8.90 47.07 -2.78
N HIS H 139 9.33 48.31 -2.57
CA HIS H 139 10.66 48.77 -3.00
C HIS H 139 11.77 48.34 -2.13
N SER H 140 11.61 48.48 -0.81
CA SER H 140 12.66 48.09 0.12
C SER H 140 12.80 46.55 0.17
N VAL H 141 11.72 45.77 0.17
CA VAL H 141 11.90 44.33 0.12
C VAL H 141 12.43 43.84 -1.27
N ALA H 142 11.89 44.33 -2.39
CA ALA H 142 12.46 43.95 -3.71
C ALA H 142 14.00 44.16 -3.74
N LEU H 143 14.44 45.22 -3.10
CA LEU H 143 15.81 45.69 -3.22
C LEU H 143 16.74 44.80 -2.42
N ALA H 144 16.37 44.56 -1.16
CA ALA H 144 17.13 43.64 -0.29
C ALA H 144 17.25 42.26 -0.95
N LYS H 145 16.19 41.84 -1.66
CA LYS H 145 16.16 40.52 -2.34
C LYS H 145 17.17 40.43 -3.48
N THR H 146 17.36 41.54 -4.20
CA THR H 146 18.22 41.57 -5.36
C THR H 146 19.72 41.65 -4.99
N THR H 147 20.04 42.10 -3.78
CA THR H 147 21.48 42.34 -3.48
C THR H 147 22.00 41.33 -2.45
N ALA H 148 21.18 40.42 -1.98
CA ALA H 148 21.59 39.35 -1.06
C ALA H 148 22.56 38.33 -1.70
N PRO H 149 23.42 37.69 -0.87
CA PRO H 149 24.40 36.85 -1.57
C PRO H 149 23.77 35.57 -2.20
N ALA H 150 24.33 35.12 -3.34
CA ALA H 150 23.91 33.87 -4.02
C ALA H 150 23.64 32.71 -3.06
N THR H 151 24.51 32.51 -2.07
CA THR H 151 24.42 31.39 -1.09
C THR H 151 23.18 31.51 -0.25
N VAL H 152 23.01 32.65 0.39
CA VAL H 152 21.85 32.95 1.25
C VAL H 152 20.55 32.70 0.50
N LEU H 153 20.46 33.31 -0.67
CA LEU H 153 19.31 33.13 -1.56
C LEU H 153 19.04 31.68 -1.94
N PHE H 154 20.09 30.93 -2.30
CA PHE H 154 19.95 29.58 -2.77
C PHE H 154 19.34 28.76 -1.62
N PHE H 155 19.94 28.83 -0.45
CA PHE H 155 19.43 28.05 0.64
C PHE H 155 18.04 28.55 1.19
N LYS H 156 17.77 29.86 1.13
CA LYS H 156 16.41 30.37 1.39
C LYS H 156 15.43 29.81 0.33
N GLY H 157 15.88 29.69 -0.92
CA GLY H 157 15.01 29.07 -1.94
C GLY H 157 14.78 27.58 -1.68
N ALA H 158 15.77 26.92 -1.12
CA ALA H 158 15.64 25.50 -0.98
C ALA H 158 14.61 25.25 0.18
N LEU H 159 14.77 25.99 1.27
CA LEU H 159 13.84 25.93 2.40
C LEU H 159 12.41 26.37 2.01
N CYS H 160 12.26 27.38 1.16
CA CYS H 160 10.95 27.78 0.66
C CYS H 160 10.21 26.65 -0.01
N ASN H 161 10.82 26.09 -1.06
CA ASN H 161 10.12 25.10 -1.87
C ASN H 161 9.91 23.74 -1.17
N TRP H 162 10.73 23.49 -0.17
CA TRP H 162 10.50 22.36 0.71
C TRP H 162 9.10 22.46 1.27
N LEU H 163 8.85 23.56 2.00
CA LEU H 163 7.50 23.98 2.47
C LEU H 163 6.41 24.02 1.40
N VAL H 164 6.66 24.70 0.27
CA VAL H 164 5.61 24.78 -0.76
C VAL H 164 5.28 23.39 -1.40
N CYS H 165 6.30 22.59 -1.71
CA CYS H 165 6.04 21.21 -2.11
C CYS H 165 5.44 20.34 -1.01
N LEU H 166 5.81 20.58 0.26
CA LEU H 166 5.12 19.92 1.38
C LEU H 166 3.62 20.18 1.32
N ALA H 167 3.26 21.43 0.97
CA ALA H 167 1.85 21.86 0.93
C ALA H 167 1.14 21.10 -0.19
N ILE H 168 1.77 21.10 -1.37
CA ILE H 168 1.27 20.39 -2.50
C ILE H 168 1.11 18.88 -2.17
N TRP H 169 2.18 18.28 -1.67
CA TRP H 169 2.18 16.86 -1.18
C TRP H 169 1.06 16.59 -0.16
N MET H 170 0.90 17.46 0.83
CA MET H 170 -0.19 17.22 1.82
C MET H 170 -1.60 17.36 1.22
N ALA H 171 -1.74 18.34 0.34
CA ALA H 171 -2.99 18.59 -0.31
C ALA H 171 -3.39 17.34 -1.17
N ILE H 172 -2.42 16.70 -1.89
CA ILE H 172 -2.73 15.45 -2.61
C ILE H 172 -3.25 14.32 -1.63
N ARG H 173 -2.70 14.29 -0.45
CA ARG H 173 -3.05 13.29 0.50
C ARG H 173 -4.27 13.60 1.33
N THR H 174 -4.85 14.80 1.22
CA THR H 174 -6.04 15.14 2.07
C THR H 174 -7.24 15.51 1.20
N GLU H 175 -8.39 15.70 1.88
CA GLU H 175 -9.59 16.09 1.15
C GLU H 175 -10.21 17.40 1.66
N GLY H 176 -11.08 18.02 0.86
CA GLY H 176 -11.80 19.16 1.33
C GLY H 176 -10.94 20.25 1.90
N THR H 177 -11.37 20.72 3.06
CA THR H 177 -10.85 21.89 3.74
C THR H 177 -9.41 21.66 4.19
N ALA H 178 -9.13 20.39 4.53
CA ALA H 178 -7.81 19.97 4.97
C ALA H 178 -6.77 20.41 3.95
N LYS H 179 -7.09 20.27 2.66
CA LYS H 179 -6.20 20.76 1.65
C LYS H 179 -5.88 22.22 1.93
N PHE H 180 -6.89 22.99 2.35
CA PHE H 180 -6.77 24.44 2.50
C PHE H 180 -5.86 24.75 3.69
N LEU H 181 -6.02 24.02 4.80
CA LEU H 181 -5.20 24.22 5.99
C LEU H 181 -3.73 23.83 5.78
N ALA H 182 -3.48 22.74 5.07
CA ALA H 182 -2.08 22.37 4.69
C ALA H 182 -1.37 23.53 3.99
N ILE H 183 -2.02 24.07 2.97
CA ILE H 183 -1.47 25.17 2.17
C ILE H 183 -1.21 26.41 3.02
N TRP H 184 -2.27 26.81 3.73
CA TRP H 184 -2.18 27.90 4.71
C TRP H 184 -0.96 27.77 5.59
N TRP H 185 -0.71 26.57 6.12
CA TRP H 185 0.34 26.44 7.12
C TRP H 185 1.67 26.66 6.48
N CYS H 186 1.91 26.00 5.36
CA CYS H 186 3.23 26.04 4.75
C CYS H 186 3.61 27.42 4.22
N LEU H 187 2.63 28.11 3.67
CA LEU H 187 2.78 29.50 3.24
C LEU H 187 3.05 30.46 4.40
N LEU H 188 2.35 30.27 5.53
CA LEU H 188 2.63 31.07 6.73
C LEU H 188 4.09 30.89 7.02
N ALA H 189 4.48 29.62 7.02
CA ALA H 189 5.79 29.22 7.48
C ALA H 189 6.89 29.78 6.56
N PHE H 190 6.69 29.65 5.24
CA PHE H 190 7.75 30.09 4.36
C PHE H 190 7.85 31.63 4.32
N ILE H 191 6.72 32.33 4.33
CA ILE H 191 6.79 33.80 4.28
C ILE H 191 7.36 34.32 5.61
N ALA H 192 6.78 33.93 6.72
CA ALA H 192 7.20 34.48 8.00
C ALA H 192 8.66 34.12 8.39
N SER H 193 9.10 32.90 8.01
CA SER H 193 10.50 32.48 8.18
C SER H 193 11.55 33.21 7.32
N GLY H 194 11.17 34.01 6.33
CA GLY H 194 12.15 34.67 5.47
C GLY H 194 12.54 33.83 4.20
N TYR H 195 11.79 32.81 3.83
CA TYR H 195 12.24 31.98 2.68
C TYR H 195 11.89 32.62 1.32
N GLU H 196 12.41 32.08 0.25
CA GLU H 196 12.37 32.78 -1.03
C GLU H 196 11.68 31.91 -2.10
N HIS H 197 10.55 32.37 -2.62
CA HIS H 197 9.90 31.69 -3.74
C HIS H 197 10.13 32.37 -5.07
N SER H 198 10.56 31.60 -6.07
CA SER H 198 10.95 32.18 -7.32
C SER H 198 9.78 32.87 -8.02
N VAL H 199 8.62 32.23 -8.06
CA VAL H 199 7.51 32.73 -8.91
C VAL H 199 6.90 33.97 -8.19
N ALA H 200 6.73 33.87 -6.87
CA ALA H 200 6.19 35.00 -6.08
C ALA H 200 7.11 36.21 -6.26
N ASN H 201 8.42 35.96 -6.28
CA ASN H 201 9.38 37.02 -6.44
C ASN H 201 9.18 37.69 -7.78
N MET H 202 8.77 36.89 -8.78
CA MET H 202 8.60 37.41 -10.16
C MET H 202 7.60 38.53 -10.10
N THR H 203 6.51 38.40 -9.30
CA THR H 203 5.47 39.45 -9.28
C THR H 203 6.01 40.68 -8.51
N LEU H 204 6.53 40.41 -7.29
CA LEU H 204 7.13 41.43 -6.48
C LEU H 204 8.12 42.35 -7.31
N PHE H 205 9.10 41.72 -7.99
CA PHE H 205 10.12 42.39 -8.78
C PHE H 205 9.51 43.28 -9.87
N ALA H 206 8.50 42.75 -10.56
CA ALA H 206 7.74 43.46 -11.57
C ALA H 206 6.99 44.68 -10.99
N LEU H 207 6.37 44.50 -9.83
CA LEU H 207 5.69 45.56 -9.12
C LEU H 207 6.66 46.67 -8.82
N SER H 208 7.83 46.31 -8.36
CA SER H 208 8.77 47.38 -8.04
C SER H 208 9.27 48.08 -9.29
N TRP H 209 9.53 47.26 -10.31
CA TRP H 209 10.01 47.71 -11.58
C TRP H 209 9.05 48.70 -12.21
N PHE H 210 7.74 48.43 -12.20
CA PHE H 210 6.75 49.37 -12.72
C PHE H 210 6.48 50.52 -11.76
N GLY H 211 6.97 50.45 -10.52
CA GLY H 211 6.86 51.60 -9.59
C GLY H 211 8.06 52.53 -9.48
N HIS H 212 8.10 53.28 -8.37
CA HIS H 212 9.11 54.28 -7.98
C HIS H 212 10.25 53.67 -7.16
N HIS H 213 11.00 52.75 -7.81
CA HIS H 213 12.18 52.10 -7.21
C HIS H 213 13.37 53.03 -7.27
N SER H 214 14.34 52.87 -6.37
CA SER H 214 15.61 53.60 -6.41
C SER H 214 16.49 53.12 -7.59
N ASP H 215 17.57 53.87 -7.91
CA ASP H 215 18.48 53.53 -9.02
C ASP H 215 19.24 52.26 -8.78
N ALA H 216 19.34 51.88 -7.49
CA ALA H 216 20.15 50.74 -7.08
C ALA H 216 19.43 49.45 -7.49
N TYR H 217 18.15 49.56 -7.83
CA TYR H 217 17.34 48.42 -8.20
C TYR H 217 17.44 48.24 -9.68
N THR H 218 18.10 47.19 -10.14
CA THR H 218 18.42 47.07 -11.58
C THR H 218 17.90 45.72 -12.01
N LEU H 219 17.84 45.50 -13.32
CA LEU H 219 17.56 44.18 -13.94
C LEU H 219 18.53 43.06 -13.64
N ALA H 220 19.83 43.32 -13.78
CA ALA H 220 20.88 42.47 -13.17
C ALA H 220 20.51 42.00 -11.72
N GLY H 221 19.95 42.90 -10.92
CA GLY H 221 19.52 42.57 -9.58
C GLY H 221 18.41 41.52 -9.54
N ILE H 222 17.35 41.77 -10.31
CA ILE H 222 16.21 40.83 -10.47
C ILE H 222 16.76 39.47 -10.92
N GLY H 223 17.61 39.49 -11.95
CA GLY H 223 18.23 38.27 -12.47
C GLY H 223 19.04 37.46 -11.45
N HIS H 224 19.88 38.17 -10.68
CA HIS H 224 20.63 37.56 -9.60
C HIS H 224 19.69 36.84 -8.63
N ASN H 225 18.57 37.45 -8.21
CA ASN H 225 17.69 36.76 -7.28
C ASN H 225 16.97 35.61 -7.99
N LEU H 226 16.45 35.87 -9.21
CA LEU H 226 15.61 34.88 -9.88
C LEU H 226 16.42 33.64 -10.16
N LEU H 227 17.72 33.80 -10.32
CA LEU H 227 18.60 32.71 -10.72
C LEU H 227 18.89 31.77 -9.55
N TRP H 228 19.40 32.34 -8.45
CA TRP H 228 19.73 31.59 -7.24
C TRP H 228 18.55 31.03 -6.53
N VAL H 229 17.47 31.80 -6.45
CA VAL H 229 16.21 31.30 -5.87
C VAL H 229 15.62 30.15 -6.70
N THR H 230 15.57 30.32 -8.04
CA THR H 230 15.05 29.25 -8.89
C THR H 230 15.89 28.01 -8.67
N LEU H 231 17.20 28.18 -8.53
CA LEU H 231 18.10 27.02 -8.32
C LEU H 231 17.80 26.35 -6.99
N GLY H 232 17.56 27.18 -5.97
CA GLY H 232 17.30 26.69 -4.59
C GLY H 232 15.99 25.94 -4.51
N ASN H 233 14.91 26.55 -5.01
CA ASN H 233 13.63 25.90 -5.17
C ASN H 233 13.75 24.53 -5.85
N THR H 234 14.55 24.47 -6.94
CA THR H 234 14.73 23.24 -7.68
C THR H 234 15.39 22.10 -6.85
N LEU H 235 16.48 22.41 -6.14
CA LEU H 235 17.09 21.50 -5.16
C LEU H 235 16.07 20.79 -4.29
N SER H 236 15.22 21.56 -3.63
CA SER H 236 14.40 20.99 -2.53
C SER H 236 13.18 20.22 -3.12
N GLY H 237 12.66 20.75 -4.23
CA GLY H 237 11.59 20.12 -5.02
C GLY H 237 12.05 18.77 -5.55
N VAL H 238 13.24 18.76 -6.13
CA VAL H 238 13.78 17.57 -6.72
C VAL H 238 14.28 16.57 -5.71
N VAL H 239 15.10 17.02 -4.77
CA VAL H 239 15.88 16.07 -3.99
C VAL H 239 15.20 15.81 -2.64
N PHE H 240 14.79 16.86 -1.93
CA PHE H 240 14.24 16.71 -0.58
C PHE H 240 12.86 16.05 -0.64
N MET H 241 12.03 16.46 -1.61
CA MET H 241 10.65 15.96 -1.72
C MET H 241 10.62 14.80 -2.72
N GLY H 242 10.98 15.06 -3.97
CA GLY H 242 10.99 14.03 -5.00
C GLY H 242 11.83 12.82 -4.64
N LEU H 243 13.13 13.00 -4.53
CA LEU H 243 13.99 11.85 -4.23
C LEU H 243 13.76 11.36 -2.75
N GLY H 244 13.57 12.29 -1.81
CA GLY H 244 13.27 11.97 -0.43
C GLY H 244 12.13 10.96 -0.27
N TYR H 245 10.96 11.28 -0.81
CA TYR H 245 9.84 10.36 -0.66
C TYR H 245 10.03 9.11 -1.51
N TRP H 246 10.74 9.26 -2.65
CA TRP H 246 11.02 8.08 -3.44
C TRP H 246 11.76 7.04 -2.64
N TYR H 247 12.81 7.46 -1.93
CA TYR H 247 13.64 6.56 -1.13
C TYR H 247 13.07 6.21 0.24
N ALA H 248 11.96 6.83 0.63
CA ALA H 248 11.26 6.50 1.91
C ALA H 248 10.21 5.35 1.87
N THR H 249 10.01 4.75 0.70
CA THR H 249 8.94 3.75 0.53
C THR H 249 9.41 2.31 0.91
N PRO H 250 8.56 1.50 1.58
CA PRO H 250 8.96 0.04 1.73
C PRO H 250 9.07 -0.70 0.39
N MET I 1 -11.77 -8.60 20.84
CA MET I 1 -11.28 -7.60 19.86
C MET I 1 -10.70 -6.46 20.71
N PHE I 2 -9.56 -5.90 20.29
CA PHE I 2 -9.11 -4.67 20.94
C PHE I 2 -9.92 -3.51 20.32
N THR I 3 -9.75 -2.29 20.83
CA THR I 3 -10.33 -1.10 20.22
C THR I 3 -9.66 -0.86 18.83
N ASP I 4 -10.40 -0.22 17.91
CA ASP I 4 -9.92 0.13 16.62
C ASP I 4 -8.66 0.94 16.77
N THR I 5 -8.66 1.86 17.70
CA THR I 5 -7.50 2.77 17.82
C THR I 5 -6.24 2.03 18.29
N ILE I 6 -6.42 1.15 19.28
CA ILE I 6 -5.29 0.35 19.80
C ILE I 6 -4.76 -0.58 18.71
N ASN I 7 -5.65 -1.31 18.04
CA ASN I 7 -5.28 -2.20 16.90
C ASN I 7 -4.52 -1.44 15.81
N LYS I 8 -4.95 -0.22 15.48
CA LYS I 8 -4.22 0.64 14.52
C LYS I 8 -2.81 1.05 14.96
N CYS I 9 -2.66 1.46 16.22
CA CYS I 9 -1.36 1.72 16.85
C CYS I 9 -0.41 0.53 16.78
N ALA I 10 -0.97 -0.63 17.09
CA ALA I 10 -0.26 -1.88 17.00
C ALA I 10 0.12 -2.29 15.54
N ALA I 11 -0.77 -2.06 14.54
CA ALA I 11 -0.44 -2.26 13.10
C ALA I 11 0.69 -1.34 12.72
N ASN I 12 0.61 -0.09 13.15
CA ASN I 12 1.65 0.90 12.93
C ASN I 12 2.97 0.53 13.61
N ALA I 13 2.94 0.00 14.85
CA ALA I 13 4.15 -0.64 15.43
C ALA I 13 4.81 -1.74 14.51
N ALA I 14 4.02 -2.68 13.96
CA ALA I 14 4.56 -3.78 13.13
C ALA I 14 5.18 -3.24 11.85
N ARG I 15 4.53 -2.23 11.27
CA ARG I 15 4.96 -1.55 10.05
C ARG I 15 6.25 -0.79 10.35
N ILE I 16 6.34 -0.12 11.51
CA ILE I 16 7.65 0.43 11.96
C ILE I 16 8.83 -0.59 12.02
N ALA I 17 8.56 -1.77 12.56
CA ALA I 17 9.57 -2.79 12.77
C ALA I 17 10.06 -3.29 11.43
N ARG I 18 9.10 -3.44 10.53
CA ARG I 18 9.32 -3.92 9.20
C ARG I 18 10.18 -2.91 8.41
N LEU I 19 9.90 -1.61 8.56
CA LEU I 19 10.67 -0.59 7.81
C LEU I 19 12.14 -0.61 8.32
N SER I 20 12.28 -0.68 9.66
CA SER I 20 13.55 -0.74 10.38
C SER I 20 14.43 -1.89 9.94
N ALA I 21 13.86 -3.11 10.01
CA ALA I 21 14.52 -4.31 9.53
C ALA I 21 14.67 -4.46 7.97
N ASN I 22 13.65 -4.14 7.17
CA ASN I 22 13.80 -4.48 5.73
C ASN I 22 14.27 -3.32 4.89
N ASN I 23 14.17 -2.11 5.44
CA ASN I 23 14.42 -0.93 4.66
C ASN I 23 15.12 0.19 5.43
N PRO I 24 16.30 -0.11 6.01
CA PRO I 24 17.24 0.83 6.63
C PRO I 24 17.24 2.23 6.01
N LEU I 25 17.52 2.33 4.70
CA LEU I 25 17.50 3.59 4.01
C LEU I 25 16.15 4.36 4.21
N GLY I 26 15.03 3.66 3.97
CA GLY I 26 13.71 4.25 4.14
C GLY I 26 13.42 4.73 5.55
N PHE I 27 13.82 3.91 6.54
CA PHE I 27 13.74 4.31 7.94
C PHE I 27 14.54 5.61 8.24
N TRP I 28 15.82 5.66 7.87
CA TRP I 28 16.61 6.87 8.13
C TRP I 28 16.13 8.09 7.39
N VAL I 29 15.68 7.92 6.14
CA VAL I 29 15.07 9.03 5.42
C VAL I 29 13.86 9.57 6.19
N SER I 30 13.00 8.66 6.59
CA SER I 30 11.67 9.02 6.97
C SER I 30 11.75 9.53 8.41
N SER I 31 12.67 8.99 9.16
CA SER I 31 12.89 9.70 10.44
C SER I 31 13.72 11.01 10.36
N ALA I 32 14.61 11.15 9.38
CA ALA I 32 15.24 12.49 9.11
C ALA I 32 14.15 13.51 8.83
N MET I 33 13.17 13.09 8.05
CA MET I 33 12.04 13.97 7.71
C MET I 33 11.29 14.52 8.94
N ALA I 34 10.98 13.70 9.95
CA ALA I 34 10.20 14.18 11.05
C ALA I 34 10.99 15.26 11.77
N GLY I 35 12.28 15.01 11.97
CA GLY I 35 13.14 15.99 12.57
C GLY I 35 13.21 17.31 11.78
N ALA I 36 13.33 17.24 10.45
CA ALA I 36 13.39 18.47 9.63
C ALA I 36 12.06 19.21 9.73
N TYR I 37 10.97 18.44 9.61
CA TYR I 37 9.58 19.00 9.71
C TYR I 37 9.32 19.68 11.06
N VAL I 38 9.59 18.99 12.17
CA VAL I 38 9.42 19.69 13.43
C VAL I 38 10.32 20.97 13.43
N GLY I 39 11.49 20.89 12.80
CA GLY I 39 12.44 21.99 12.85
C GLY I 39 11.96 23.21 12.05
N LEU I 40 11.37 22.96 10.87
CA LEU I 40 10.65 24.00 10.16
C LEU I 40 9.60 24.79 11.05
N GLY I 41 8.88 24.06 11.95
CA GLY I 41 7.87 24.63 12.87
C GLY I 41 8.60 25.51 13.85
N ILE I 42 9.79 25.05 14.28
CA ILE I 42 10.63 25.76 15.31
C ILE I 42 11.21 27.05 14.73
N ILE I 43 11.84 26.95 13.55
CA ILE I 43 12.26 28.20 12.85
C ILE I 43 11.08 29.22 12.79
N LEU I 44 9.86 28.73 12.49
CA LEU I 44 8.72 29.60 12.35
C LEU I 44 8.41 30.35 13.65
N ILE I 45 8.24 29.61 14.76
CA ILE I 45 7.74 30.20 15.97
C ILE I 45 8.76 31.11 16.62
N PHE I 46 10.04 30.75 16.54
CA PHE I 46 11.11 31.62 17.05
C PHE I 46 11.23 32.90 16.20
N THR I 47 10.98 32.82 14.88
CA THR I 47 11.12 33.97 14.01
C THR I 47 9.99 34.93 14.40
N LEU I 48 8.78 34.40 14.59
CA LEU I 48 7.70 35.25 15.06
C LEU I 48 7.97 35.74 16.48
N GLY I 49 8.47 34.85 17.35
CA GLY I 49 8.69 35.22 18.74
C GLY I 49 9.71 36.35 18.89
N ASN I 50 10.74 36.32 18.04
CA ASN I 50 11.79 37.33 17.97
C ASN I 50 11.28 38.78 18.03
N LEU I 51 10.09 39.03 17.51
CA LEU I 51 9.75 40.40 17.21
C LEU I 51 8.67 40.81 18.18
N LEU I 52 8.24 39.89 19.00
CA LEU I 52 7.11 40.12 19.85
C LEU I 52 7.50 40.36 21.30
N ASP I 53 6.69 41.15 21.97
CA ASP I 53 6.76 41.26 23.39
C ASP I 53 6.71 39.91 24.12
N PRO I 54 7.54 39.76 25.15
CA PRO I 54 7.47 38.48 25.89
C PRO I 54 6.05 38.05 26.36
N SER I 55 5.15 38.98 26.62
CA SER I 55 3.86 38.55 27.18
C SER I 55 2.89 37.88 26.16
N VAL I 56 3.21 37.98 24.88
CA VAL I 56 2.42 37.36 23.84
C VAL I 56 3.18 36.24 23.13
N ARG I 57 4.42 35.97 23.50
CA ARG I 57 5.15 34.86 22.84
C ARG I 57 4.44 33.50 23.08
N PRO I 58 4.07 33.19 24.34
CA PRO I 58 3.48 31.85 24.44
C PRO I 58 2.18 31.65 23.58
N LEU I 59 1.37 32.69 23.48
CA LEU I 59 0.14 32.68 22.63
C LEU I 59 0.49 32.58 21.14
N VAL I 60 1.31 33.51 20.61
CA VAL I 60 1.55 33.51 19.16
C VAL I 60 2.44 32.32 18.72
N MET I 61 3.44 32.03 19.52
CA MET I 61 4.33 30.91 19.24
C MET I 61 3.57 29.60 19.40
N GLY I 62 2.74 29.50 20.43
CA GLY I 62 1.89 28.33 20.60
C GLY I 62 0.89 28.14 19.48
N ALA I 63 0.16 29.21 19.17
CA ALA I 63 -0.87 29.18 18.15
C ALA I 63 -0.35 28.89 16.72
N THR I 64 0.96 28.98 16.50
CA THR I 64 1.52 28.82 15.11
C THR I 64 2.50 27.64 15.04
N PHE I 65 2.60 26.88 16.12
CA PHE I 65 3.54 25.80 16.04
C PHE I 65 2.91 24.55 15.40
N GLY I 66 1.58 24.63 15.16
CA GLY I 66 0.84 23.45 14.74
C GLY I 66 1.36 22.76 13.49
N ILE I 67 2.00 23.52 12.60
CA ILE I 67 2.60 22.96 11.41
C ILE I 67 3.55 21.80 11.74
N ALA I 68 4.28 21.90 12.83
CA ALA I 68 5.33 20.89 13.13
C ALA I 68 4.78 19.44 13.07
N LEU I 69 3.74 19.18 13.85
CA LEU I 69 3.19 17.85 13.91
C LEU I 69 2.17 17.64 12.77
N THR I 70 1.66 18.73 12.16
CA THR I 70 0.88 18.60 10.93
C THR I 70 1.68 17.95 9.80
N LEU I 71 2.90 18.42 9.57
CA LEU I 71 3.85 17.86 8.58
C LEU I 71 4.11 16.42 8.98
N VAL I 72 4.43 16.16 10.24
CA VAL I 72 4.83 14.77 10.65
C VAL I 72 3.75 13.79 10.28
N ILE I 73 2.51 14.16 10.54
CA ILE I 73 1.44 13.21 10.42
C ILE I 73 0.85 13.19 9.05
N ILE I 74 0.70 14.37 8.43
CA ILE I 74 -0.01 14.40 7.18
C ILE I 74 0.94 14.14 5.99
N ALA I 75 2.14 14.74 6.03
CA ALA I 75 3.12 14.51 4.98
C ALA I 75 3.67 13.05 5.09
N GLY I 76 3.86 12.55 6.33
CA GLY I 76 4.31 11.19 6.53
C GLY I 76 5.76 11.25 6.96
N SER I 77 6.11 10.58 8.07
CA SER I 77 7.44 10.61 8.62
C SER I 77 7.47 9.77 9.93
N GLU I 78 8.63 9.62 10.57
CA GLU I 78 8.77 8.76 11.73
C GLU I 78 9.31 9.57 12.86
N LEU I 79 8.45 9.81 13.88
CA LEU I 79 8.78 10.65 15.00
C LEU I 79 8.94 9.88 16.28
N PHE I 80 10.12 10.04 16.90
CA PHE I 80 10.50 9.32 18.08
C PHE I 80 9.40 9.39 19.14
N THR I 81 8.90 10.60 19.38
CA THR I 81 8.04 10.79 20.55
C THR I 81 6.68 10.08 20.32
N GLY I 82 6.28 9.90 19.05
CA GLY I 82 5.09 9.10 18.71
C GLY I 82 5.37 7.60 18.86
N HIS I 83 6.60 7.19 18.50
CA HIS I 83 7.02 5.79 18.56
C HIS I 83 6.90 5.27 19.98
N THR I 84 7.16 6.13 20.96
CA THR I 84 7.09 5.70 22.36
C THR I 84 5.71 5.12 22.68
N MET I 85 4.67 5.76 22.16
CA MET I 85 3.30 5.29 22.29
C MET I 85 2.96 4.13 21.30
N PHE I 86 3.24 4.24 19.99
CA PHE I 86 2.86 3.21 19.07
C PHE I 86 3.49 1.89 19.45
N LEU I 87 4.80 1.92 19.76
CA LEU I 87 5.52 0.67 20.05
C LEU I 87 5.02 0.00 21.36
N THR I 88 4.65 0.79 22.36
CA THR I 88 4.08 0.18 23.60
C THR I 88 2.80 -0.60 23.26
N LEU I 89 1.90 -0.03 22.47
CA LEU I 89 0.68 -0.71 22.04
C LEU I 89 0.95 -1.97 21.23
N GLY I 90 1.98 -1.90 20.36
CA GLY I 90 2.58 -3.02 19.66
C GLY I 90 2.97 -4.15 20.57
N VAL I 91 3.72 -3.83 21.62
CA VAL I 91 4.21 -4.88 22.52
C VAL I 91 3.01 -5.50 23.20
N LYS I 92 2.13 -4.64 23.67
CA LYS I 92 0.96 -5.10 24.43
C LYS I 92 0.06 -5.92 23.52
N ALA I 93 -0.14 -5.45 22.27
CA ALA I 93 -1.04 -6.15 21.36
C ALA I 93 -0.41 -7.39 20.80
N GLY I 94 0.88 -7.62 20.99
CA GLY I 94 1.56 -8.82 20.46
C GLY I 94 2.10 -8.76 19.01
N THR I 95 2.10 -7.55 18.42
CA THR I 95 2.54 -7.36 17.03
C THR I 95 4.03 -7.18 16.90
N ILE I 96 4.69 -6.68 17.92
CA ILE I 96 6.15 -6.64 18.01
C ILE I 96 6.54 -7.14 19.45
N SER I 97 7.83 -7.37 19.72
CA SER I 97 8.23 -7.81 21.04
C SER I 97 8.85 -6.64 21.78
N HIS I 98 9.16 -6.81 23.06
CA HIS I 98 9.85 -5.76 23.85
C HIS I 98 11.18 -5.44 23.18
N GLY I 99 11.92 -6.48 22.73
CA GLY I 99 13.17 -6.31 21.97
C GLY I 99 13.20 -5.37 20.76
N GLN I 100 12.30 -5.53 19.81
CA GLN I 100 12.19 -4.61 18.69
C GLN I 100 11.89 -3.18 19.13
N MET I 101 11.06 -3.02 20.14
CA MET I 101 10.75 -1.68 20.65
C MET I 101 12.02 -0.93 21.10
N TRP I 102 12.83 -1.56 21.99
CA TRP I 102 13.96 -0.83 22.57
C TRP I 102 15.07 -0.73 21.58
N ALA I 103 15.06 -1.60 20.58
CA ALA I 103 16.04 -1.49 19.56
C ALA I 103 15.64 -0.43 18.56
N ILE I 104 14.34 -0.21 18.33
CA ILE I 104 13.92 0.81 17.34
C ILE I 104 14.01 2.25 17.88
N LEU I 105 13.56 2.46 19.12
CA LEU I 105 13.52 3.80 19.69
C LEU I 105 14.75 4.68 19.51
N PRO I 106 15.95 4.19 19.90
CA PRO I 106 17.19 4.92 19.64
C PRO I 106 17.43 5.26 18.18
N GLN I 107 17.07 4.39 17.24
CA GLN I 107 17.25 4.70 15.80
C GLN I 107 16.35 5.85 15.41
N THR I 108 15.09 5.81 15.86
CA THR I 108 14.18 6.92 15.57
C THR I 108 14.71 8.24 16.13
N TRP I 109 15.11 8.23 17.39
CA TRP I 109 15.63 9.42 18.03
C TRP I 109 16.80 9.98 17.20
N LEU I 110 17.68 9.09 16.77
CA LEU I 110 18.89 9.48 16.08
C LEU I 110 18.61 9.99 14.63
N GLY I 111 17.71 9.33 13.87
CA GLY I 111 17.31 9.89 12.59
C GLY I 111 16.68 11.27 12.71
N ASN I 112 15.79 11.40 13.68
CA ASN I 112 15.24 12.73 14.09
C ASN I 112 16.31 13.76 14.37
N LEU I 113 17.38 13.37 15.11
CA LEU I 113 18.53 14.26 15.37
C LEU I 113 19.18 14.75 14.03
N VAL I 114 19.44 13.82 13.12
CA VAL I 114 19.98 14.16 11.80
C VAL I 114 19.12 15.15 11.02
N GLY I 115 17.82 14.93 10.91
CA GLY I 115 16.96 15.84 10.21
C GLY I 115 16.90 17.21 10.91
N SER I 116 16.95 17.23 12.25
CA SER I 116 16.95 18.51 12.96
C SER I 116 18.25 19.31 12.68
N VAL I 117 19.39 18.62 12.70
CA VAL I 117 20.67 19.26 12.49
C VAL I 117 20.69 19.78 11.04
N PHE I 118 20.14 19.00 10.11
CA PHE I 118 20.18 19.32 8.69
C PHE I 118 19.35 20.60 8.37
N VAL I 119 18.14 20.74 8.91
CA VAL I 119 17.38 21.94 8.72
C VAL I 119 17.96 23.22 9.36
N ALA I 120 18.51 23.08 10.57
CA ALA I 120 19.26 24.13 11.25
C ALA I 120 20.43 24.61 10.41
N LEU I 121 21.15 23.67 9.84
CA LEU I 121 22.32 23.95 9.09
C LEU I 121 21.96 24.75 7.81
N LEU I 122 20.91 24.29 7.12
CA LEU I 122 20.40 24.92 5.88
C LEU I 122 19.95 26.34 6.22
N TYR I 123 19.31 26.52 7.36
CA TYR I 123 18.86 27.82 7.80
C TYR I 123 20.04 28.79 8.05
N SER I 124 21.11 28.26 8.62
CA SER I 124 22.36 28.97 8.83
C SER I 124 23.04 29.39 7.51
N TRP I 125 23.18 28.43 6.58
CA TRP I 125 23.60 28.75 5.21
C TRP I 125 22.68 29.71 4.47
N GLY I 126 21.38 29.72 4.78
CA GLY I 126 20.47 30.72 4.23
C GLY I 126 20.48 32.04 5.02
N GLY I 127 21.55 32.31 5.78
CA GLY I 127 21.77 33.59 6.50
C GLY I 127 20.69 33.92 7.52
N GLY I 128 20.22 32.92 8.29
CA GLY I 128 19.07 33.11 9.11
C GLY I 128 19.35 34.25 10.07
N SER I 129 18.42 35.17 10.20
CA SER I 129 18.67 36.34 11.01
C SER I 129 18.49 36.00 12.51
N LEU I 130 17.93 34.84 12.90
CA LEU I 130 17.93 34.43 14.35
C LEU I 130 19.30 34.16 14.94
N LEU I 131 20.35 34.13 14.06
CA LEU I 131 21.66 33.53 14.40
C LEU I 131 22.73 34.44 15.04
N PRO I 132 22.98 35.64 14.49
CA PRO I 132 24.14 36.45 14.93
C PRO I 132 24.17 37.06 16.34
N VAL I 133 23.01 37.30 16.96
CA VAL I 133 22.95 38.15 18.16
C VAL I 133 22.70 37.28 19.37
N ASP I 134 23.67 37.20 20.27
CA ASP I 134 23.54 36.21 21.34
C ASP I 134 22.49 36.57 22.36
N THR I 135 21.98 37.80 22.33
CA THR I 135 20.94 38.09 23.30
C THR I 135 19.55 37.90 22.65
N SER I 136 19.44 37.48 21.38
CA SER I 136 18.13 37.34 20.76
C SER I 136 17.52 35.99 21.20
N ILE I 137 16.25 35.74 20.89
CA ILE I 137 15.40 34.64 21.42
C ILE I 137 15.95 33.19 21.35
N VAL I 138 16.48 32.80 20.18
CA VAL I 138 17.05 31.46 20.00
C VAL I 138 18.12 31.17 21.04
N HIS I 139 19.04 32.11 21.24
CA HIS I 139 20.13 31.81 22.13
C HIS I 139 19.75 31.91 23.58
N SER I 140 18.91 32.86 23.96
CA SER I 140 18.56 33.01 25.40
C SER I 140 17.66 31.85 25.88
N VAL I 141 16.64 31.49 25.07
CA VAL I 141 15.81 30.28 25.30
C VAL I 141 16.61 28.97 25.33
N ALA I 142 17.44 28.76 24.30
CA ALA I 142 18.39 27.61 24.22
C ALA I 142 19.25 27.44 25.48
N LEU I 143 19.97 28.51 25.82
CA LEU I 143 20.81 28.50 27.00
C LEU I 143 20.00 28.18 28.24
N ALA I 144 18.90 28.89 28.45
CA ALA I 144 18.07 28.60 29.64
C ALA I 144 17.56 27.12 29.60
N LYS I 145 17.26 26.55 28.43
CA LYS I 145 16.92 25.10 28.44
C LYS I 145 18.03 24.14 28.90
N THR I 146 19.27 24.46 28.52
CA THR I 146 20.42 23.63 28.89
C THR I 146 20.84 23.65 30.36
N THR I 147 20.43 24.67 31.11
CA THR I 147 20.86 24.78 32.54
C THR I 147 19.72 24.57 33.53
N ALA I 148 18.56 24.21 33.00
CA ALA I 148 17.40 23.93 33.82
C ALA I 148 17.60 22.61 34.68
N PRO I 149 16.99 22.53 35.87
CA PRO I 149 17.25 21.31 36.63
C PRO I 149 16.64 20.08 36.00
N ALA I 150 17.28 18.92 36.18
CA ALA I 150 16.87 17.65 35.51
C ALA I 150 15.40 17.23 35.74
N THR I 151 15.01 17.15 37.03
CA THR I 151 13.65 16.97 37.45
C THR I 151 12.64 17.84 36.69
N VAL I 152 12.87 19.15 36.68
CA VAL I 152 12.04 20.09 35.96
C VAL I 152 11.89 19.66 34.48
N LEU I 153 13.02 19.29 33.89
CA LEU I 153 13.03 18.91 32.50
C LEU I 153 12.27 17.63 32.27
N PHE I 154 12.42 16.69 33.18
CA PHE I 154 11.85 15.37 33.08
C PHE I 154 10.34 15.55 33.07
N PHE I 155 9.81 16.26 34.09
CA PHE I 155 8.38 16.47 34.14
C PHE I 155 7.78 17.37 33.08
N LYS I 156 8.50 18.37 32.58
CA LYS I 156 8.04 19.16 31.42
C LYS I 156 7.98 18.30 30.16
N GLY I 157 8.98 17.46 29.91
CA GLY I 157 8.91 16.47 28.80
C GLY I 157 7.76 15.45 28.94
N ALA I 158 7.50 14.94 30.17
CA ALA I 158 6.31 14.08 30.36
C ALA I 158 5.03 14.82 29.89
N LEU I 159 4.86 16.08 30.34
CA LEU I 159 3.65 16.84 30.14
C LEU I 159 3.55 17.17 28.64
N CYS I 160 4.68 17.54 28.02
CA CYS I 160 4.73 17.77 26.58
C CYS I 160 4.25 16.57 25.78
N ASN I 161 4.90 15.43 25.97
CA ASN I 161 4.59 14.29 25.12
C ASN I 161 3.23 13.69 25.45
N TRP I 162 2.69 14.06 26.63
CA TRP I 162 1.32 13.67 26.93
C TRP I 162 0.45 14.33 25.85
N LEU I 163 0.57 15.63 25.74
CA LEU I 163 -0.17 16.39 24.73
C LEU I 163 0.17 16.00 23.32
N VAL I 164 1.45 15.77 23.02
CA VAL I 164 1.78 15.51 21.63
C VAL I 164 1.31 14.12 21.25
N CYS I 165 1.31 13.21 22.22
CA CYS I 165 0.72 11.89 21.94
C CYS I 165 -0.80 11.91 21.83
N LEU I 166 -1.43 12.73 22.69
CA LEU I 166 -2.87 13.02 22.56
C LEU I 166 -3.22 13.58 21.17
N ALA I 167 -2.42 14.48 20.59
CA ALA I 167 -2.69 14.90 19.18
C ALA I 167 -2.67 13.70 18.19
N ILE I 168 -1.68 12.81 18.36
CA ILE I 168 -1.48 11.68 17.46
C ILE I 168 -2.65 10.77 17.71
N TRP I 169 -3.00 10.56 19.01
CA TRP I 169 -4.11 9.69 19.34
C TRP I 169 -5.44 10.23 18.82
N MET I 170 -5.72 11.50 19.02
CA MET I 170 -6.98 12.05 18.46
C MET I 170 -7.00 12.11 16.88
N ALA I 171 -5.85 12.40 16.28
CA ALA I 171 -5.70 12.46 14.79
C ALA I 171 -6.04 11.07 14.21
N ILE I 172 -5.59 10.02 14.87
CA ILE I 172 -5.92 8.66 14.44
C ILE I 172 -7.42 8.41 14.57
N ARG I 173 -8.09 8.96 15.58
CA ARG I 173 -9.54 8.73 15.74
C ARG I 173 -10.48 9.63 14.99
N THR I 174 -9.93 10.54 14.20
CA THR I 174 -10.76 11.48 13.45
C THR I 174 -10.33 11.53 11.95
N GLU I 175 -11.07 12.29 11.16
CA GLU I 175 -10.84 12.41 9.74
C GLU I 175 -10.71 13.85 9.38
N GLY I 176 -10.07 14.11 8.25
CA GLY I 176 -10.19 15.42 7.60
C GLY I 176 -9.53 16.48 8.45
N THR I 177 -10.03 17.71 8.32
CA THR I 177 -9.61 18.86 9.14
C THR I 177 -9.59 18.61 10.65
N ALA I 178 -10.41 17.71 11.14
CA ALA I 178 -10.48 17.40 12.57
C ALA I 178 -9.09 16.96 13.05
N LYS I 179 -8.41 16.16 12.26
CA LYS I 179 -7.03 15.83 12.56
C LYS I 179 -6.16 17.09 12.76
N PHE I 180 -6.28 18.06 11.86
CA PHE I 180 -5.54 19.30 11.94
C PHE I 180 -5.85 20.11 13.21
N LEU I 181 -7.12 20.10 13.65
CA LEU I 181 -7.59 20.88 14.82
C LEU I 181 -7.07 20.22 16.08
N ALA I 182 -7.06 18.88 16.07
CA ALA I 182 -6.58 18.11 17.19
C ALA I 182 -5.09 18.44 17.47
N ILE I 183 -4.28 18.40 16.40
CA ILE I 183 -2.82 18.71 16.36
C ILE I 183 -2.68 20.18 16.86
N TRP I 184 -3.43 21.10 16.24
CA TRP I 184 -3.29 22.51 16.58
C TRP I 184 -3.50 22.79 18.07
N TRP I 185 -4.59 22.26 18.64
CA TRP I 185 -4.87 22.40 20.06
C TRP I 185 -3.74 21.98 20.92
N CYS I 186 -3.20 20.81 20.63
CA CYS I 186 -2.29 20.14 21.54
C CYS I 186 -0.94 20.83 21.49
N LEU I 187 -0.59 21.32 20.30
CA LEU I 187 0.69 22.01 20.14
C LEU I 187 0.59 23.44 20.73
N LEU I 188 -0.55 24.09 20.58
CA LEU I 188 -0.74 25.37 21.29
C LEU I 188 -0.59 25.11 22.79
N ALA I 189 -1.22 24.06 23.29
CA ALA I 189 -1.20 23.81 24.75
C ALA I 189 0.21 23.50 25.24
N PHE I 190 0.99 22.75 24.46
CA PHE I 190 2.33 22.43 24.92
C PHE I 190 3.34 23.59 24.88
N ILE I 191 3.50 24.23 23.72
CA ILE I 191 4.39 25.34 23.61
C ILE I 191 3.94 26.38 24.64
N ALA I 192 2.67 26.73 24.72
CA ALA I 192 2.34 27.90 25.62
C ALA I 192 2.45 27.56 27.11
N SER I 193 2.32 26.27 27.48
CA SER I 193 2.39 25.89 28.87
C SER I 193 3.82 25.81 29.43
N GLY I 194 4.84 25.85 28.57
CA GLY I 194 6.24 25.78 29.03
C GLY I 194 6.74 24.31 28.90
N TYR I 195 6.05 23.39 28.19
CA TYR I 195 6.46 21.97 28.25
C TYR I 195 7.60 21.72 27.26
N GLU I 196 8.35 20.63 27.42
CA GLU I 196 9.62 20.43 26.66
C GLU I 196 9.49 19.25 25.68
N HIS I 197 9.70 19.47 24.39
CA HIS I 197 9.69 18.39 23.36
C HIS I 197 11.11 18.01 22.91
N SER I 198 11.53 16.75 23.05
CA SER I 198 12.92 16.38 22.68
C SER I 198 13.30 16.76 21.27
N VAL I 199 12.46 16.40 20.30
CA VAL I 199 12.86 16.55 18.88
C VAL I 199 12.87 18.01 18.42
N ALA I 200 11.88 18.79 18.83
CA ALA I 200 11.85 20.23 18.60
C ALA I 200 13.10 20.90 19.18
N ASN I 201 13.48 20.46 20.38
CA ASN I 201 14.68 20.97 21.03
C ASN I 201 15.92 20.68 20.20
N MET I 202 15.97 19.55 19.52
CA MET I 202 17.14 19.24 18.66
C MET I 202 17.35 20.35 17.64
N THR I 203 16.29 20.81 16.98
CA THR I 203 16.45 21.96 16.05
C THR I 203 16.79 23.25 16.78
N LEU I 204 16.13 23.59 17.91
CA LEU I 204 16.53 24.79 18.66
C LEU I 204 18.03 24.77 18.99
N PHE I 205 18.48 23.63 19.58
CA PHE I 205 19.86 23.54 20.07
C PHE I 205 20.85 23.65 18.90
N ALA I 206 20.47 23.10 17.74
CA ALA I 206 21.35 23.13 16.57
C ALA I 206 21.44 24.56 15.99
N LEU I 207 20.29 25.24 15.99
CA LEU I 207 20.24 26.67 15.64
C LEU I 207 21.17 27.48 16.50
N SER I 208 21.12 27.22 17.80
CA SER I 208 21.94 28.05 18.66
C SER I 208 23.37 27.64 18.49
N TRP I 209 23.62 26.34 18.36
CA TRP I 209 24.97 25.87 18.21
C TRP I 209 25.65 26.40 16.97
N PHE I 210 24.96 26.40 15.85
CA PHE I 210 25.53 26.96 14.61
C PHE I 210 25.61 28.48 14.48
N GLY I 211 24.78 29.19 15.25
CA GLY I 211 24.78 30.64 15.37
C GLY I 211 25.77 31.19 16.37
N HIS I 212 25.71 32.48 16.59
CA HIS I 212 26.70 33.11 17.46
C HIS I 212 26.26 33.02 18.91
N HIS I 213 26.23 31.80 19.42
CA HIS I 213 25.96 31.56 20.87
C HIS I 213 27.09 32.01 21.78
N SER I 214 26.76 32.51 22.96
CA SER I 214 27.74 32.76 24.04
C SER I 214 28.45 31.45 24.55
N ASP I 215 29.60 31.60 25.23
CA ASP I 215 30.38 30.38 25.53
C ASP I 215 29.86 29.54 26.73
N ALA I 216 28.94 30.13 27.48
CA ALA I 216 28.14 29.51 28.50
C ALA I 216 27.24 28.37 27.92
N TYR I 217 27.05 28.37 26.60
CA TYR I 217 26.17 27.39 26.00
C TYR I 217 27.04 26.26 25.42
N THR I 218 26.94 25.05 25.96
CA THR I 218 27.90 24.00 25.61
C THR I 218 27.19 22.71 25.15
N LEU I 219 27.93 21.80 24.50
CA LEU I 219 27.46 20.45 24.12
C LEU I 219 26.98 19.64 25.32
N ALA I 220 27.63 19.80 26.44
CA ALA I 220 27.25 19.14 27.69
C ALA I 220 25.86 19.66 28.11
N GLY I 221 25.66 20.99 28.00
CA GLY I 221 24.38 21.61 28.26
C GLY I 221 23.30 21.03 27.36
N ILE I 222 23.60 20.95 26.06
CA ILE I 222 22.63 20.46 25.12
C ILE I 222 22.28 19.01 25.47
N GLY I 223 23.33 18.22 25.71
CA GLY I 223 23.21 16.80 26.19
C GLY I 223 22.34 16.63 27.42
N HIS I 224 22.58 17.44 28.45
CA HIS I 224 21.77 17.44 29.71
C HIS I 224 20.27 17.60 29.42
N ASN I 225 19.91 18.54 28.56
CA ASN I 225 18.51 18.79 28.29
C ASN I 225 17.89 17.64 27.49
N LEU I 226 18.51 17.28 26.37
CA LEU I 226 18.01 16.14 25.57
C LEU I 226 17.82 14.85 26.43
N LEU I 227 18.76 14.61 27.34
CA LEU I 227 18.67 13.41 28.17
C LEU I 227 17.33 13.38 28.96
N TRP I 228 17.08 14.41 29.74
CA TRP I 228 15.94 14.44 30.63
C TRP I 228 14.58 14.62 29.98
N VAL I 229 14.52 15.51 29.00
CA VAL I 229 13.34 15.71 28.25
C VAL I 229 13.01 14.42 27.48
N THR I 230 14.02 13.76 26.92
CA THR I 230 13.78 12.54 26.15
C THR I 230 13.15 11.48 27.06
N LEU I 231 13.79 11.25 28.21
CA LEU I 231 13.21 10.36 29.24
C LEU I 231 11.76 10.73 29.60
N GLY I 232 11.51 12.03 29.86
CA GLY I 232 10.21 12.46 30.26
C GLY I 232 9.19 12.25 29.16
N ASN I 233 9.58 12.59 27.93
CA ASN I 233 8.81 12.25 26.73
C ASN I 233 8.38 10.75 26.68
N THR I 234 9.34 9.90 26.95
CA THR I 234 9.16 8.45 27.01
C THR I 234 8.20 8.04 28.15
N LEU I 235 8.30 8.64 29.34
CA LEU I 235 7.36 8.24 30.46
C LEU I 235 5.84 8.35 30.05
N SER I 236 5.49 9.45 29.38
CA SER I 236 4.12 9.79 29.11
C SER I 236 3.61 9.04 27.85
N GLY I 237 4.42 9.03 26.78
CA GLY I 237 4.20 8.16 25.61
C GLY I 237 3.90 6.71 26.01
N VAL I 238 4.76 6.12 26.83
CA VAL I 238 4.68 4.71 27.10
C VAL I 238 3.57 4.41 28.07
N VAL I 239 3.55 5.20 29.15
CA VAL I 239 2.77 4.89 30.32
C VAL I 239 1.41 5.60 30.31
N PHE I 240 1.40 6.96 30.21
CA PHE I 240 0.16 7.67 30.35
C PHE I 240 -0.70 7.36 29.12
N MET I 241 -0.09 7.25 27.95
CA MET I 241 -0.85 7.03 26.72
C MET I 241 -0.96 5.54 26.30
N GLY I 242 0.18 4.86 26.05
CA GLY I 242 0.12 3.43 25.63
C GLY I 242 -0.51 2.56 26.75
N LEU I 243 0.09 2.51 27.92
CA LEU I 243 -0.48 1.71 28.99
C LEU I 243 -1.81 2.29 29.48
N GLY I 244 -1.91 3.61 29.52
CA GLY I 244 -3.13 4.15 30.13
C GLY I 244 -4.30 3.80 29.22
N TYR I 245 -4.19 4.01 27.89
CA TYR I 245 -5.28 3.47 27.03
C TYR I 245 -5.46 1.95 27.00
N TRP I 246 -4.36 1.23 27.15
CA TRP I 246 -4.44 -0.18 27.15
C TRP I 246 -5.33 -0.61 28.31
N TYR I 247 -5.15 -0.06 29.50
CA TYR I 247 -5.93 -0.51 30.65
C TYR I 247 -7.26 0.22 30.70
N ALA I 248 -7.53 1.11 29.74
CA ALA I 248 -8.81 1.82 29.76
C ALA I 248 -9.90 1.04 29.05
N THR I 249 -9.54 -0.08 28.42
CA THR I 249 -10.44 -0.87 27.57
C THR I 249 -10.81 -2.25 28.12
N PRO I 250 -12.11 -2.63 28.06
CA PRO I 250 -12.61 -3.92 28.62
C PRO I 250 -11.86 -5.16 28.14
N MET J 1 -37.58 14.49 17.88
CA MET J 1 -36.50 15.03 17.01
C MET J 1 -35.11 14.77 17.60
N PHE J 2 -35.15 14.20 18.81
CA PHE J 2 -34.01 13.96 19.70
C PHE J 2 -34.01 12.50 20.25
N THR J 3 -34.85 11.63 19.67
CA THR J 3 -34.92 10.21 19.99
C THR J 3 -33.60 9.49 19.72
N ASP J 4 -32.99 9.63 18.54
CA ASP J 4 -31.66 9.03 18.32
C ASP J 4 -30.59 9.54 19.28
N THR J 5 -30.56 10.83 19.56
CA THR J 5 -29.59 11.34 20.54
C THR J 5 -29.81 10.80 21.97
N ILE J 6 -31.08 10.77 22.40
CA ILE J 6 -31.42 10.30 23.72
C ILE J 6 -31.02 8.84 23.82
N ASN J 7 -31.40 8.07 22.80
CA ASN J 7 -30.95 6.65 22.67
C ASN J 7 -29.42 6.43 22.73
N LYS J 8 -28.63 7.30 22.09
CA LYS J 8 -27.18 7.26 22.29
C LYS J 8 -26.74 7.56 23.71
N CYS J 9 -27.37 8.52 24.38
CA CYS J 9 -26.98 8.88 25.76
C CYS J 9 -27.30 7.73 26.73
N ALA J 10 -28.47 7.13 26.54
CA ALA J 10 -28.93 5.97 27.29
C ALA J 10 -28.02 4.72 27.00
N ALA J 11 -27.54 4.58 25.75
CA ALA J 11 -26.62 3.52 25.44
C ALA J 11 -25.27 3.84 26.11
N ASN J 12 -24.89 5.09 26.19
CA ASN J 12 -23.64 5.43 26.83
C ASN J 12 -23.74 5.20 28.33
N ALA J 13 -24.92 5.46 28.87
CA ALA J 13 -25.12 5.26 30.25
C ALA J 13 -25.02 3.76 30.65
N ALA J 14 -25.57 2.86 29.83
CA ALA J 14 -25.38 1.40 30.07
C ALA J 14 -23.93 0.97 29.86
N ARG J 15 -23.25 1.58 28.90
CA ARG J 15 -21.82 1.31 28.70
C ARG J 15 -20.95 1.84 29.85
N ILE J 16 -21.27 3.04 30.34
CA ILE J 16 -20.67 3.53 31.59
C ILE J 16 -20.93 2.55 32.81
N ALA J 17 -22.17 2.07 33.01
CA ALA J 17 -22.44 1.09 34.09
C ALA J 17 -21.68 -0.20 33.95
N ARG J 18 -21.64 -0.79 32.75
CA ARG J 18 -20.79 -1.97 32.51
C ARG J 18 -19.32 -1.73 32.83
N LEU J 19 -18.77 -0.57 32.43
CA LEU J 19 -17.34 -0.25 32.78
C LEU J 19 -17.14 -0.26 34.27
N SER J 20 -17.99 0.47 34.99
CA SER J 20 -17.88 0.61 36.41
C SER J 20 -17.88 -0.76 37.13
N ALA J 21 -18.77 -1.65 36.69
CA ALA J 21 -18.95 -2.93 37.35
C ALA J 21 -17.99 -4.00 36.90
N ASN J 22 -17.67 -4.06 35.61
CA ASN J 22 -16.88 -5.18 35.09
C ASN J 22 -15.43 -4.86 35.01
N ASN J 23 -15.10 -3.58 34.83
CA ASN J 23 -13.71 -3.24 34.63
C ASN J 23 -13.34 -2.00 35.48
N PRO J 24 -13.40 -2.18 36.82
CA PRO J 24 -13.16 -1.10 37.77
C PRO J 24 -11.89 -0.33 37.44
N LEU J 25 -10.82 -1.03 37.11
CA LEU J 25 -9.53 -0.41 36.78
C LEU J 25 -9.66 0.55 35.59
N GLY J 26 -10.22 0.05 34.50
CA GLY J 26 -10.50 0.90 33.36
C GLY J 26 -11.35 2.11 33.68
N PHE J 27 -12.34 1.94 34.56
CA PHE J 27 -13.20 3.05 34.98
C PHE J 27 -12.39 4.16 35.62
N TRP J 28 -11.61 3.77 36.65
CA TRP J 28 -10.71 4.68 37.34
C TRP J 28 -9.73 5.36 36.45
N VAL J 29 -9.11 4.60 35.55
CA VAL J 29 -8.09 5.17 34.73
C VAL J 29 -8.77 6.23 33.85
N SER J 30 -9.89 5.81 33.28
CA SER J 30 -10.67 6.60 32.37
C SER J 30 -11.26 7.90 32.97
N SER J 31 -11.76 7.82 34.19
CA SER J 31 -12.06 9.03 35.01
C SER J 31 -10.83 9.90 35.31
N ALA J 32 -9.66 9.31 35.61
CA ALA J 32 -8.44 10.10 35.95
C ALA J 32 -8.05 10.85 34.68
N MET J 33 -8.18 10.18 33.54
CA MET J 33 -7.79 10.79 32.28
C MET J 33 -8.61 12.08 32.14
N ALA J 34 -9.86 12.02 32.59
CA ALA J 34 -10.73 13.13 32.29
C ALA J 34 -10.34 14.32 33.16
N GLY J 35 -10.00 14.08 34.41
CA GLY J 35 -9.45 15.19 35.23
C GLY J 35 -8.17 15.77 34.65
N ALA J 36 -7.26 14.92 34.19
CA ALA J 36 -5.97 15.36 33.72
C ALA J 36 -6.15 16.17 32.44
N TYR J 37 -7.08 15.74 31.60
CA TYR J 37 -7.26 16.42 30.34
C TYR J 37 -7.82 17.79 30.54
N VAL J 38 -8.85 17.90 31.38
CA VAL J 38 -9.45 19.21 31.65
C VAL J 38 -8.34 20.09 32.25
N GLY J 39 -7.68 19.53 33.30
CA GLY J 39 -6.51 20.10 33.91
C GLY J 39 -5.44 20.68 32.95
N LEU J 40 -5.18 19.99 31.82
CA LEU J 40 -4.15 20.44 30.91
C LEU J 40 -4.64 21.69 30.24
N GLY J 41 -5.95 21.72 29.87
CA GLY J 41 -6.60 22.98 29.37
C GLY J 41 -6.51 24.14 30.40
N ILE J 42 -6.71 23.82 31.70
CA ILE J 42 -6.62 24.84 32.70
C ILE J 42 -5.20 25.45 32.79
N ILE J 43 -4.16 24.60 32.76
CA ILE J 43 -2.81 25.14 32.90
C ILE J 43 -2.65 26.05 31.69
N LEU J 44 -3.14 25.63 30.49
CA LEU J 44 -2.99 26.47 29.22
C LEU J 44 -3.54 27.86 29.48
N ILE J 45 -4.76 27.92 29.98
CA ILE J 45 -5.44 29.22 29.88
C ILE J 45 -4.99 30.13 30.98
N PHE J 46 -4.64 29.55 32.14
CA PHE J 46 -4.07 30.36 33.22
C PHE J 46 -2.69 30.88 32.87
N THR J 47 -1.86 30.07 32.21
CA THR J 47 -0.57 30.55 31.74
C THR J 47 -0.77 31.74 30.82
N LEU J 48 -1.70 31.63 29.86
CA LEU J 48 -1.94 32.73 28.92
C LEU J 48 -2.47 33.99 29.63
N GLY J 49 -3.51 33.83 30.44
CA GLY J 49 -4.15 34.96 31.09
C GLY J 49 -3.23 35.61 32.08
N ASN J 50 -2.34 34.85 32.74
CA ASN J 50 -1.31 35.40 33.66
C ASN J 50 -0.46 36.50 33.05
N LEU J 51 -0.31 36.56 31.74
CA LEU J 51 0.49 37.65 31.19
C LEU J 51 -0.33 38.65 30.43
N LEU J 52 -1.64 38.59 30.55
CA LEU J 52 -2.47 39.55 29.85
C LEU J 52 -3.10 40.58 30.81
N ASP J 53 -3.39 41.74 30.24
CA ASP J 53 -4.20 42.71 30.91
C ASP J 53 -5.52 42.06 31.32
N PRO J 54 -6.01 42.35 32.56
CA PRO J 54 -7.32 41.76 33.02
C PRO J 54 -8.48 41.87 32.01
N SER J 55 -8.58 42.96 31.31
CA SER J 55 -9.68 43.19 30.38
C SER J 55 -9.76 42.24 29.14
N VAL J 56 -8.69 41.49 28.89
CA VAL J 56 -8.64 40.55 27.78
C VAL J 56 -8.58 39.09 28.26
N ARG J 57 -8.47 38.89 29.55
CA ARG J 57 -8.48 37.52 30.07
C ARG J 57 -9.72 36.71 29.71
N PRO J 58 -10.92 37.27 29.94
CA PRO J 58 -12.08 36.43 29.59
C PRO J 58 -12.08 35.95 28.10
N LEU J 59 -11.70 36.84 27.19
CA LEU J 59 -11.67 36.56 25.79
C LEU J 59 -10.61 35.51 25.47
N VAL J 60 -9.37 35.71 25.92
CA VAL J 60 -8.32 34.80 25.57
C VAL J 60 -8.40 33.45 26.31
N MET J 61 -8.69 33.50 27.61
CA MET J 61 -8.85 32.26 28.39
C MET J 61 -10.04 31.43 27.86
N GLY J 62 -11.16 32.12 27.55
CA GLY J 62 -12.32 31.49 26.94
C GLY J 62 -11.99 30.87 25.59
N ALA J 63 -11.33 31.63 24.71
CA ALA J 63 -11.12 31.20 23.33
C ALA J 63 -10.12 30.08 23.24
N THR J 64 -9.31 29.89 24.29
CA THR J 64 -8.31 28.86 24.26
C THR J 64 -8.64 27.67 25.16
N PHE J 65 -9.78 27.66 25.82
CA PHE J 65 -10.04 26.57 26.75
C PHE J 65 -10.55 25.33 26.06
N GLY J 66 -10.92 25.48 24.79
CA GLY J 66 -11.54 24.39 24.03
C GLY J 66 -10.88 23.02 24.08
N ILE J 67 -9.53 23.00 24.02
CA ILE J 67 -8.79 21.72 24.13
C ILE J 67 -9.36 20.81 25.26
N ALA J 68 -9.75 21.40 26.39
CA ALA J 68 -10.16 20.61 27.57
C ALA J 68 -11.23 19.53 27.28
N LEU J 69 -12.43 19.94 26.88
CA LEU J 69 -13.49 19.03 26.46
C LEU J 69 -13.19 18.34 25.14
N THR J 70 -12.41 18.97 24.25
CA THR J 70 -11.99 18.28 23.01
C THR J 70 -11.21 17.00 23.37
N LEU J 71 -10.19 17.10 24.23
CA LEU J 71 -9.53 15.91 24.77
C LEU J 71 -10.53 14.95 25.37
N VAL J 72 -11.39 15.46 26.26
CA VAL J 72 -12.26 14.56 27.01
C VAL J 72 -13.10 13.71 26.05
N ILE J 73 -13.64 14.33 24.99
CA ILE J 73 -14.65 13.66 24.16
C ILE J 73 -13.97 12.88 23.02
N ILE J 74 -12.99 13.50 22.35
CA ILE J 74 -12.31 12.89 21.23
C ILE J 74 -11.24 11.90 21.58
N ALA J 75 -10.40 12.18 22.57
CA ALA J 75 -9.39 11.17 22.92
C ALA J 75 -10.09 10.03 23.67
N GLY J 76 -11.14 10.36 24.42
CA GLY J 76 -11.92 9.39 25.15
C GLY J 76 -11.57 9.35 26.61
N SER J 77 -12.57 9.48 27.48
CA SER J 77 -12.38 9.46 28.94
C SER J 77 -13.75 9.52 29.63
N GLU J 78 -13.81 9.54 30.96
CA GLU J 78 -15.09 9.67 31.68
C GLU J 78 -15.19 10.91 32.60
N LEU J 79 -16.11 11.81 32.23
CA LEU J 79 -16.26 13.13 32.86
C LEU J 79 -17.52 13.20 33.71
N PHE J 80 -17.32 13.47 35.01
CA PHE J 80 -18.44 13.51 35.94
C PHE J 80 -19.53 14.43 35.46
N THR J 81 -19.16 15.61 34.95
CA THR J 81 -20.18 16.58 34.51
C THR J 81 -21.03 16.09 33.37
N GLY J 82 -20.49 15.28 32.47
CA GLY J 82 -21.29 14.72 31.34
C GLY J 82 -22.12 13.54 31.86
N HIS J 83 -21.59 12.80 32.82
CA HIS J 83 -22.33 11.70 33.46
C HIS J 83 -23.66 12.12 34.05
N THR J 84 -23.74 13.33 34.59
CA THR J 84 -25.03 13.79 35.12
C THR J 84 -26.07 13.77 33.99
N MET J 85 -25.70 14.19 32.76
CA MET J 85 -26.64 14.12 31.60
C MET J 85 -26.84 12.69 31.04
N PHE J 86 -25.76 11.93 30.85
CA PHE J 86 -25.88 10.55 30.31
C PHE J 86 -26.70 9.63 31.23
N LEU J 87 -26.36 9.63 32.51
CA LEU J 87 -27.01 8.76 33.45
C LEU J 87 -28.49 9.10 33.71
N THR J 88 -28.82 10.38 33.75
CA THR J 88 -30.22 10.79 33.84
C THR J 88 -31.02 10.18 32.67
N LEU J 89 -30.52 10.34 31.45
CA LEU J 89 -31.20 9.82 30.27
C LEU J 89 -31.22 8.28 30.26
N GLY J 90 -30.16 7.63 30.72
CA GLY J 90 -30.25 6.17 30.87
C GLY J 90 -31.30 5.74 31.88
N VAL J 91 -31.42 6.51 32.97
CA VAL J 91 -32.45 6.14 33.97
C VAL J 91 -33.82 6.32 33.36
N LYS J 92 -34.01 7.40 32.63
CA LYS J 92 -35.32 7.67 32.03
C LYS J 92 -35.70 6.60 31.00
N ALA J 93 -34.71 6.10 30.26
CA ALA J 93 -34.92 5.12 29.16
C ALA J 93 -34.87 3.69 29.63
N GLY J 94 -34.68 3.48 30.94
CA GLY J 94 -34.69 2.12 31.50
C GLY J 94 -33.42 1.32 31.20
N THR J 95 -32.35 1.96 30.73
CA THR J 95 -31.13 1.18 30.46
C THR J 95 -30.27 1.00 31.70
N ILE J 96 -30.44 1.87 32.68
CA ILE J 96 -29.81 1.70 34.01
C ILE J 96 -30.83 2.09 35.11
N SER J 97 -30.59 1.72 36.37
CA SER J 97 -31.48 2.06 37.51
C SER J 97 -31.01 3.35 38.20
N HIS J 98 -31.90 4.01 38.95
CA HIS J 98 -31.53 5.17 39.80
C HIS J 98 -30.36 4.81 40.66
N GLY J 99 -30.43 3.64 41.29
CA GLY J 99 -29.37 3.15 42.15
C GLY J 99 -28.03 3.10 41.46
N GLN J 100 -28.02 2.62 40.22
CA GLN J 100 -26.79 2.64 39.43
C GLN J 100 -26.27 4.05 39.17
N MET J 101 -27.18 4.96 38.89
CA MET J 101 -26.78 6.32 38.57
C MET J 101 -26.05 6.95 39.73
N TRP J 102 -26.67 6.81 40.88
CA TRP J 102 -26.19 7.41 42.07
C TRP J 102 -24.98 6.73 42.64
N ALA J 103 -24.82 5.43 42.36
CA ALA J 103 -23.62 4.67 42.73
C ALA J 103 -22.42 5.11 41.86
N ILE J 104 -22.70 5.41 40.60
CA ILE J 104 -21.68 5.80 39.67
C ILE J 104 -21.14 7.25 39.76
N LEU J 105 -22.04 8.24 39.83
CA LEU J 105 -21.59 9.64 39.84
C LEU J 105 -20.46 9.97 40.87
N PRO J 106 -20.56 9.51 42.15
CA PRO J 106 -19.45 9.73 43.09
C PRO J 106 -18.06 9.18 42.64
N GLN J 107 -18.09 8.00 42.03
CA GLN J 107 -16.87 7.42 41.53
C GLN J 107 -16.31 8.24 40.37
N THR J 108 -17.16 8.71 39.45
CA THR J 108 -16.62 9.50 38.33
C THR J 108 -15.91 10.73 38.95
N TRP J 109 -16.55 11.25 39.99
CA TRP J 109 -16.16 12.54 40.50
C TRP J 109 -14.83 12.37 41.19
N LEU J 110 -14.67 11.27 41.91
CA LEU J 110 -13.43 10.97 42.63
C LEU J 110 -12.30 10.68 41.68
N GLY J 111 -12.59 9.89 40.62
CA GLY J 111 -11.60 9.61 39.60
C GLY J 111 -11.11 10.87 38.92
N ASN J 112 -12.06 11.72 38.54
CA ASN J 112 -11.78 13.08 38.04
C ASN J 112 -10.87 13.87 39.01
N LEU J 113 -11.14 13.79 40.31
CA LEU J 113 -10.28 14.49 41.29
C LEU J 113 -8.83 13.94 41.30
N VAL J 114 -8.69 12.62 41.23
CA VAL J 114 -7.37 11.99 41.16
C VAL J 114 -6.58 12.50 39.93
N GLY J 115 -7.19 12.50 38.75
CA GLY J 115 -6.48 12.98 37.56
C GLY J 115 -6.12 14.45 37.62
N SER J 116 -6.94 15.22 38.32
CA SER J 116 -6.79 16.67 38.40
C SER J 116 -5.60 17.00 39.30
N VAL J 117 -5.58 16.37 40.45
CA VAL J 117 -4.48 16.52 41.38
C VAL J 117 -3.21 16.01 40.76
N PHE J 118 -3.29 14.90 40.03
CA PHE J 118 -2.10 14.33 39.40
C PHE J 118 -1.47 15.25 38.35
N VAL J 119 -2.28 15.80 37.44
CA VAL J 119 -1.69 16.64 36.39
C VAL J 119 -1.17 17.92 37.10
N ALA J 120 -1.70 18.22 38.32
CA ALA J 120 -1.27 19.45 39.00
C ALA J 120 0.11 19.21 39.59
N LEU J 121 0.27 18.03 40.24
CA LEU J 121 1.53 17.56 40.80
C LEU J 121 2.64 17.60 39.72
N LEU J 122 2.36 17.07 38.52
CA LEU J 122 3.39 16.92 37.55
C LEU J 122 3.87 18.33 37.11
N TYR J 123 2.92 19.24 36.97
CA TYR J 123 3.17 20.64 36.67
C TYR J 123 4.07 21.28 37.74
N SER J 124 3.76 20.97 38.99
CA SER J 124 4.54 21.44 40.13
C SER J 124 5.97 20.90 40.13
N TRP J 125 6.13 19.60 39.86
CA TRP J 125 7.45 18.99 39.66
C TRP J 125 8.17 19.49 38.45
N GLY J 126 7.40 19.75 37.40
CA GLY J 126 7.99 20.43 36.25
C GLY J 126 8.28 21.91 36.47
N GLY J 127 8.30 22.39 37.76
CA GLY J 127 8.54 23.82 38.11
C GLY J 127 7.72 24.80 37.26
N GLY J 128 6.44 24.49 37.05
CA GLY J 128 5.56 25.40 36.35
C GLY J 128 5.60 26.85 36.92
N SER J 129 5.63 27.82 36.03
CA SER J 129 5.80 29.19 36.41
C SER J 129 4.55 29.82 37.07
N LEU J 130 3.37 29.20 36.96
CA LEU J 130 2.17 29.77 37.61
C LEU J 130 2.16 29.66 39.13
N LEU J 131 3.12 28.92 39.71
CA LEU J 131 3.05 28.52 41.13
C LEU J 131 3.75 29.43 42.16
N PRO J 132 5.05 29.81 41.94
CA PRO J 132 5.84 30.35 43.08
C PRO J 132 5.56 31.81 43.49
N VAL J 133 5.07 32.62 42.56
CA VAL J 133 4.86 34.04 42.82
C VAL J 133 3.44 34.22 43.43
N ASP J 134 3.32 34.80 44.64
CA ASP J 134 1.98 35.01 45.29
C ASP J 134 0.98 35.84 44.40
N THR J 135 1.55 36.54 43.44
CA THR J 135 0.77 37.42 42.59
C THR J 135 0.09 36.68 41.41
N SER J 136 0.49 35.45 41.14
CA SER J 136 -0.09 34.67 40.06
C SER J 136 -1.62 34.59 40.09
N ILE J 137 -2.22 34.71 38.90
CA ILE J 137 -3.66 34.75 38.82
C ILE J 137 -4.22 33.40 39.23
N VAL J 138 -3.41 32.35 39.18
CA VAL J 138 -3.85 31.06 39.80
C VAL J 138 -4.27 31.29 41.24
N HIS J 139 -3.50 32.09 42.01
CA HIS J 139 -3.81 32.24 43.48
C HIS J 139 -4.96 33.13 43.76
N SER J 140 -5.04 34.25 43.04
CA SER J 140 -6.11 35.21 43.26
C SER J 140 -7.42 34.67 42.68
N VAL J 141 -7.43 34.11 41.47
CA VAL J 141 -8.68 33.48 40.96
C VAL J 141 -9.16 32.33 41.89
N ALA J 142 -8.22 31.58 42.46
CA ALA J 142 -8.56 30.42 43.25
C ALA J 142 -9.19 30.83 44.57
N LEU J 143 -8.52 31.73 45.28
CA LEU J 143 -9.05 32.33 46.48
C LEU J 143 -10.48 32.89 46.30
N ALA J 144 -10.71 33.70 45.26
CA ALA J 144 -12.04 34.30 45.05
C ALA J 144 -13.09 33.20 44.89
N LYS J 145 -12.70 32.12 44.25
CA LYS J 145 -13.65 31.06 43.99
C LYS J 145 -14.03 30.37 45.28
N THR J 146 -13.13 30.39 46.26
CA THR J 146 -13.41 29.63 47.48
C THR J 146 -14.14 30.42 48.52
N THR J 147 -14.04 31.76 48.47
CA THR J 147 -14.78 32.58 49.46
C THR J 147 -16.11 33.09 48.92
N ALA J 148 -16.45 32.80 47.67
CA ALA J 148 -17.72 33.24 47.07
C ALA J 148 -18.98 32.57 47.74
N PRO J 149 -20.14 33.27 47.79
CA PRO J 149 -21.30 32.60 48.46
C PRO J 149 -21.86 31.32 47.76
N ALA J 150 -22.45 30.41 48.54
CA ALA J 150 -23.06 29.17 48.01
C ALA J 150 -24.00 29.36 46.80
N THR J 151 -24.95 30.29 46.94
CA THR J 151 -25.97 30.55 45.95
C THR J 151 -25.31 30.92 44.65
N VAL J 152 -24.36 31.84 44.75
CA VAL J 152 -23.61 32.33 43.59
C VAL J 152 -22.94 31.14 42.90
N LEU J 153 -22.19 30.36 43.68
CA LEU J 153 -21.45 29.20 43.12
C LEU J 153 -22.37 28.18 42.46
N PHE J 154 -23.45 27.91 43.17
CA PHE J 154 -24.47 26.99 42.75
C PHE J 154 -25.03 27.39 41.36
N PHE J 155 -25.46 28.63 41.21
CA PHE J 155 -26.05 29.05 39.93
C PHE J 155 -25.05 29.22 38.81
N LYS J 156 -23.82 29.60 39.16
CA LYS J 156 -22.73 29.60 38.18
C LYS J 156 -22.41 28.19 37.73
N GLY J 157 -22.43 27.25 38.68
CA GLY J 157 -22.29 25.86 38.35
C GLY J 157 -23.45 25.35 37.50
N ALA J 158 -24.68 25.77 37.77
CA ALA J 158 -25.80 25.42 36.89
C ALA J 158 -25.55 25.93 35.44
N LEU J 159 -25.27 27.23 35.31
CA LEU J 159 -24.98 27.84 34.02
C LEU J 159 -23.83 27.18 33.21
N CYS J 160 -22.74 26.88 33.91
CA CYS J 160 -21.60 26.26 33.30
C CYS J 160 -21.96 24.90 32.69
N ASN J 161 -22.50 23.99 33.51
CA ASN J 161 -22.76 22.66 33.05
C ASN J 161 -23.89 22.56 32.01
N TRP J 162 -24.70 23.60 31.95
CA TRP J 162 -25.66 23.68 30.87
C TRP J 162 -24.86 23.73 29.61
N LEU J 163 -23.93 24.69 29.54
CA LEU J 163 -23.09 24.89 28.36
C LEU J 163 -22.23 23.65 28.05
N VAL J 164 -21.61 23.07 29.08
CA VAL J 164 -20.73 21.94 28.80
C VAL J 164 -21.50 20.71 28.29
N CYS J 165 -22.70 20.47 28.85
CA CYS J 165 -23.52 19.37 28.36
C CYS J 165 -24.11 19.72 26.95
N LEU J 166 -24.45 20.99 26.71
CA LEU J 166 -24.76 21.41 25.35
C LEU J 166 -23.67 21.06 24.36
N ALA J 167 -22.42 21.13 24.78
CA ALA J 167 -21.34 20.82 23.89
C ALA J 167 -21.33 19.32 23.66
N ILE J 168 -21.48 18.53 24.73
CA ILE J 168 -21.48 17.07 24.61
C ILE J 168 -22.65 16.64 23.71
N TRP J 169 -23.83 17.21 23.98
CA TRP J 169 -25.05 16.96 23.22
C TRP J 169 -24.89 17.33 21.75
N MET J 170 -24.41 18.52 21.47
CA MET J 170 -24.18 18.94 20.10
C MET J 170 -23.09 18.05 19.40
N ALA J 171 -22.06 17.64 20.15
CA ALA J 171 -21.00 16.77 19.59
C ALA J 171 -21.60 15.43 19.15
N ILE J 172 -22.52 14.89 19.95
CA ILE J 172 -23.19 13.64 19.60
C ILE J 172 -24.06 13.78 18.34
N ARG J 173 -24.67 14.96 18.11
CA ARG J 173 -25.50 15.18 16.94
C ARG J 173 -24.77 15.70 15.68
N THR J 174 -23.47 15.90 15.76
CA THR J 174 -22.69 16.30 14.56
C THR J 174 -21.53 15.35 14.26
N GLU J 175 -20.83 15.62 13.16
CA GLU J 175 -19.67 14.83 12.72
C GLU J 175 -18.45 15.67 12.52
N GLY J 176 -17.30 15.00 12.50
CA GLY J 176 -16.10 15.56 12.05
C GLY J 176 -15.73 16.75 12.84
N THR J 177 -15.28 17.78 12.12
CA THR J 177 -14.83 19.00 12.74
C THR J 177 -15.96 19.75 13.53
N ALA J 178 -17.21 19.55 13.15
CA ALA J 178 -18.29 20.29 13.76
C ALA J 178 -18.30 19.93 15.23
N LYS J 179 -17.84 18.72 15.61
CA LYS J 179 -17.83 18.44 17.07
C LYS J 179 -16.92 19.46 17.73
N PHE J 180 -15.83 19.79 17.02
CA PHE J 180 -14.76 20.63 17.60
C PHE J 180 -15.24 22.05 17.80
N LEU J 181 -16.03 22.56 16.84
CA LEU J 181 -16.66 23.87 16.94
C LEU J 181 -17.70 23.93 18.05
N ALA J 182 -18.55 22.89 18.15
CA ALA J 182 -19.54 22.84 19.22
C ALA J 182 -18.87 22.99 20.57
N ILE J 183 -17.79 22.25 20.77
CA ILE J 183 -17.07 22.28 22.05
C ILE J 183 -16.40 23.68 22.27
N TRP J 184 -15.67 24.18 21.29
CA TRP J 184 -15.04 25.46 21.39
C TRP J 184 -16.01 26.57 21.82
N TRP J 185 -17.19 26.63 21.18
CA TRP J 185 -18.19 27.68 21.47
C TRP J 185 -18.59 27.67 22.92
N CYS J 186 -18.91 26.48 23.42
CA CYS J 186 -19.52 26.36 24.73
C CYS J 186 -18.50 26.68 25.80
N LEU J 187 -17.26 26.28 25.52
CA LEU J 187 -16.19 26.57 26.45
C LEU J 187 -15.80 28.05 26.47
N LEU J 188 -15.78 28.72 25.31
CA LEU J 188 -15.61 30.16 25.25
C LEU J 188 -16.69 30.83 26.11
N ALA J 189 -17.95 30.48 25.84
CA ALA J 189 -19.09 30.99 26.61
C ALA J 189 -19.00 30.74 28.13
N PHE J 190 -18.70 29.53 28.59
CA PHE J 190 -18.73 29.29 30.04
C PHE J 190 -17.57 29.98 30.77
N ILE J 191 -16.37 29.92 30.19
CA ILE J 191 -15.22 30.56 30.80
C ILE J 191 -15.36 32.09 30.76
N ALA J 192 -15.60 32.67 29.57
CA ALA J 192 -15.74 34.12 29.47
C ALA J 192 -16.89 34.67 30.30
N SER J 193 -17.96 33.92 30.49
CA SER J 193 -19.10 34.50 31.23
C SER J 193 -18.93 34.42 32.72
N GLY J 194 -17.87 33.76 33.23
CA GLY J 194 -17.68 33.61 34.69
C GLY J 194 -18.32 32.36 35.30
N TYR J 195 -18.75 31.36 34.51
CA TYR J 195 -19.39 30.18 35.14
C TYR J 195 -18.38 29.21 35.78
N GLU J 196 -18.89 28.27 36.53
CA GLU J 196 -18.04 27.43 37.38
C GLU J 196 -18.12 25.93 37.00
N HIS J 197 -16.97 25.33 36.70
CA HIS J 197 -16.93 23.92 36.40
C HIS J 197 -16.25 23.15 37.48
N SER J 198 -16.92 22.15 38.05
CA SER J 198 -16.40 21.49 39.29
C SER J 198 -15.05 20.79 38.99
N VAL J 199 -14.97 20.04 37.90
CA VAL J 199 -13.78 19.30 37.57
C VAL J 199 -12.62 20.21 37.16
N ALA J 200 -12.87 21.24 36.34
CA ALA J 200 -11.81 22.24 36.09
C ALA J 200 -11.34 22.90 37.41
N ASN J 201 -12.27 23.20 38.34
CA ASN J 201 -11.84 23.83 39.59
C ASN J 201 -10.96 22.86 40.41
N MET J 202 -11.11 21.56 40.21
CA MET J 202 -10.23 20.63 40.90
C MET J 202 -8.74 20.85 40.59
N THR J 203 -8.41 21.09 39.31
CA THR J 203 -7.04 21.35 38.95
C THR J 203 -6.62 22.75 39.47
N LEU J 204 -7.46 23.74 39.30
CA LEU J 204 -7.02 25.09 39.62
C LEU J 204 -6.73 25.11 41.12
N PHE J 205 -7.61 24.46 41.89
CA PHE J 205 -7.43 24.38 43.37
C PHE J 205 -6.15 23.70 43.77
N ALA J 206 -5.84 22.61 43.02
CA ALA J 206 -4.67 21.79 43.36
C ALA J 206 -3.37 22.58 43.04
N LEU J 207 -3.35 23.26 41.87
CA LEU J 207 -2.25 24.12 41.48
C LEU J 207 -2.00 25.20 42.53
N SER J 208 -3.05 25.91 42.91
CA SER J 208 -2.84 26.94 43.90
C SER J 208 -2.38 26.30 45.23
N TRP J 209 -2.88 25.10 45.52
CA TRP J 209 -2.52 24.45 46.83
C TRP J 209 -1.03 24.15 46.94
N PHE J 210 -0.45 23.73 45.82
CA PHE J 210 0.94 23.33 45.76
C PHE J 210 1.88 24.50 45.56
N GLY J 211 1.35 25.67 45.28
CA GLY J 211 2.16 26.85 44.99
C GLY J 211 2.11 27.77 46.19
N HIS J 212 2.57 29.00 46.02
CA HIS J 212 2.64 29.97 47.10
C HIS J 212 1.31 30.70 47.28
N HIS J 213 0.31 30.02 47.84
CA HIS J 213 -1.01 30.62 48.08
C HIS J 213 -0.99 31.32 49.38
N SER J 214 -1.88 32.30 49.56
CA SER J 214 -1.96 32.98 50.86
C SER J 214 -2.64 32.11 51.91
N ASP J 215 -2.61 32.64 53.13
CA ASP J 215 -3.13 32.00 54.35
C ASP J 215 -4.65 31.85 54.32
N ALA J 216 -5.30 32.83 53.71
CA ALA J 216 -6.73 32.87 53.52
C ALA J 216 -7.25 31.71 52.61
N TYR J 217 -6.37 31.06 51.86
CA TYR J 217 -6.74 29.89 51.04
C TYR J 217 -6.67 28.56 51.81
N THR J 218 -7.82 27.95 52.11
CA THR J 218 -7.79 26.75 52.97
C THR J 218 -8.52 25.55 52.29
N LEU J 219 -8.38 24.36 52.85
CA LEU J 219 -9.02 23.16 52.30
C LEU J 219 -10.53 23.21 52.48
N ALA J 220 -10.96 23.68 53.66
CA ALA J 220 -12.34 24.11 53.89
C ALA J 220 -12.82 25.05 52.73
N GLY J 221 -11.97 25.98 52.26
CA GLY J 221 -12.34 26.88 51.18
C GLY J 221 -12.55 26.12 49.87
N ILE J 222 -11.59 25.25 49.56
CA ILE J 222 -11.71 24.37 48.44
C ILE J 222 -12.95 23.51 48.51
N GLY J 223 -13.20 22.83 49.64
CA GLY J 223 -14.39 21.99 49.81
C GLY J 223 -15.67 22.74 49.52
N HIS J 224 -15.73 23.93 50.09
CA HIS J 224 -16.78 24.92 49.83
C HIS J 224 -17.14 25.14 48.39
N ASN J 225 -16.19 25.58 47.56
CA ASN J 225 -16.50 25.77 46.14
C ASN J 225 -16.94 24.45 45.46
N LEU J 226 -16.18 23.39 45.66
CA LEU J 226 -16.50 22.08 45.12
C LEU J 226 -17.87 21.58 45.51
N LEU J 227 -18.32 21.81 46.75
CA LEU J 227 -19.65 21.33 47.16
C LEU J 227 -20.74 21.99 46.29
N TRP J 228 -20.85 23.29 46.35
CA TRP J 228 -21.90 24.00 45.61
C TRP J 228 -21.80 23.98 44.08
N VAL J 229 -20.61 24.08 43.53
CA VAL J 229 -20.41 23.97 42.06
C VAL J 229 -20.81 22.59 41.53
N THR J 230 -20.39 21.55 42.24
CA THR J 230 -20.80 20.22 41.85
C THR J 230 -22.34 20.10 41.85
N LEU J 231 -22.96 20.69 42.87
CA LEU J 231 -24.40 20.57 43.05
C LEU J 231 -25.10 21.30 41.88
N GLY J 232 -24.61 22.49 41.55
CA GLY J 232 -25.16 23.26 40.44
C GLY J 232 -24.91 22.60 39.11
N ASN J 233 -23.70 22.09 38.88
CA ASN J 233 -23.41 21.32 37.65
C ASN J 233 -24.44 20.19 37.49
N THR J 234 -24.80 19.57 38.63
CA THR J 234 -25.67 18.41 38.62
C THR J 234 -27.12 18.81 38.25
N LEU J 235 -27.61 19.89 38.86
CA LEU J 235 -28.86 20.53 38.43
C LEU J 235 -29.06 20.69 36.92
N SER J 236 -28.20 21.47 36.26
CA SER J 236 -28.30 21.67 34.80
C SER J 236 -28.10 20.37 33.95
N GLY J 237 -27.18 19.49 34.36
CA GLY J 237 -26.95 18.21 33.65
C GLY J 237 -28.18 17.32 33.69
N VAL J 238 -28.72 17.13 34.91
CA VAL J 238 -29.85 16.28 35.13
C VAL J 238 -31.14 16.89 34.58
N VAL J 239 -31.40 18.15 34.90
CA VAL J 239 -32.71 18.74 34.68
C VAL J 239 -32.82 19.52 33.37
N PHE J 240 -31.94 20.51 33.17
CA PHE J 240 -32.01 21.37 31.95
C PHE J 240 -31.75 20.53 30.71
N MET J 241 -30.79 19.64 30.76
CA MET J 241 -30.44 18.84 29.59
C MET J 241 -31.09 17.45 29.61
N GLY J 242 -30.83 16.66 30.64
CA GLY J 242 -31.45 15.33 30.71
C GLY J 242 -32.97 15.35 30.68
N LEU J 243 -33.57 15.98 31.68
CA LEU J 243 -35.02 15.93 31.73
C LEU J 243 -35.59 16.86 30.68
N GLY J 244 -34.91 17.97 30.41
CA GLY J 244 -35.38 18.92 29.41
C GLY J 244 -35.58 18.26 28.05
N TYR J 245 -34.54 17.61 27.54
CA TYR J 245 -34.68 16.96 26.23
C TYR J 245 -35.55 15.72 26.24
N TRP J 246 -35.56 14.99 27.38
CA TRP J 246 -36.52 13.88 27.52
C TRP J 246 -37.93 14.35 27.29
N TYR J 247 -38.35 15.44 27.91
CA TYR J 247 -39.77 15.93 27.77
C TYR J 247 -40.04 16.80 26.54
N ALA J 248 -39.01 17.05 25.74
CA ALA J 248 -39.11 17.74 24.46
C ALA J 248 -39.36 16.79 23.28
N THR J 249 -39.18 15.49 23.45
CA THR J 249 -39.49 14.56 22.35
C THR J 249 -40.97 14.16 22.43
N PRO J 250 -41.67 14.02 21.27
CA PRO J 250 -43.13 13.75 21.32
C PRO J 250 -43.55 12.34 21.72
C1 BOG K . -46.89 54.59 15.56
O1 BOG K . -45.99 55.73 15.56
C2 BOG K . -47.62 54.55 16.91
O2 BOG K . -46.66 54.52 17.97
C3 BOG K . -48.56 53.33 16.89
O3 BOG K . -49.00 52.90 18.21
C4 BOG K . -49.70 53.68 15.89
O4 BOG K . -50.79 52.74 15.93
C5 BOG K . -49.09 53.84 14.46
O5 BOG K . -47.84 54.59 14.44
C6 BOG K . -50.06 54.40 13.39
O6 BOG K . -50.89 55.52 13.78
C1' BOG K . -44.70 55.54 14.93
C2' BOG K . -44.61 55.84 13.41
C3' BOG K . -45.30 54.79 12.54
C4' BOG K . -44.68 53.37 12.55
C5' BOG K . -44.10 53.01 11.17
C6' BOG K . -43.10 51.86 11.25
C7' BOG K . -42.85 51.18 9.90
C8' BOG K . -44.10 50.50 9.37
C1 BOG L . -7.14 49.35 17.18
O1 BOG L . -7.21 48.07 16.45
C2 BOG L . -8.26 50.40 16.87
O2 BOG L . -8.27 50.81 15.46
C3 BOG L . -8.05 51.71 17.68
O3 BOG L . -9.18 52.60 17.55
C4 BOG L . -7.49 51.48 19.12
O4 BOG L . -7.11 52.74 19.67
C5 BOG L . -6.25 50.55 19.02
O5 BOG L . -6.69 49.24 18.57
C6 BOG L . -5.15 50.57 20.14
O6 BOG L . -5.53 50.19 21.49
C1' BOG L . -7.69 46.84 16.97
C2' BOG L . -8.09 46.01 15.74
C3' BOG L . -7.61 44.58 15.78
C4' BOG L . -7.66 43.89 14.40
C5' BOG L . -7.88 42.35 14.42
C6' BOG L . -8.30 41.77 13.02
C7' BOG L . -7.97 40.32 12.63
C8' BOG L . -8.94 39.71 11.63
#